data_5FK8
#
_entry.id   5FK8
#
_cell.length_a   74.568
_cell.length_b   205.069
_cell.length_c   146.588
_cell.angle_alpha   90.00
_cell.angle_beta   90.00
_cell.angle_gamma   90.00
#
_symmetry.space_group_name_H-M   'P 21 21 2'
#
loop_
_entity.id
_entity.type
_entity.pdbx_description
1 polymer BETA-FRUCTOFURANOSIDASE
2 branched beta-D-fructofuranose-(2-6)-alpha-D-glucopyranose-(1-4)-alpha-D-glucopyranose
3 branched alpha-D-mannopyranose-(1-2)-alpha-D-mannopyranose-(1-3)-[alpha-D-mannopyranose-(1-3)-alpha-D-mannopyranose-(1-6)]beta-D-mannopyranose-(1-4)-2-acetamido-2-deoxy-beta-D-glucopyranose-(1-4)-2-acetamido-2-deoxy-beta-D-glucopyranose
4 branched alpha-D-mannopyranose-(1-2)-alpha-D-mannopyranose-(1-2)-alpha-D-mannopyranose-(1-3)-[alpha-D-mannopyranose-(1-2)-alpha-D-mannopyranose-(1-6)-[alpha-D-mannopyranose-(1-3)]alpha-D-mannopyranose-(1-6)]beta-D-mannopyranose-(1-4)-2-acetamido-2-deoxy-beta-D-glucopyranose-(1-4)-2-acetamido-2-deoxy-beta-D-glucopyranose
5 branched 2-acetamido-2-deoxy-beta-D-glucopyranose-(1-4)-2-acetamido-2-deoxy-beta-D-glucopyranose
6 branched alpha-D-mannopyranose-(1-3)-alpha-D-mannopyranose-(1-6)-[alpha-D-mannopyranose-(1-3)]beta-D-mannopyranose-(1-4)-2-acetamido-2-deoxy-beta-D-glucopyranose-(1-4)-2-acetamido-2-deoxy-beta-D-glucopyranose
7 non-polymer 2-acetamido-2-deoxy-beta-D-glucopyranose
8 water water
#
_entity_poly.entity_id   1
_entity_poly.type   'polypeptide(L)'
_entity_poly.pdbx_seq_one_letter_code
;APLLKTLPFLAAAYAAELDLPNFSALNRRQDNSTSSSAGCSLDQTVAPGNLTLCGNATLFTTFRPKARFIAPEGWMNAPM
GLYQRADGSIHAGYQSHPKHIQWGNISQGAAYSSDFTSWTDFNGSEGYKTIWPSQIYDIRGVFDGSIIKEGIDGYPTILY
TSTSFGPLGATLNEAEGTETQSLAYTTDDGASWIKLGYGAGQNPVIYEWPETNLTGFRDPYVFQSPRLEALLANTTSITN
ATGDHFATISGGVHGDGARLFLYRQHTTGEFIKWTYLGPLVTTGYKESYGEWSGNYGINFETAGVTRLNPAGAAWDNGSD
TTAVDFVTFGTEQGRADHQNHWPLWAAVDYEVRDNGSIEAVIAYSGVQDWGRSYAYASFPVEGYRQVSVGWIYEDDDNVI
LAKQFGYQGAFTLFRDLFVKVVENVSPSTPGLFEQASWSTKNSTDGMSVTVTTLGQRVVPETLAAYKGNSTVSTLAPVML
NESAAAYTPFSSQPTDRFYALTGSFEFGLNTTAKAGFRVLASEEEYTDIWFDPASENLTVVRTASSLIKSFGNDTELAKV
KLYEIVGAESKTLNLTVFVDGSVIEIYANDEVALSTRAYPWLANSTGAGLLADGTTAGDVVGVSGLELWDGLVDAWPARP
ANTSQGLVWDGPTAAMYGLFAGY
;
_entity_poly.pdbx_strand_id   A,B
#
loop_
_chem_comp.id
_chem_comp.type
_chem_comp.name
_chem_comp.formula
BMA D-saccharide, beta linking beta-D-mannopyranose 'C6 H12 O6'
FRU D-saccharide, beta linking beta-D-fructofuranose 'C6 H12 O6'
GLC D-saccharide, alpha linking alpha-D-glucopyranose 'C6 H12 O6'
MAN D-saccharide, alpha linking alpha-D-mannopyranose 'C6 H12 O6'
NAG D-saccharide, beta linking 2-acetamido-2-deoxy-beta-D-glucopyranose 'C8 H15 N O6'
#
# COMPACT_ATOMS: atom_id res chain seq x y z
N CYS A 40 7.62 41.95 -4.21
CA CYS A 40 7.57 40.57 -4.78
C CYS A 40 6.20 40.26 -5.40
N SER A 41 6.17 40.16 -6.71
CA SER A 41 4.99 39.69 -7.42
C SER A 41 5.16 38.22 -7.76
N LEU A 42 4.08 37.46 -7.63
CA LEU A 42 4.03 36.05 -8.01
C LEU A 42 3.17 35.86 -9.26
N ASP A 43 3.12 36.87 -10.11
CA ASP A 43 2.32 36.83 -11.32
C ASP A 43 3.12 36.06 -12.36
N GLN A 44 2.70 34.84 -12.65
CA GLN A 44 3.37 33.99 -13.64
C GLN A 44 2.83 34.17 -15.07
N THR A 45 2.02 35.21 -15.29
CA THR A 45 1.58 35.58 -16.65
C THR A 45 2.45 36.68 -17.24
N VAL A 46 3.38 37.23 -16.45
CA VAL A 46 4.32 38.24 -16.91
C VAL A 46 5.73 37.83 -16.52
N ALA A 47 6.72 38.57 -17.03
CA ALA A 47 8.12 38.27 -16.78
C ALA A 47 8.38 38.28 -15.28
N PRO A 48 9.35 37.47 -14.81
CA PRO A 48 9.65 37.46 -13.38
C PRO A 48 10.31 38.76 -12.95
N GLY A 49 9.94 39.26 -11.79
CA GLY A 49 10.62 40.40 -11.22
C GLY A 49 11.92 40.00 -10.56
N ASN A 50 12.29 40.77 -9.55
CA ASN A 50 13.41 40.44 -8.70
C ASN A 50 12.86 39.50 -7.61
N LEU A 51 13.02 38.20 -7.84
CA LEU A 51 12.47 37.21 -6.91
C LEU A 51 13.26 37.11 -5.59
N THR A 52 14.46 37.66 -5.53
CA THR A 52 15.22 37.73 -4.28
C THR A 52 14.57 38.62 -3.22
N LEU A 53 13.65 39.49 -3.64
CA LEU A 53 12.85 40.30 -2.70
C LEU A 53 11.70 39.53 -2.05
N CYS A 54 11.37 38.35 -2.58
CA CYS A 54 10.29 37.55 -2.05
C CYS A 54 10.66 36.96 -0.69
N GLY A 55 9.64 36.76 0.14
CA GLY A 55 9.82 36.25 1.49
C GLY A 55 10.16 34.75 1.50
N ASN A 56 10.43 34.25 2.70
CA ASN A 56 10.77 32.84 2.88
C ASN A 56 9.62 31.96 2.47
N ALA A 57 9.89 30.93 1.67
CA ALA A 57 8.88 29.94 1.26
C ALA A 57 7.71 30.50 0.43
N THR A 58 7.86 31.71 -0.13
CA THR A 58 6.84 32.29 -1.01
C THR A 58 6.81 31.59 -2.35
N LEU A 59 7.92 30.96 -2.76
CA LEU A 59 7.95 30.13 -3.95
C LEU A 59 7.89 28.63 -3.63
N PHE A 60 7.25 28.26 -2.53
CA PHE A 60 7.24 26.86 -2.07
C PHE A 60 6.64 25.90 -3.10
N THR A 61 5.46 26.22 -3.61
CA THR A 61 4.77 25.35 -4.56
C THR A 61 5.14 25.57 -6.04
N THR A 62 5.85 26.65 -6.35
CA THR A 62 6.04 27.09 -7.74
C THR A 62 6.74 26.07 -8.63
N PHE A 63 7.83 25.50 -8.12
CA PHE A 63 8.65 24.55 -8.86
C PHE A 63 8.71 23.15 -8.21
N ARG A 64 7.82 22.88 -7.27
CA ARG A 64 8.00 21.75 -6.33
C ARG A 64 7.50 20.43 -6.92
N PRO A 65 8.34 19.38 -6.89
CA PRO A 65 7.82 18.07 -7.32
C PRO A 65 6.64 17.61 -6.45
N LYS A 66 5.69 16.93 -7.07
CA LYS A 66 4.51 16.37 -6.40
C LYS A 66 4.41 14.84 -6.45
N ALA A 67 5.14 14.20 -7.34
CA ALA A 67 4.97 12.78 -7.65
C ALA A 67 6.12 11.86 -7.20
N ARG A 68 6.97 12.37 -6.32
CA ARG A 68 8.18 11.65 -5.89
C ARG A 68 8.46 11.89 -4.42
N PHE A 69 9.45 11.14 -3.93
CA PHE A 69 9.88 11.29 -2.56
C PHE A 69 10.60 12.63 -2.38
N ILE A 70 10.15 13.39 -1.40
CA ILE A 70 10.77 14.67 -1.02
C ILE A 70 10.42 14.94 0.44
N ALA A 71 11.30 15.62 1.16
CA ALA A 71 11.05 16.00 2.54
C ALA A 71 9.86 16.95 2.62
N PRO A 72 9.20 17.03 3.78
CA PRO A 72 8.11 18.03 3.91
C PRO A 72 8.55 19.48 3.67
N GLU A 73 9.77 19.81 4.07
CA GLU A 73 10.32 21.15 3.89
C GLU A 73 11.80 21.11 4.18
N GLY A 74 12.48 22.21 3.88
CA GLY A 74 13.87 22.37 4.24
C GLY A 74 14.85 21.58 3.40
N TRP A 75 16.03 21.39 3.96
CA TRP A 75 17.13 20.74 3.28
C TRP A 75 17.06 19.23 3.36
N MET A 76 17.28 18.56 2.23
CA MET A 76 17.56 17.13 2.23
C MET A 76 18.73 16.82 1.29
N ASN A 77 19.44 15.74 1.60
CA ASN A 77 20.35 15.15 0.64
C ASN A 77 20.23 13.61 0.58
N ALA A 78 21.29 12.86 0.85
CA ALA A 78 21.37 11.43 0.54
C ALA A 78 20.25 10.59 1.15
N PRO A 79 19.71 9.64 0.36
CA PRO A 79 18.93 8.56 0.95
C PRO A 79 19.76 7.77 1.94
N MET A 80 19.09 7.22 2.95
CA MET A 80 19.77 6.41 3.97
C MET A 80 18.78 5.47 4.62
N GLY A 81 19.31 4.50 5.35
CA GLY A 81 18.50 3.59 6.17
C GLY A 81 17.38 2.88 5.43
N LEU A 82 17.60 2.54 4.17
CA LEU A 82 16.59 1.95 3.32
C LEU A 82 16.41 0.46 3.67
N TYR A 83 15.18 0.05 3.92
CA TYR A 83 14.90 -1.38 4.07
C TYR A 83 13.44 -1.69 3.89
N GLN A 84 13.18 -2.93 3.47
CA GLN A 84 11.83 -3.44 3.41
C GLN A 84 11.47 -4.00 4.78
N ARG A 85 10.43 -3.45 5.39
CA ARG A 85 10.00 -3.83 6.72
C ARG A 85 9.29 -5.18 6.69
N ALA A 86 9.09 -5.76 7.86
CA ALA A 86 8.44 -7.08 8.00
C ALA A 86 7.06 -7.15 7.34
N ASP A 87 6.32 -6.03 7.32
CA ASP A 87 4.99 -5.99 6.68
C ASP A 87 5.03 -5.81 5.18
N GLY A 88 6.23 -5.79 4.58
CA GLY A 88 6.40 -5.60 3.16
C GLY A 88 6.54 -4.14 2.71
N SER A 89 6.25 -3.20 3.60
CA SER A 89 6.37 -1.77 3.25
C SER A 89 7.84 -1.35 3.18
N ILE A 90 8.07 -0.22 2.55
CA ILE A 90 9.42 0.30 2.37
C ILE A 90 9.65 1.45 3.35
N HIS A 91 10.73 1.36 4.12
CA HIS A 91 11.20 2.44 4.97
C HIS A 91 12.31 3.16 4.25
N ALA A 92 12.15 4.48 4.07
CA ALA A 92 13.16 5.30 3.45
C ALA A 92 13.55 6.41 4.42
N GLY A 93 14.84 6.48 4.71
CA GLY A 93 15.42 7.58 5.43
C GLY A 93 16.11 8.56 4.47
N TYR A 94 16.42 9.74 4.99
CA TYR A 94 17.20 10.72 4.24
C TYR A 94 17.89 11.71 5.14
N GLN A 95 19.05 12.17 4.68
CA GLN A 95 19.80 13.23 5.33
C GLN A 95 18.90 14.48 5.30
N SER A 96 18.67 15.09 6.46
CA SER A 96 17.64 16.10 6.64
C SER A 96 18.10 17.22 7.57
N HIS A 97 17.82 18.46 7.17
CA HIS A 97 17.97 19.65 8.02
C HIS A 97 16.70 20.52 7.92
N PRO A 98 15.69 20.20 8.74
CA PRO A 98 14.43 20.94 8.70
C PRO A 98 14.60 22.44 9.01
N LYS A 99 13.76 23.26 8.39
CA LYS A 99 13.68 24.71 8.65
C LYS A 99 14.96 25.46 8.30
N HIS A 100 15.78 24.85 7.44
CA HIS A 100 17.01 25.44 6.91
C HIS A 100 17.05 25.09 5.42
N ILE A 101 17.82 25.83 4.63
CA ILE A 101 18.00 25.53 3.21
C ILE A 101 19.46 25.24 2.82
N GLN A 102 20.32 25.11 3.83
CA GLN A 102 21.64 24.54 3.67
C GLN A 102 21.82 23.40 4.68
N TRP A 103 22.79 22.55 4.38
CA TRP A 103 23.13 21.39 5.21
C TRP A 103 23.55 21.78 6.63
N GLY A 104 23.22 20.92 7.59
CA GLY A 104 23.68 21.11 8.97
C GLY A 104 22.89 20.23 9.92
N ASN A 105 23.40 20.09 11.14
CA ASN A 105 22.82 19.22 12.16
C ASN A 105 22.22 17.97 11.56
N ILE A 106 22.97 17.31 10.70
CA ILE A 106 22.32 16.43 9.74
C ILE A 106 21.75 15.21 10.47
N SER A 107 20.52 14.89 10.10
CA SER A 107 19.68 13.94 10.82
C SER A 107 19.03 13.00 9.81
N GLN A 108 18.46 11.91 10.30
CA GLN A 108 17.60 11.05 9.47
C GLN A 108 16.15 11.50 9.56
N GLY A 109 15.62 12.02 8.46
CA GLY A 109 14.18 12.14 8.24
C GLY A 109 13.72 10.81 7.68
N ALA A 110 12.45 10.46 7.88
CA ALA A 110 11.96 9.18 7.42
C ALA A 110 10.50 9.15 7.03
N ALA A 111 10.17 8.19 6.17
CA ALA A 111 8.81 7.95 5.73
C ALA A 111 8.67 6.50 5.26
N TYR A 112 7.43 6.08 5.01
CA TYR A 112 7.19 4.72 4.53
C TYR A 112 6.13 4.65 3.44
N SER A 113 6.16 3.56 2.67
CA SER A 113 5.28 3.34 1.52
C SER A 113 5.07 1.86 1.29
N SER A 114 3.88 1.49 0.85
CA SER A 114 3.62 0.10 0.46
C SER A 114 3.97 -0.17 -1.02
N ASP A 115 4.26 0.87 -1.81
CA ASP A 115 4.43 0.70 -3.27
C ASP A 115 5.51 1.58 -3.92
N PHE A 116 6.45 2.08 -3.11
CA PHE A 116 7.50 3.04 -3.54
C PHE A 116 6.99 4.41 -3.98
N THR A 117 5.68 4.62 -4.00
CA THR A 117 5.09 5.68 -4.80
C THR A 117 4.27 6.66 -3.98
N SER A 118 3.36 6.13 -3.15
CA SER A 118 2.58 6.93 -2.22
C SER A 118 3.16 6.77 -0.82
N TRP A 119 3.52 7.88 -0.19
CA TRP A 119 4.30 7.88 1.05
C TRP A 119 3.55 8.52 2.21
N THR A 120 3.97 8.15 3.42
CA THR A 120 3.49 8.75 4.66
C THR A 120 4.67 9.07 5.56
N ASP A 121 4.70 10.30 6.08
CA ASP A 121 5.77 10.73 6.99
C ASP A 121 5.62 10.06 8.35
N PHE A 122 6.73 9.71 8.98
CA PHE A 122 6.70 9.45 10.42
C PHE A 122 6.46 10.77 11.13
N ASN A 123 5.82 10.69 12.30
CA ASN A 123 5.58 11.86 13.16
C ASN A 123 5.80 11.44 14.60
N GLY A 124 6.86 11.97 15.21
CA GLY A 124 7.22 11.67 16.59
C GLY A 124 7.57 12.96 17.30
N SER A 125 8.34 12.84 18.38
CA SER A 125 8.70 13.99 19.19
C SER A 125 9.55 15.01 18.43
N GLU A 126 10.31 14.55 17.43
CA GLU A 126 11.10 15.45 16.58
C GLU A 126 10.52 15.55 15.17
N GLY A 127 9.20 15.57 15.07
CA GLY A 127 8.53 15.71 13.78
C GLY A 127 8.75 14.50 12.90
N TYR A 128 9.31 14.73 11.72
CA TYR A 128 9.60 13.64 10.78
C TYR A 128 11.03 13.10 10.91
N LYS A 129 11.82 13.64 11.83
CA LYS A 129 13.13 13.07 12.16
C LYS A 129 12.96 11.83 13.03
N THR A 130 13.85 10.87 12.84
CA THR A 130 13.92 9.69 13.71
C THR A 130 15.32 9.40 14.29
N ILE A 131 16.37 9.99 13.74
CA ILE A 131 17.69 9.96 14.36
C ILE A 131 18.31 11.34 14.19
N TRP A 132 18.96 11.85 15.24
CA TRP A 132 19.54 13.18 15.23
C TRP A 132 20.79 13.21 16.07
N PRO A 133 21.68 14.19 15.82
CA PRO A 133 22.86 14.37 16.68
C PRO A 133 22.48 14.52 18.14
N SER A 134 23.08 13.71 19.01
CA SER A 134 22.75 13.73 20.43
C SER A 134 23.86 13.31 21.41
N GLN A 135 25.00 12.86 20.91
CA GLN A 135 26.08 12.32 21.72
C GLN A 135 27.38 12.92 21.22
N ILE A 136 28.41 12.95 22.06
CA ILE A 136 29.71 13.48 21.63
C ILE A 136 30.20 12.86 20.32
N TYR A 137 29.91 11.57 20.13
CA TYR A 137 30.40 10.83 18.96
C TYR A 137 29.64 11.13 17.66
N ASP A 138 28.40 11.63 17.75
CA ASP A 138 27.64 12.00 16.55
C ASP A 138 27.07 13.43 16.53
N ILE A 139 27.54 14.29 17.44
CA ILE A 139 26.95 15.63 17.61
C ILE A 139 27.13 16.52 16.37
N ARG A 140 28.13 16.23 15.54
CA ARG A 140 28.41 17.03 14.35
C ARG A 140 27.58 16.60 13.15
N GLY A 141 26.86 15.48 13.26
CA GLY A 141 26.00 15.00 12.19
C GLY A 141 25.83 13.47 12.25
N VAL A 142 24.59 13.05 12.04
CA VAL A 142 24.24 11.66 11.79
C VAL A 142 24.28 11.50 10.28
N PHE A 143 25.41 11.01 9.78
CA PHE A 143 25.66 10.86 8.34
C PHE A 143 24.97 9.57 7.84
N ASP A 144 25.24 9.20 6.59
CA ASP A 144 24.62 8.05 5.92
C ASP A 144 24.86 6.76 6.72
N GLY A 145 23.91 5.85 6.60
CA GLY A 145 23.99 4.52 7.20
C GLY A 145 23.05 3.56 6.52
N SER A 146 23.17 2.28 6.84
CA SER A 146 22.42 1.22 6.19
C SER A 146 21.97 0.20 7.24
N ILE A 147 21.10 -0.71 6.82
CA ILE A 147 20.29 -1.51 7.74
C ILE A 147 20.75 -2.96 7.79
N ILE A 148 20.96 -3.43 9.02
CA ILE A 148 21.03 -4.84 9.34
C ILE A 148 19.61 -5.27 9.74
N LYS A 149 18.95 -6.05 8.89
CA LYS A 149 17.53 -6.34 9.11
C LYS A 149 17.29 -7.15 10.38
N GLU A 150 18.17 -8.11 10.66
CA GLU A 150 18.10 -8.88 11.92
C GLU A 150 19.31 -8.59 12.77
N GLY A 151 19.22 -7.50 13.54
CA GLY A 151 20.35 -6.95 14.26
C GLY A 151 20.23 -7.13 15.76
N ILE A 152 20.48 -6.05 16.50
CA ILE A 152 20.52 -6.09 17.97
C ILE A 152 19.18 -6.62 18.50
N ASP A 153 19.25 -7.68 19.31
CA ASP A 153 18.05 -8.34 19.86
C ASP A 153 17.01 -8.75 18.81
N GLY A 154 17.48 -9.04 17.60
CA GLY A 154 16.62 -9.38 16.48
C GLY A 154 15.93 -8.21 15.76
N TYR A 155 16.21 -6.97 16.16
CA TYR A 155 15.53 -5.80 15.60
C TYR A 155 16.30 -5.21 14.42
N PRO A 156 15.59 -4.53 13.52
CA PRO A 156 16.31 -3.79 12.48
C PRO A 156 17.26 -2.79 13.13
N THR A 157 18.47 -2.74 12.61
CA THR A 157 19.57 -2.03 13.22
C THR A 157 20.27 -1.25 12.11
N ILE A 158 20.57 0.02 12.40
CA ILE A 158 21.29 0.86 11.46
C ILE A 158 22.75 0.99 11.92
N LEU A 159 23.68 0.83 10.97
CA LEU A 159 25.07 1.16 11.15
C LEU A 159 25.27 2.45 10.37
N TYR A 160 25.65 3.53 11.05
CA TYR A 160 25.76 4.87 10.44
C TYR A 160 27.04 5.57 10.81
N THR A 161 27.41 6.54 10.00
CA THR A 161 28.57 7.34 10.32
C THR A 161 28.20 8.41 11.35
N SER A 162 28.78 8.29 12.53
CA SER A 162 28.66 9.24 13.60
C SER A 162 29.83 10.20 13.52
N THR A 163 29.55 11.50 13.39
CA THR A 163 30.61 12.49 13.25
C THR A 163 30.73 13.38 14.48
N SER A 164 31.97 13.74 14.80
CA SER A 164 32.28 14.68 15.87
C SER A 164 33.10 15.84 15.30
N PHE A 165 33.80 16.56 16.16
N PHE A 165 33.80 16.58 16.17
CA PHE A 165 34.47 17.79 15.77
CA PHE A 165 34.49 17.81 15.75
C PHE A 165 35.74 17.54 14.95
C PHE A 165 35.73 17.55 14.93
N GLY A 166 36.18 18.58 14.24
CA GLY A 166 37.46 18.60 13.54
C GLY A 166 37.24 18.81 12.07
N PRO A 167 38.32 19.15 11.32
CA PRO A 167 38.22 19.20 9.86
C PRO A 167 37.66 17.88 9.29
N LEU A 168 36.68 17.98 8.41
CA LEU A 168 36.03 16.82 7.84
C LEU A 168 35.85 17.04 6.34
N GLY A 169 36.66 16.36 5.55
CA GLY A 169 36.56 16.49 4.09
C GLY A 169 37.78 15.94 3.39
N ALA A 170 37.56 15.52 2.15
CA ALA A 170 38.59 14.92 1.32
C ALA A 170 39.74 15.86 0.97
N THR A 171 39.48 17.17 0.94
CA THR A 171 40.52 18.17 0.68
C THR A 171 41.07 18.84 1.96
N LEU A 172 40.64 18.38 3.14
CA LEU A 172 41.08 18.92 4.41
C LEU A 172 41.97 17.91 5.11
N ASN A 173 42.54 18.32 6.24
CA ASN A 173 43.39 17.44 7.04
C ASN A 173 42.58 16.79 8.17
N GLU A 174 41.75 15.81 7.79
CA GLU A 174 40.91 15.11 8.76
C GLU A 174 41.75 14.20 9.62
N ALA A 175 41.33 14.05 10.87
CA ALA A 175 41.97 13.18 11.83
C ALA A 175 41.03 12.08 12.25
N GLU A 176 41.62 11.00 12.73
CA GLU A 176 40.91 9.85 13.26
C GLU A 176 39.99 10.30 14.41
N GLY A 177 38.79 9.72 14.46
CA GLY A 177 37.78 10.06 15.47
C GLY A 177 36.69 10.98 14.96
N THR A 178 37.01 11.87 14.03
CA THR A 178 36.03 12.80 13.49
C THR A 178 34.88 12.06 12.81
N GLU A 179 35.20 10.99 12.07
CA GLU A 179 34.21 10.09 11.52
C GLU A 179 34.36 8.71 12.12
N THR A 180 33.33 8.24 12.81
CA THR A 180 33.29 6.88 13.34
C THR A 180 32.00 6.22 12.88
N GLN A 181 31.81 4.95 13.22
CA GLN A 181 30.60 4.23 12.82
C GLN A 181 29.92 3.66 14.05
N SER A 182 28.60 3.87 14.14
CA SER A 182 27.82 3.58 15.32
C SER A 182 26.55 2.85 14.97
N LEU A 183 25.99 2.18 15.98
CA LEU A 183 24.76 1.40 15.85
C LEU A 183 23.58 2.00 16.60
N ALA A 184 22.41 1.84 16.01
CA ALA A 184 21.14 2.07 16.68
C ALA A 184 20.15 1.05 16.18
N TYR A 185 19.13 0.73 16.98
CA TYR A 185 18.11 -0.23 16.60
C TYR A 185 16.72 0.29 16.88
N THR A 186 15.73 -0.25 16.17
CA THR A 186 14.34 0.17 16.32
C THR A 186 13.46 -0.97 16.80
N THR A 187 12.67 -0.70 17.83
CA THR A 187 11.67 -1.64 18.33
C THR A 187 10.25 -1.32 17.84
N ASP A 188 10.11 -0.28 17.02
CA ASP A 188 8.81 0.15 16.54
C ASP A 188 8.81 0.41 15.02
N ASP A 189 9.54 -0.41 14.29
CA ASP A 189 9.55 -0.40 12.83
C ASP A 189 9.93 0.96 12.22
N GLY A 190 10.88 1.65 12.86
CA GLY A 190 11.42 2.89 12.34
C GLY A 190 10.78 4.17 12.85
N ALA A 191 9.79 4.07 13.73
CA ALA A 191 9.25 5.30 14.36
C ALA A 191 10.29 5.95 15.27
N SER A 192 11.16 5.15 15.90
CA SER A 192 12.25 5.66 16.71
C SER A 192 13.42 4.69 16.69
N TRP A 193 14.59 5.19 17.07
CA TRP A 193 15.81 4.38 17.14
C TRP A 193 16.48 4.63 18.48
N ILE A 194 17.03 3.55 19.05
CA ILE A 194 17.77 3.59 20.28
C ILE A 194 19.24 3.31 19.96
N LYS A 195 20.10 4.26 20.29
CA LYS A 195 21.53 4.11 20.06
C LYS A 195 22.10 3.25 21.17
N LEU A 196 23.11 2.45 20.86
CA LEU A 196 23.91 1.83 21.92
C LEU A 196 24.57 2.94 22.74
N GLY A 197 24.94 2.62 23.97
CA GLY A 197 25.63 3.59 24.83
C GLY A 197 26.98 4.01 24.28
N TYR A 198 27.46 5.17 24.72
CA TYR A 198 28.81 5.60 24.39
C TYR A 198 29.79 4.87 25.30
N GLY A 199 30.81 4.25 24.71
CA GLY A 199 31.95 3.78 25.52
C GLY A 199 32.62 2.54 24.98
N ALA A 200 33.54 2.02 25.79
CA ALA A 200 34.32 0.83 25.43
C ALA A 200 33.41 -0.36 25.24
N GLY A 201 33.54 -1.02 24.10
CA GLY A 201 32.68 -2.18 23.78
C GLY A 201 31.27 -1.81 23.35
N GLN A 202 31.01 -0.52 23.14
CA GLN A 202 29.68 -0.03 22.72
C GLN A 202 29.93 0.98 21.58
N ASN A 203 29.12 2.04 21.47
CA ASN A 203 29.34 3.05 20.42
C ASN A 203 30.53 3.98 20.68
N PRO A 204 31.21 4.42 19.63
CA PRO A 204 31.08 3.91 18.27
C PRO A 204 31.76 2.53 18.16
N VAL A 205 31.25 1.70 17.26
CA VAL A 205 31.76 0.34 17.09
C VAL A 205 32.94 0.22 16.13
N ILE A 206 33.08 1.15 15.18
CA ILE A 206 34.25 1.21 14.31
C ILE A 206 34.80 2.63 14.38
N TYR A 207 36.06 2.76 14.78
CA TYR A 207 36.68 4.06 15.00
C TYR A 207 38.13 4.15 14.55
N GLU A 208 38.86 3.04 14.53
CA GLU A 208 40.24 3.05 14.03
C GLU A 208 40.27 3.13 12.52
N TRP A 209 41.06 4.05 12.01
CA TRP A 209 41.34 4.12 10.59
C TRP A 209 42.11 2.89 10.14
N PRO A 210 41.63 2.19 9.09
CA PRO A 210 42.33 0.99 8.61
C PRO A 210 43.65 1.28 7.89
N GLU A 211 43.82 2.49 7.37
CA GLU A 211 45.06 2.91 6.73
C GLU A 211 45.28 4.38 7.15
N THR A 212 46.50 4.88 7.02
CA THR A 212 46.80 6.25 7.42
C THR A 212 46.35 7.26 6.36
N ASN A 213 46.24 8.53 6.77
CA ASN A 213 46.00 9.68 5.86
C ASN A 213 44.77 9.54 4.97
N LEU A 214 43.67 9.12 5.57
CA LEU A 214 42.41 8.97 4.85
C LEU A 214 41.84 10.31 4.42
N THR A 215 41.25 10.32 3.23
CA THR A 215 40.48 11.43 2.73
C THR A 215 39.06 11.40 3.28
N GLY A 216 38.60 10.24 3.72
CA GLY A 216 37.24 10.08 4.24
C GLY A 216 37.07 8.70 4.82
N PHE A 217 36.04 8.51 5.63
CA PHE A 217 35.82 7.25 6.36
C PHE A 217 34.36 7.19 6.79
N ARG A 218 33.48 6.90 5.83
CA ARG A 218 32.05 7.03 6.07
C ARG A 218 31.17 6.18 5.17
N ASP A 219 29.88 6.22 5.47
CA ASP A 219 28.81 5.66 4.65
C ASP A 219 28.86 4.13 4.66
N PRO A 220 28.75 3.53 5.86
CA PRO A 220 28.86 2.07 5.96
C PRO A 220 27.70 1.39 5.26
N TYR A 221 28.02 0.45 4.38
CA TYR A 221 27.04 -0.30 3.63
C TYR A 221 27.10 -1.75 4.08
N VAL A 222 26.08 -2.17 4.83
CA VAL A 222 26.03 -3.52 5.38
C VAL A 222 25.24 -4.42 4.44
N PHE A 223 25.76 -5.63 4.20
CA PHE A 223 25.12 -6.56 3.26
C PHE A 223 25.52 -8.00 3.57
N GLN A 224 24.62 -8.91 3.25
CA GLN A 224 24.93 -10.34 3.28
C GLN A 224 25.41 -10.74 1.89
N SER A 225 26.26 -11.76 1.83
CA SER A 225 26.85 -12.19 0.56
C SER A 225 27.33 -13.63 0.61
N PRO A 226 26.46 -14.58 0.19
CA PRO A 226 26.88 -15.98 -0.02
C PRO A 226 28.11 -16.08 -0.93
N ARG A 227 28.18 -15.21 -1.94
CA ARG A 227 29.35 -15.08 -2.81
C ARG A 227 30.65 -14.81 -2.05
N LEU A 228 30.68 -13.74 -1.25
CA LEU A 228 31.89 -13.42 -0.49
C LEU A 228 32.19 -14.46 0.60
N GLU A 229 31.15 -15.00 1.24
CA GLU A 229 31.34 -16.07 2.24
C GLU A 229 32.04 -17.30 1.63
N ALA A 230 31.58 -17.72 0.45
CA ALA A 230 32.18 -18.86 -0.27
C ALA A 230 33.64 -18.58 -0.62
N LEU A 231 33.92 -17.38 -1.12
CA LEU A 231 35.29 -17.00 -1.46
C LEU A 231 36.25 -16.94 -0.28
N LEU A 232 35.75 -16.56 0.90
CA LEU A 232 36.60 -16.38 2.08
C LEU A 232 36.64 -17.60 3.00
N ALA A 233 35.81 -18.60 2.74
CA ALA A 233 35.65 -19.77 3.63
C ALA A 233 36.97 -20.50 3.92
N ASN A 234 37.84 -20.60 2.92
CA ASN A 234 39.17 -21.21 3.13
C ASN A 234 40.21 -20.37 3.88
N THR A 235 39.90 -19.10 4.16
CA THR A 235 40.82 -18.17 4.83
C THR A 235 40.37 -17.71 6.23
N THR A 236 39.27 -18.23 6.76
CA THR A 236 38.75 -17.71 8.04
C THR A 236 39.66 -17.96 9.25
N SER A 237 40.58 -18.94 9.15
CA SER A 237 41.62 -19.11 10.16
C SER A 237 42.59 -17.93 10.22
N ILE A 238 42.81 -17.26 9.09
CA ILE A 238 43.76 -16.15 9.06
C ILE A 238 43.20 -14.94 9.82
N THR A 239 41.92 -14.63 9.62
CA THR A 239 41.30 -13.42 10.18
C THR A 239 40.40 -13.67 11.39
N ASN A 240 39.91 -14.90 11.56
CA ASN A 240 38.89 -15.25 12.56
C ASN A 240 37.51 -14.62 12.36
N ALA A 241 37.28 -13.96 11.23
CA ALA A 241 36.00 -13.29 10.96
C ALA A 241 35.11 -14.27 10.20
N THR A 242 34.01 -14.68 10.82
CA THR A 242 33.13 -15.70 10.25
C THR A 242 31.67 -15.28 10.22
N GLY A 243 31.37 -14.00 10.45
CA GLY A 243 29.98 -13.54 10.45
C GLY A 243 29.33 -13.54 9.08
N ASP A 244 28.01 -13.45 9.07
CA ASP A 244 27.24 -13.46 7.82
C ASP A 244 26.93 -12.06 7.25
N HIS A 245 27.42 -11.00 7.89
CA HIS A 245 27.31 -9.64 7.35
C HIS A 245 28.66 -9.09 7.01
N PHE A 246 28.73 -8.41 5.87
CA PHE A 246 29.88 -7.61 5.49
C PHE A 246 29.52 -6.13 5.56
N ALA A 247 30.53 -5.27 5.65
CA ALA A 247 30.32 -3.83 5.57
C ALA A 247 31.44 -3.17 4.81
N THR A 248 31.10 -2.33 3.84
CA THR A 248 32.09 -1.45 3.24
C THR A 248 32.03 -0.08 3.88
N ILE A 249 33.18 0.58 3.94
CA ILE A 249 33.27 1.98 4.34
C ILE A 249 33.97 2.73 3.21
N SER A 250 33.42 3.88 2.85
CA SER A 250 33.87 4.65 1.70
C SER A 250 34.91 5.69 2.10
N GLY A 251 35.98 5.78 1.31
CA GLY A 251 36.99 6.77 1.57
C GLY A 251 38.04 6.86 0.48
N GLY A 252 39.30 6.95 0.90
CA GLY A 252 40.42 7.18 0.01
C GLY A 252 41.65 7.54 0.82
N VAL A 253 42.76 7.78 0.12
CA VAL A 253 44.04 8.13 0.76
C VAL A 253 44.58 9.38 0.10
N HIS A 254 45.02 10.34 0.92
CA HIS A 254 45.49 11.62 0.43
C HIS A 254 46.56 11.43 -0.64
N GLY A 255 46.36 12.07 -1.78
CA GLY A 255 47.28 11.99 -2.90
C GLY A 255 47.29 10.69 -3.68
N ASP A 256 46.54 9.67 -3.26
CA ASP A 256 46.66 8.35 -3.87
C ASP A 256 45.33 7.67 -4.26
N GLY A 257 44.28 8.48 -4.42
CA GLY A 257 43.01 8.00 -4.93
C GLY A 257 42.05 7.40 -3.90
N ALA A 258 40.89 7.00 -4.40
CA ALA A 258 39.79 6.50 -3.57
C ALA A 258 39.99 5.06 -3.14
N ARG A 259 39.28 4.69 -2.08
CA ARG A 259 39.30 3.36 -1.50
C ARG A 259 37.92 2.98 -0.99
N LEU A 260 37.53 1.74 -1.22
CA LEU A 260 36.39 1.14 -0.54
C LEU A 260 36.94 0.06 0.36
N PHE A 261 36.79 0.23 1.68
CA PHE A 261 37.33 -0.68 2.69
C PHE A 261 36.32 -1.75 3.05
N LEU A 262 36.74 -3.02 3.08
CA LEU A 262 35.85 -4.12 3.40
C LEU A 262 36.07 -4.62 4.82
N TYR A 263 34.98 -4.72 5.57
CA TYR A 263 34.95 -5.29 6.90
C TYR A 263 34.03 -6.49 6.87
N ARG A 264 34.27 -7.42 7.79
CA ARG A 264 33.38 -8.53 8.00
C ARG A 264 33.03 -8.61 9.46
N GLN A 265 31.74 -8.79 9.73
CA GLN A 265 31.24 -9.08 11.05
C GLN A 265 32.03 -10.25 11.63
N HIS A 266 32.59 -10.07 12.83
CA HIS A 266 33.51 -11.07 13.37
C HIS A 266 32.79 -12.38 13.70
N THR A 267 31.62 -12.28 14.32
CA THR A 267 30.84 -13.45 14.72
C THR A 267 29.36 -13.25 14.42
N THR A 268 28.74 -14.27 13.82
CA THR A 268 27.31 -14.25 13.53
C THR A 268 26.52 -13.99 14.80
N GLY A 269 25.48 -13.15 14.69
CA GLY A 269 24.64 -12.79 15.81
C GLY A 269 25.21 -11.79 16.80
N GLU A 270 26.41 -11.28 16.54
CA GLU A 270 27.06 -10.30 17.40
C GLU A 270 27.46 -9.10 16.54
N PHE A 271 27.16 -7.88 17.00
CA PHE A 271 27.22 -6.69 16.13
C PHE A 271 28.20 -5.61 16.56
N ILE A 272 28.95 -5.84 17.62
CA ILE A 272 29.93 -4.88 18.10
C ILE A 272 31.24 -5.00 17.30
N LYS A 273 31.72 -6.22 17.10
CA LYS A 273 33.05 -6.44 16.52
C LYS A 273 32.97 -6.63 15.00
N TRP A 274 33.65 -5.74 14.27
CA TRP A 274 33.77 -5.80 12.81
C TRP A 274 35.26 -5.83 12.49
N THR A 275 35.67 -6.78 11.65
CA THR A 275 37.09 -6.99 11.38
C THR A 275 37.43 -6.45 9.99
N TYR A 276 38.39 -5.52 9.94
CA TYR A 276 38.89 -5.02 8.68
C TYR A 276 39.63 -6.11 7.92
N LEU A 277 39.19 -6.39 6.71
CA LEU A 277 39.85 -7.40 5.86
C LEU A 277 40.91 -6.74 5.00
N GLY A 278 40.50 -5.73 4.25
CA GLY A 278 41.40 -5.03 3.34
C GLY A 278 40.61 -4.14 2.39
N PRO A 279 41.32 -3.39 1.52
CA PRO A 279 40.64 -2.59 0.49
C PRO A 279 39.98 -3.48 -0.56
N LEU A 280 38.72 -3.17 -0.87
CA LEU A 280 37.95 -3.91 -1.85
C LEU A 280 38.15 -3.29 -3.22
N VAL A 281 38.01 -1.96 -3.30
CA VAL A 281 38.23 -1.23 -4.52
C VAL A 281 39.32 -0.18 -4.28
N THR A 282 40.29 -0.13 -5.18
CA THR A 282 41.39 0.81 -5.13
C THR A 282 41.49 1.44 -6.51
N THR A 283 41.32 2.76 -6.58
CA THR A 283 41.46 3.49 -7.83
C THR A 283 42.49 4.58 -7.63
N GLY A 284 42.95 5.13 -8.76
CA GLY A 284 44.02 6.12 -8.76
C GLY A 284 43.50 7.53 -8.60
N TYR A 285 44.40 8.43 -8.20
CA TYR A 285 44.10 9.85 -8.04
C TYR A 285 43.60 10.47 -9.35
N LYS A 286 42.31 10.84 -9.36
CA LYS A 286 41.61 11.33 -10.55
C LYS A 286 41.76 10.44 -11.80
N GLU A 287 41.86 9.13 -11.58
CA GLU A 287 41.89 8.13 -12.65
C GLU A 287 40.54 8.10 -13.36
N SER A 288 40.56 7.99 -14.70
CA SER A 288 39.35 7.79 -15.49
C SER A 288 39.48 6.56 -16.35
N TYR A 289 38.46 5.71 -16.34
CA TYR A 289 38.38 4.57 -17.27
C TYR A 289 37.93 5.00 -18.68
N GLY A 290 37.50 6.25 -18.83
CA GLY A 290 37.27 6.84 -20.15
C GLY A 290 35.97 7.59 -20.26
N GLU A 291 35.59 7.89 -21.50
CA GLU A 291 34.45 8.75 -21.84
C GLU A 291 33.09 8.22 -21.37
N TRP A 292 32.99 6.92 -21.20
CA TRP A 292 31.74 6.28 -20.79
C TRP A 292 31.67 6.03 -19.28
N SER A 293 32.67 6.49 -18.52
CA SER A 293 32.88 6.01 -17.17
C SER A 293 33.12 7.09 -16.12
N GLY A 294 32.91 8.36 -16.45
CA GLY A 294 33.19 9.47 -15.56
C GLY A 294 34.65 9.49 -15.10
N ASN A 295 34.86 9.79 -13.83
CA ASN A 295 36.20 9.91 -13.25
C ASN A 295 36.13 9.44 -11.80
N TYR A 296 37.16 8.70 -11.38
CA TYR A 296 37.17 8.11 -10.02
C TYR A 296 37.56 9.08 -8.90
N GLY A 297 37.90 10.31 -9.25
CA GLY A 297 38.12 11.38 -8.27
C GLY A 297 39.19 11.07 -7.25
N ILE A 298 39.00 11.57 -6.04
CA ILE A 298 39.97 11.40 -4.96
C ILE A 298 39.44 10.65 -3.73
N ASN A 299 38.14 10.39 -3.69
CA ASN A 299 37.48 9.88 -2.50
C ASN A 299 36.13 9.32 -2.91
N PHE A 300 35.77 8.16 -2.35
CA PHE A 300 34.45 7.57 -2.58
C PHE A 300 33.46 7.99 -1.50
N GLU A 301 32.20 8.09 -1.87
CA GLU A 301 31.10 8.31 -0.94
C GLU A 301 29.95 7.38 -1.31
N THR A 302 29.16 7.04 -0.30
CA THR A 302 27.93 6.25 -0.42
C THR A 302 28.08 5.00 -1.29
N ALA A 303 29.20 4.29 -1.17
CA ALA A 303 29.41 3.10 -1.99
C ALA A 303 28.61 1.91 -1.47
N GLY A 304 28.16 1.07 -2.39
CA GLY A 304 27.48 -0.17 -2.07
C GLY A 304 27.98 -1.32 -2.93
N VAL A 305 27.63 -2.52 -2.53
CA VAL A 305 28.03 -3.77 -3.18
C VAL A 305 26.77 -4.60 -3.39
N THR A 306 26.60 -5.10 -4.60
CA THR A 306 25.47 -5.98 -4.91
C THR A 306 25.88 -7.07 -5.90
N ARG A 307 24.96 -7.98 -6.15
CA ARG A 307 25.15 -9.06 -7.11
C ARG A 307 23.83 -9.23 -7.83
N LEU A 308 23.89 -9.21 -9.15
CA LEU A 308 22.70 -9.16 -9.98
C LEU A 308 22.78 -10.21 -11.07
N ASN A 309 21.62 -10.55 -11.62
CA ASN A 309 21.52 -11.41 -12.79
C ASN A 309 20.44 -10.79 -13.68
N PRO A 310 20.14 -11.41 -14.84
CA PRO A 310 19.18 -10.74 -15.72
C PRO A 310 17.81 -10.42 -15.13
N ALA A 311 17.35 -11.19 -14.13
CA ALA A 311 16.04 -10.95 -13.51
C ALA A 311 16.03 -9.90 -12.39
N GLY A 312 17.18 -9.61 -11.79
CA GLY A 312 17.25 -8.74 -10.62
C GLY A 312 18.40 -9.09 -9.72
N ALA A 313 18.13 -9.23 -8.41
CA ALA A 313 19.13 -9.58 -7.42
C ALA A 313 19.47 -11.07 -7.49
N ALA A 314 20.75 -11.39 -7.33
CA ALA A 314 21.24 -12.76 -7.31
C ALA A 314 21.86 -13.05 -5.95
N TRP A 315 21.42 -14.14 -5.32
CA TRP A 315 21.92 -14.52 -3.99
C TRP A 315 22.70 -15.85 -3.99
N ASP A 316 23.21 -16.24 -5.15
CA ASP A 316 23.99 -17.47 -5.29
C ASP A 316 25.41 -17.26 -4.77
N ASN A 317 26.11 -18.37 -4.57
CA ASN A 317 27.51 -18.34 -4.08
C ASN A 317 28.58 -18.18 -5.16
N GLY A 318 28.17 -17.92 -6.40
CA GLY A 318 29.08 -17.93 -7.55
C GLY A 318 28.65 -18.94 -8.60
N SER A 319 27.78 -19.88 -8.23
CA SER A 319 27.32 -20.94 -9.13
C SER A 319 26.46 -20.46 -10.32
N ASP A 320 25.79 -19.32 -10.18
CA ASP A 320 24.99 -18.77 -11.27
C ASP A 320 25.93 -18.05 -12.24
N THR A 321 26.12 -18.64 -13.42
CA THR A 321 27.03 -18.07 -14.43
C THR A 321 26.48 -16.81 -15.11
N THR A 322 25.19 -16.53 -14.95
CA THR A 322 24.58 -15.30 -15.48
C THR A 322 24.68 -14.11 -14.51
N ALA A 323 25.15 -14.35 -13.29
CA ALA A 323 25.21 -13.29 -12.27
C ALA A 323 26.51 -12.51 -12.35
N VAL A 324 26.45 -11.23 -11.99
CA VAL A 324 27.57 -10.32 -12.06
C VAL A 324 27.65 -9.53 -10.74
N ASP A 325 28.87 -9.38 -10.22
CA ASP A 325 29.11 -8.58 -9.01
C ASP A 325 29.31 -7.12 -9.40
N PHE A 326 28.62 -6.22 -8.71
CA PHE A 326 28.67 -4.79 -8.98
C PHE A 326 28.98 -4.01 -7.71
N VAL A 327 29.68 -2.90 -7.90
CA VAL A 327 29.87 -1.89 -6.85
C VAL A 327 29.29 -0.60 -7.42
N THR A 328 28.52 0.11 -6.61
CA THR A 328 28.07 1.47 -6.96
C THR A 328 28.73 2.42 -5.98
N PHE A 329 29.07 3.62 -6.44
CA PHE A 329 29.84 4.57 -5.63
C PHE A 329 29.82 5.97 -6.20
N GLY A 330 29.78 6.96 -5.31
CA GLY A 330 30.01 8.35 -5.66
C GLY A 330 31.50 8.64 -5.61
N THR A 331 31.95 9.55 -6.47
CA THR A 331 33.31 10.04 -6.39
C THR A 331 33.27 11.55 -6.31
N GLU A 332 34.28 12.13 -5.66
CA GLU A 332 34.39 13.57 -5.58
C GLU A 332 35.74 14.09 -6.09
N GLN A 333 35.67 15.34 -6.55
CA GLN A 333 36.81 16.10 -7.08
C GLN A 333 37.41 15.57 -8.38
N GLY A 334 36.64 14.78 -9.14
CA GLY A 334 37.03 14.33 -10.48
C GLY A 334 36.13 14.91 -11.56
N ARG A 335 35.46 16.02 -11.28
CA ARG A 335 34.51 16.61 -12.22
C ARG A 335 34.50 18.12 -12.06
N ALA A 336 34.45 18.83 -13.17
CA ALA A 336 34.54 20.28 -13.19
C ALA A 336 33.25 20.99 -12.78
N ASP A 337 32.14 20.26 -12.82
CA ASP A 337 30.81 20.82 -12.55
C ASP A 337 29.99 19.72 -11.85
N HIS A 338 28.67 19.89 -11.74
CA HIS A 338 27.81 18.94 -11.01
C HIS A 338 28.34 18.71 -9.59
N GLN A 339 28.70 19.83 -8.95
CA GLN A 339 29.19 19.84 -7.57
C GLN A 339 30.39 18.89 -7.38
N ASN A 340 31.22 18.78 -8.43
CA ASN A 340 32.39 17.90 -8.48
C ASN A 340 32.10 16.40 -8.23
N HIS A 341 30.88 15.95 -8.54
CA HIS A 341 30.40 14.62 -8.13
C HIS A 341 29.96 13.73 -9.28
N TRP A 342 30.48 12.50 -9.32
CA TRP A 342 30.05 11.46 -10.26
C TRP A 342 29.40 10.32 -9.49
N PRO A 343 28.16 9.94 -9.83
CA PRO A 343 27.60 8.69 -9.33
C PRO A 343 27.86 7.55 -10.32
N LEU A 344 28.75 6.64 -9.94
CA LEU A 344 29.28 5.62 -10.84
C LEU A 344 28.88 4.23 -10.41
N TRP A 345 29.18 3.26 -11.29
CA TRP A 345 29.09 1.85 -10.96
C TRP A 345 30.17 1.08 -11.72
N ALA A 346 30.53 -0.09 -11.21
CA ALA A 346 31.49 -0.96 -11.88
C ALA A 346 31.13 -2.42 -11.70
N ALA A 347 31.27 -3.19 -12.77
CA ALA A 347 31.25 -4.63 -12.68
C ALA A 347 32.63 -5.07 -12.22
N VAL A 348 32.70 -6.02 -11.30
CA VAL A 348 33.97 -6.44 -10.69
C VAL A 348 34.10 -7.95 -10.66
N ASP A 349 35.35 -8.41 -10.69
CA ASP A 349 35.68 -9.81 -10.50
C ASP A 349 36.49 -9.92 -9.22
N TYR A 350 35.99 -10.69 -8.25
CA TYR A 350 36.62 -10.81 -6.94
C TYR A 350 37.80 -11.78 -6.99
N GLU A 351 38.92 -11.37 -6.41
CA GLU A 351 40.08 -12.21 -6.17
C GLU A 351 40.36 -12.26 -4.67
N VAL A 352 40.71 -13.44 -4.16
CA VAL A 352 41.02 -13.62 -2.75
C VAL A 352 42.51 -13.37 -2.53
N ARG A 353 42.84 -12.47 -1.60
CA ARG A 353 44.22 -12.21 -1.23
C ARG A 353 44.70 -13.24 -0.20
N ASP A 354 46.02 -13.37 -0.09
CA ASP A 354 46.64 -14.32 0.85
C ASP A 354 46.30 -14.03 2.32
N ASN A 355 46.11 -12.75 2.67
CA ASN A 355 45.70 -12.39 4.04
C ASN A 355 44.20 -12.52 4.36
N GLY A 356 43.43 -13.15 3.49
CA GLY A 356 42.02 -13.42 3.75
C GLY A 356 41.13 -12.21 3.51
N SER A 357 41.48 -11.43 2.49
CA SER A 357 40.69 -10.28 2.07
C SER A 357 40.32 -10.43 0.59
N ILE A 358 39.60 -9.46 0.04
CA ILE A 358 39.07 -9.54 -1.32
C ILE A 358 39.49 -8.32 -2.11
N GLU A 359 40.06 -8.54 -3.30
CA GLU A 359 40.26 -7.47 -4.26
C GLU A 359 39.16 -7.55 -5.31
N ALA A 360 38.40 -6.47 -5.45
CA ALA A 360 37.40 -6.35 -6.52
C ALA A 360 38.08 -5.68 -7.70
N VAL A 361 38.39 -6.48 -8.72
CA VAL A 361 39.06 -5.98 -9.92
C VAL A 361 37.99 -5.50 -10.89
N ILE A 362 38.08 -4.24 -11.30
CA ILE A 362 37.08 -3.63 -12.18
C ILE A 362 37.18 -4.24 -13.59
N ALA A 363 36.07 -4.81 -14.06
CA ALA A 363 35.98 -5.44 -15.39
C ALA A 363 35.46 -4.45 -16.43
N TYR A 364 34.45 -3.67 -16.05
CA TYR A 364 33.99 -2.53 -16.83
C TYR A 364 33.27 -1.56 -15.89
N SER A 365 33.07 -0.33 -16.33
CA SER A 365 32.75 0.78 -15.42
C SER A 365 31.89 1.81 -16.11
N GLY A 366 30.78 2.18 -15.47
CA GLY A 366 29.84 3.12 -16.05
C GLY A 366 29.33 4.17 -15.08
N VAL A 367 28.24 4.82 -15.49
CA VAL A 367 27.67 5.96 -14.80
C VAL A 367 26.23 5.61 -14.45
N GLN A 368 25.85 5.82 -13.20
CA GLN A 368 24.49 5.50 -12.76
C GLN A 368 23.46 6.56 -13.20
N ASP A 369 23.90 7.82 -13.22
CA ASP A 369 23.06 8.93 -13.69
C ASP A 369 24.01 10.04 -14.14
N TRP A 370 23.74 10.62 -15.29
CA TRP A 370 24.65 11.61 -15.91
C TRP A 370 24.37 13.06 -15.53
N GLY A 371 23.32 13.31 -14.76
CA GLY A 371 22.90 14.68 -14.43
C GLY A 371 23.11 15.09 -12.98
N ARG A 372 22.22 15.95 -12.49
CA ARG A 372 22.34 16.54 -11.16
C ARG A 372 21.81 15.61 -10.07
N SER A 373 22.40 14.43 -9.97
CA SER A 373 22.07 13.47 -8.93
C SER A 373 23.31 12.79 -8.39
N TYR A 374 23.20 12.25 -7.18
CA TYR A 374 24.31 11.71 -6.45
C TYR A 374 23.77 10.89 -5.28
N ALA A 375 24.66 10.16 -4.62
CA ALA A 375 24.35 9.48 -3.37
C ALA A 375 23.31 8.38 -3.57
N TYR A 376 23.54 7.55 -4.59
CA TYR A 376 22.67 6.41 -4.83
C TYR A 376 22.88 5.36 -3.74
N ALA A 377 21.77 4.87 -3.21
CA ALA A 377 21.75 3.76 -2.26
C ALA A 377 20.93 2.63 -2.88
N SER A 378 21.35 1.38 -2.68
CA SER A 378 20.54 0.24 -3.12
C SER A 378 20.25 -0.69 -1.95
N PHE A 379 19.13 -1.39 -2.03
CA PHE A 379 18.69 -2.28 -0.97
C PHE A 379 17.87 -3.43 -1.51
N PRO A 380 17.89 -4.59 -0.82
CA PRO A 380 17.17 -5.76 -1.31
C PRO A 380 15.67 -5.67 -1.07
N VAL A 381 14.90 -6.16 -2.03
CA VAL A 381 13.44 -6.16 -1.94
C VAL A 381 12.96 -7.56 -2.33
N GLU A 382 11.91 -8.04 -1.67
CA GLU A 382 11.41 -9.41 -1.87
C GLU A 382 11.09 -9.68 -3.32
N GLY A 383 11.27 -10.94 -3.73
CA GLY A 383 11.13 -11.33 -5.14
C GLY A 383 12.40 -11.13 -5.93
N TYR A 384 13.55 -11.24 -5.24
CA TYR A 384 14.84 -11.19 -5.89
C TYR A 384 15.06 -9.88 -6.64
N ARG A 385 14.84 -8.77 -5.93
CA ARG A 385 15.06 -7.44 -6.46
C ARG A 385 16.13 -6.70 -5.68
N GLN A 386 16.85 -5.81 -6.38
CA GLN A 386 17.72 -4.83 -5.75
C GLN A 386 17.27 -3.49 -6.29
N VAL A 387 16.90 -2.58 -5.39
CA VAL A 387 16.26 -1.33 -5.78
C VAL A 387 17.19 -0.19 -5.37
N SER A 388 17.37 0.76 -6.28
CA SER A 388 18.33 1.84 -6.11
C SER A 388 17.60 3.18 -6.19
N VAL A 389 18.02 4.14 -5.38
CA VAL A 389 17.43 5.48 -5.38
C VAL A 389 18.52 6.48 -4.99
N GLY A 390 18.48 7.66 -5.59
CA GLY A 390 19.45 8.71 -5.33
C GLY A 390 18.80 10.02 -4.98
N TRP A 391 19.63 11.05 -4.88
CA TRP A 391 19.23 12.39 -4.53
C TRP A 391 19.48 13.31 -5.71
N ILE A 392 18.45 14.08 -6.08
CA ILE A 392 18.55 15.11 -7.10
C ILE A 392 18.65 16.44 -6.38
N TYR A 393 19.80 17.10 -6.53
CA TYR A 393 20.00 18.44 -5.96
C TYR A 393 19.35 19.48 -6.86
N GLU A 394 19.21 20.70 -6.36
CA GLU A 394 18.64 21.80 -7.14
C GLU A 394 19.72 22.32 -8.11
N ASP A 395 19.36 23.28 -8.95
CA ASP A 395 20.36 23.97 -9.78
C ASP A 395 20.36 25.45 -9.43
N ASP A 396 20.73 25.71 -8.18
CA ASP A 396 20.80 27.06 -7.60
C ASP A 396 22.02 27.07 -6.68
N ASP A 397 23.17 26.77 -7.26
CA ASP A 397 24.40 26.56 -6.48
C ASP A 397 24.92 27.81 -5.76
N ASN A 398 24.53 29.00 -6.21
CA ASN A 398 24.84 30.26 -5.49
C ASN A 398 23.82 30.64 -4.42
N VAL A 399 22.81 29.78 -4.22
CA VAL A 399 21.86 29.91 -3.11
C VAL A 399 21.10 31.24 -3.20
N ILE A 400 20.63 31.55 -4.41
CA ILE A 400 19.98 32.83 -4.69
C ILE A 400 18.51 32.81 -4.33
N LEU A 401 17.81 31.69 -4.59
CA LEU A 401 16.37 31.60 -4.31
C LEU A 401 16.01 30.46 -3.35
N ALA A 402 17.00 29.86 -2.69
CA ALA A 402 16.74 28.74 -1.78
C ALA A 402 15.80 29.11 -0.63
N LYS A 403 16.00 30.27 -0.01
CA LYS A 403 15.12 30.73 1.06
C LYS A 403 13.69 30.96 0.58
N GLN A 404 13.58 31.51 -0.63
CA GLN A 404 12.28 31.71 -1.24
C GLN A 404 11.59 30.38 -1.54
N PHE A 405 12.35 29.36 -1.98
CA PHE A 405 11.79 27.99 -2.10
C PHE A 405 11.28 27.52 -0.74
N GLY A 406 12.11 27.65 0.29
CA GLY A 406 11.82 27.06 1.60
C GLY A 406 12.17 25.56 1.70
N TYR A 407 12.86 25.03 0.71
CA TYR A 407 13.31 23.64 0.68
C TYR A 407 14.41 23.50 -0.35
N GLN A 408 15.17 22.40 -0.27
CA GLN A 408 16.13 22.01 -1.28
C GLN A 408 16.17 20.49 -1.39
N GLY A 409 16.07 19.97 -2.61
CA GLY A 409 16.37 18.58 -2.90
C GLY A 409 15.15 17.69 -3.03
N ALA A 410 15.34 16.59 -3.75
CA ALA A 410 14.35 15.50 -3.83
C ALA A 410 15.09 14.20 -4.10
N PHE A 411 14.37 13.08 -4.03
CA PHE A 411 14.90 11.82 -4.53
C PHE A 411 14.72 11.72 -6.05
N THR A 412 15.48 10.80 -6.63
CA THR A 412 15.15 10.23 -7.94
C THR A 412 13.95 9.33 -7.78
N LEU A 413 13.50 8.72 -8.87
CA LEU A 413 12.58 7.60 -8.78
C LEU A 413 13.34 6.36 -8.31
N PHE A 414 12.60 5.39 -7.78
CA PHE A 414 13.17 4.13 -7.32
C PHE A 414 13.37 3.25 -8.55
N ARG A 415 14.53 2.62 -8.65
CA ARG A 415 14.93 1.90 -9.86
C ARG A 415 15.28 0.46 -9.54
N ASP A 416 14.68 -0.49 -10.27
CA ASP A 416 15.14 -1.87 -10.21
C ASP A 416 16.46 -1.98 -10.95
N LEU A 417 17.45 -2.58 -10.30
CA LEU A 417 18.71 -2.95 -10.94
C LEU A 417 18.66 -4.42 -11.40
N PHE A 418 19.33 -4.69 -12.51
CA PHE A 418 19.39 -6.02 -13.10
C PHE A 418 20.54 -6.03 -14.10
N VAL A 419 20.92 -7.23 -14.56
CA VAL A 419 21.92 -7.36 -15.63
C VAL A 419 21.21 -7.22 -16.96
N LYS A 420 21.51 -6.14 -17.71
CA LYS A 420 20.93 -5.96 -19.03
C LYS A 420 21.76 -6.79 -20.02
N VAL A 421 21.07 -7.69 -20.73
CA VAL A 421 21.70 -8.54 -21.74
C VAL A 421 21.05 -8.22 -23.09
N VAL A 422 21.86 -7.88 -24.09
CA VAL A 422 21.37 -7.64 -25.45
C VAL A 422 21.95 -8.74 -26.34
N GLU A 423 21.07 -9.53 -26.95
CA GLU A 423 21.47 -10.64 -27.79
C GLU A 423 21.57 -10.22 -29.24
N ASN A 424 22.34 -10.99 -30.01
CA ASN A 424 22.41 -10.82 -31.46
C ASN A 424 22.83 -9.44 -31.89
N VAL A 425 23.83 -8.89 -31.22
CA VAL A 425 24.34 -7.57 -31.54
C VAL A 425 25.29 -7.71 -32.74
N SER A 426 25.16 -6.79 -33.69
CA SER A 426 26.03 -6.74 -34.85
C SER A 426 27.45 -6.31 -34.48
N PRO A 427 28.46 -7.11 -34.91
CA PRO A 427 29.86 -6.70 -34.72
C PRO A 427 30.25 -5.36 -35.36
N SER A 428 29.46 -4.84 -36.31
CA SER A 428 29.74 -3.54 -36.90
C SER A 428 29.17 -2.35 -36.11
N THR A 429 28.54 -2.60 -34.97
CA THR A 429 28.15 -1.51 -34.06
C THR A 429 29.38 -0.67 -33.74
N PRO A 430 29.37 0.65 -34.05
CA PRO A 430 30.56 1.47 -33.82
C PRO A 430 31.03 1.45 -32.36
N GLY A 431 32.33 1.28 -32.16
CA GLY A 431 32.94 1.30 -30.81
C GLY A 431 32.59 0.13 -29.90
N LEU A 432 32.03 -0.95 -30.44
CA LEU A 432 31.50 -2.02 -29.61
C LEU A 432 32.57 -2.73 -28.77
N PHE A 433 33.78 -2.88 -29.31
CA PHE A 433 34.84 -3.65 -28.64
C PHE A 433 35.78 -2.81 -27.78
N GLU A 434 35.44 -1.54 -27.60
CA GLU A 434 36.05 -0.75 -26.55
C GLU A 434 35.62 -1.40 -25.20
N GLN A 435 34.43 -1.99 -25.14
CA GLN A 435 33.89 -2.64 -23.92
C GLN A 435 34.02 -1.67 -22.69
N ALA A 436 33.57 -0.44 -22.89
CA ALA A 436 33.80 0.64 -21.89
C ALA A 436 32.96 0.40 -20.60
N SER A 437 31.65 0.54 -20.70
CA SER A 437 30.72 0.25 -19.60
C SER A 437 29.84 -0.97 -19.92
N TRP A 438 30.40 -1.93 -20.67
CA TRP A 438 29.72 -3.17 -21.02
C TRP A 438 30.75 -4.23 -21.33
N SER A 439 30.31 -5.48 -21.39
CA SER A 439 31.13 -6.59 -21.83
C SER A 439 30.56 -7.17 -23.11
N THR A 440 31.42 -7.78 -23.91
CA THR A 440 31.02 -8.47 -25.15
C THR A 440 31.48 -9.91 -25.09
N LYS A 441 30.61 -10.81 -25.53
CA LYS A 441 30.96 -12.20 -25.73
C LYS A 441 30.59 -12.56 -27.17
N ASN A 442 31.58 -12.93 -27.95
CA ASN A 442 31.35 -13.38 -29.33
C ASN A 442 30.65 -14.71 -29.38
N SER A 443 29.78 -14.87 -30.38
CA SER A 443 29.25 -16.19 -30.74
C SER A 443 30.39 -17.08 -31.26
N THR A 444 30.18 -18.39 -31.23
CA THR A 444 31.18 -19.34 -31.75
C THR A 444 31.65 -18.99 -33.16
N ASP A 445 30.71 -18.63 -34.04
CA ASP A 445 31.05 -18.28 -35.43
C ASP A 445 31.53 -16.84 -35.66
N GLY A 446 31.51 -16.00 -34.61
CA GLY A 446 32.00 -14.63 -34.71
C GLY A 446 31.13 -13.62 -35.45
N MET A 447 29.91 -14.03 -35.81
CA MET A 447 28.99 -13.18 -36.58
C MET A 447 28.02 -12.35 -35.71
N SER A 448 27.92 -12.69 -34.42
CA SER A 448 27.12 -11.91 -33.48
C SER A 448 27.81 -11.81 -32.12
N VAL A 449 27.30 -10.88 -31.31
CA VAL A 449 27.85 -10.60 -29.99
C VAL A 449 26.72 -10.51 -28.97
N THR A 450 26.97 -11.01 -27.78
CA THR A 450 26.10 -10.79 -26.63
C THR A 450 26.71 -9.66 -25.78
N VAL A 451 25.94 -8.61 -25.56
CA VAL A 451 26.37 -7.47 -24.73
C VAL A 451 25.76 -7.58 -23.35
N THR A 452 26.57 -7.34 -22.32
CA THR A 452 26.13 -7.33 -20.93
C THR A 452 26.50 -5.99 -20.31
N THR A 453 25.55 -5.38 -19.60
CA THR A 453 25.82 -4.15 -18.85
C THR A 453 24.86 -4.06 -17.65
N LEU A 454 24.98 -2.98 -16.88
CA LEU A 454 24.04 -2.72 -15.79
C LEU A 454 22.73 -2.19 -16.37
N GLY A 455 21.62 -2.82 -16.01
CA GLY A 455 20.29 -2.33 -16.36
C GLY A 455 19.69 -1.56 -15.21
N GLN A 456 18.93 -0.51 -15.54
CA GLN A 456 18.16 0.27 -14.58
C GLN A 456 16.82 0.58 -15.17
N ARG A 457 15.75 0.35 -14.43
CA ARG A 457 14.40 0.73 -14.87
C ARG A 457 13.58 1.17 -13.67
N VAL A 458 12.62 2.06 -13.90
CA VAL A 458 11.78 2.54 -12.83
C VAL A 458 10.98 1.35 -12.32
N VAL A 459 10.86 1.26 -11.00
CA VAL A 459 10.10 0.17 -10.39
C VAL A 459 8.69 0.11 -11.00
N PRO A 460 8.21 -1.11 -11.30
CA PRO A 460 6.92 -1.22 -11.99
C PRO A 460 5.71 -0.68 -11.20
N GLU A 461 5.80 -0.72 -9.87
CA GLU A 461 4.76 -0.17 -9.00
C GLU A 461 4.51 1.31 -9.31
N THR A 462 5.58 2.05 -9.56
CA THR A 462 5.50 3.48 -9.84
C THR A 462 4.95 3.74 -11.24
N LEU A 463 5.44 2.98 -12.22
CA LEU A 463 4.96 3.13 -13.60
C LEU A 463 3.45 2.84 -13.69
N ALA A 464 3.00 1.77 -13.03
CA ALA A 464 1.57 1.42 -13.01
C ALA A 464 0.72 2.48 -12.32
N ALA A 465 1.18 2.96 -11.16
CA ALA A 465 0.44 3.97 -10.42
C ALA A 465 0.38 5.30 -11.20
N TYR A 466 1.51 5.71 -11.76
CA TYR A 466 1.58 6.92 -12.60
C TYR A 466 0.60 6.83 -13.77
N LYS A 467 0.68 5.76 -14.54
CA LYS A 467 -0.18 5.60 -15.71
C LYS A 467 -1.65 5.56 -15.31
N GLY A 468 -1.97 4.76 -14.29
CA GLY A 468 -3.36 4.60 -13.87
C GLY A 468 -4.03 5.83 -13.27
N ASN A 469 -3.24 6.70 -12.65
CA ASN A 469 -3.76 7.95 -12.09
C ASN A 469 -3.73 9.13 -13.07
N SER A 470 -3.07 8.95 -14.21
CA SER A 470 -2.92 10.01 -15.21
C SER A 470 -4.04 9.98 -16.24
N THR A 471 -4.20 11.10 -16.94
CA THR A 471 -4.94 11.12 -18.20
C THR A 471 -3.94 10.71 -19.28
N VAL A 472 -4.18 9.53 -19.87
CA VAL A 472 -3.24 8.94 -20.81
C VAL A 472 -3.69 9.26 -22.23
N SER A 473 -2.79 9.82 -23.02
CA SER A 473 -3.01 10.05 -24.45
C SER A 473 -2.06 9.17 -25.23
N THR A 474 -2.59 8.20 -25.96
CA THR A 474 -1.80 7.38 -26.87
C THR A 474 -1.74 8.13 -28.20
N LEU A 475 -0.53 8.50 -28.63
CA LEU A 475 -0.34 9.38 -29.77
C LEU A 475 -0.02 8.58 -31.02
N ALA A 476 -0.45 9.09 -32.17
CA ALA A 476 -0.17 8.46 -33.46
C ALA A 476 1.33 8.54 -33.78
N PRO A 477 1.89 7.50 -34.43
CA PRO A 477 3.32 7.57 -34.79
C PRO A 477 3.61 8.73 -35.75
N VAL A 478 4.84 9.24 -35.71
CA VAL A 478 5.22 10.42 -36.49
C VAL A 478 6.52 10.11 -37.22
N MET A 479 6.50 10.28 -38.54
CA MET A 479 7.72 10.25 -39.35
C MET A 479 8.27 11.65 -39.41
N LEU A 480 9.50 11.82 -38.97
CA LEU A 480 10.21 13.09 -39.04
C LEU A 480 11.08 13.09 -40.29
N ASN A 481 10.72 13.94 -41.27
CA ASN A 481 11.40 13.98 -42.57
C ASN A 481 11.63 15.45 -42.98
N GLU A 482 11.69 15.75 -44.29
CA GLU A 482 11.87 17.12 -44.76
C GLU A 482 10.80 18.10 -44.30
N SER A 483 9.59 17.60 -44.08
CA SER A 483 8.47 18.46 -43.64
C SER A 483 8.44 18.74 -42.13
N ALA A 484 9.33 18.11 -41.35
CA ALA A 484 9.30 18.24 -39.89
C ALA A 484 9.72 19.63 -39.46
N ALA A 485 8.89 20.27 -38.65
CA ALA A 485 9.31 21.52 -37.98
C ALA A 485 10.42 21.20 -36.96
N ALA A 486 11.10 22.24 -36.50
CA ALA A 486 12.11 22.09 -35.45
C ALA A 486 11.44 21.50 -34.19
N TYR A 487 10.26 22.05 -33.87
CA TYR A 487 9.44 21.61 -32.73
C TYR A 487 8.01 21.37 -33.18
N THR A 488 7.49 20.20 -32.87
CA THR A 488 6.12 19.81 -33.20
C THR A 488 5.40 19.42 -31.90
N PRO A 489 4.53 20.30 -31.39
CA PRO A 489 3.76 19.95 -30.18
C PRO A 489 2.98 18.65 -30.34
N PHE A 490 2.88 17.87 -29.27
CA PHE A 490 2.03 16.67 -29.30
C PHE A 490 0.57 17.07 -29.52
N SER A 491 -0.21 16.16 -30.13
CA SER A 491 -1.64 16.39 -30.37
C SER A 491 -2.46 16.55 -29.09
N SER A 492 -2.00 15.95 -28.00
CA SER A 492 -2.53 16.24 -26.66
C SER A 492 -1.41 16.87 -25.83
N GLN A 493 -1.78 17.82 -24.98
CA GLN A 493 -0.82 18.57 -24.19
C GLN A 493 -0.98 18.31 -22.69
N PRO A 494 0.12 18.43 -21.94
CA PRO A 494 0.02 18.43 -20.47
C PRO A 494 -0.87 19.56 -19.96
N THR A 495 -1.38 19.43 -18.74
CA THR A 495 -2.15 20.49 -18.09
C THR A 495 -1.39 21.17 -16.94
N ASP A 496 -0.20 20.66 -16.60
CA ASP A 496 0.59 21.16 -15.48
C ASP A 496 1.99 20.58 -15.61
N ARG A 497 2.84 20.75 -14.59
CA ARG A 497 4.24 20.34 -14.63
C ARG A 497 4.48 18.92 -14.09
N PHE A 498 3.51 18.03 -14.29
CA PHE A 498 3.57 16.67 -13.73
C PHE A 498 3.09 15.71 -14.80
N TYR A 499 4.05 15.15 -15.54
CA TYR A 499 3.73 14.25 -16.62
C TYR A 499 4.88 13.36 -17.04
N ALA A 500 4.55 12.31 -17.79
CA ALA A 500 5.53 11.39 -18.34
C ALA A 500 5.32 11.31 -19.85
N LEU A 501 6.43 11.13 -20.56
CA LEU A 501 6.42 10.93 -22.00
C LEU A 501 7.17 9.67 -22.28
N THR A 502 6.72 8.93 -23.28
CA THR A 502 7.50 7.83 -23.81
C THR A 502 7.50 7.85 -25.34
N GLY A 503 8.56 7.34 -25.93
CA GLY A 503 8.66 7.23 -27.38
C GLY A 503 9.83 6.38 -27.81
N SER A 504 9.68 5.74 -28.98
CA SER A 504 10.74 4.94 -29.59
C SER A 504 11.14 5.63 -30.88
N PHE A 505 12.41 6.01 -30.96
CA PHE A 505 12.96 6.76 -32.08
C PHE A 505 13.81 5.81 -32.92
N GLU A 506 13.38 5.56 -34.16
CA GLU A 506 14.08 4.66 -35.07
C GLU A 506 14.92 5.48 -36.04
N PHE A 507 16.23 5.26 -36.01
CA PHE A 507 17.19 6.00 -36.83
C PHE A 507 17.83 5.08 -37.86
N GLY A 508 18.19 5.64 -39.01
CA GLY A 508 19.06 4.91 -39.96
C GLY A 508 20.44 4.67 -39.36
N LEU A 509 21.09 3.60 -39.80
CA LEU A 509 22.41 3.24 -39.29
C LEU A 509 23.49 4.27 -39.56
N ASN A 510 23.31 5.12 -40.56
CA ASN A 510 24.28 6.17 -40.87
C ASN A 510 23.68 7.56 -40.78
N THR A 511 22.67 7.72 -39.92
CA THR A 511 21.99 9.00 -39.76
C THR A 511 22.94 10.09 -39.26
N THR A 512 22.66 11.32 -39.64
CA THR A 512 23.24 12.50 -38.99
C THR A 512 22.14 13.39 -38.44
N ALA A 513 20.91 12.87 -38.39
CA ALA A 513 19.77 13.61 -37.88
C ALA A 513 19.76 13.53 -36.35
N LYS A 514 19.11 14.50 -35.72
CA LYS A 514 18.89 14.51 -34.28
C LYS A 514 17.39 14.56 -34.04
N ALA A 515 16.94 13.88 -32.98
CA ALA A 515 15.54 13.98 -32.57
C ALA A 515 15.42 13.83 -31.04
N GLY A 516 14.27 14.22 -30.53
CA GLY A 516 13.99 14.06 -29.10
C GLY A 516 12.70 14.71 -28.68
N PHE A 517 12.69 15.20 -27.44
CA PHE A 517 11.50 15.77 -26.82
C PHE A 517 11.82 17.15 -26.29
N ARG A 518 10.91 18.09 -26.52
CA ARG A 518 10.92 19.37 -25.83
C ARG A 518 9.87 19.30 -24.74
N VAL A 519 10.21 19.79 -23.55
CA VAL A 519 9.30 19.75 -22.38
C VAL A 519 9.29 21.08 -21.66
N LEU A 520 8.31 21.22 -20.77
CA LEU A 520 8.09 22.45 -19.98
C LEU A 520 8.19 23.69 -20.89
N ALA A 521 7.40 23.64 -21.97
CA ALA A 521 7.57 24.56 -23.10
C ALA A 521 6.41 25.53 -23.26
N SER A 522 6.77 26.80 -23.41
CA SER A 522 5.90 27.81 -23.99
C SER A 522 6.71 28.43 -25.14
N GLU A 523 6.23 29.51 -25.73
CA GLU A 523 6.99 30.22 -26.77
C GLU A 523 8.34 30.70 -26.25
N GLU A 524 8.37 31.19 -25.01
CA GLU A 524 9.56 31.87 -24.45
C GLU A 524 10.46 31.02 -23.56
N GLU A 525 9.94 29.93 -23.01
CA GLU A 525 10.72 29.03 -22.15
C GLU A 525 10.49 27.61 -22.58
N TYR A 526 11.56 26.82 -22.61
CA TYR A 526 11.47 25.40 -22.97
C TYR A 526 12.77 24.71 -22.67
N THR A 527 12.71 23.39 -22.56
CA THR A 527 13.87 22.56 -22.30
C THR A 527 13.91 21.46 -23.34
N ASP A 528 15.05 21.32 -24.01
CA ASP A 528 15.18 20.46 -25.16
C ASP A 528 16.03 19.24 -24.86
N ILE A 529 15.45 18.07 -25.06
CA ILE A 529 16.14 16.79 -24.85
C ILE A 529 16.41 16.19 -26.23
N TRP A 530 17.69 16.13 -26.62
CA TRP A 530 18.11 15.70 -27.95
C TRP A 530 18.90 14.41 -27.86
N PHE A 531 18.70 13.50 -28.81
CA PHE A 531 19.69 12.47 -29.05
C PHE A 531 20.26 12.63 -30.44
N ASP A 532 21.58 12.45 -30.53
CA ASP A 532 22.37 12.66 -31.75
C ASP A 532 23.17 11.39 -31.97
N PRO A 533 22.59 10.42 -32.71
CA PRO A 533 23.25 9.13 -32.87
C PRO A 533 24.67 9.20 -33.44
N ALA A 534 24.96 10.17 -34.30
CA ALA A 534 26.29 10.31 -34.91
C ALA A 534 27.39 10.51 -33.86
N SER A 535 27.10 11.30 -32.83
CA SER A 535 28.03 11.54 -31.72
C SER A 535 27.82 10.62 -30.49
N GLU A 536 26.69 9.91 -30.46
CA GLU A 536 26.26 9.05 -29.34
C GLU A 536 25.92 9.85 -28.08
N ASN A 537 25.54 11.10 -28.25
CA ASN A 537 25.30 12.02 -27.16
C ASN A 537 23.83 12.31 -26.99
N LEU A 538 23.35 12.11 -25.77
CA LEU A 538 22.02 12.54 -25.32
C LEU A 538 22.26 13.84 -24.55
N THR A 539 21.64 14.93 -24.97
CA THR A 539 21.83 16.22 -24.33
C THR A 539 20.53 16.82 -23.84
N VAL A 540 20.63 17.65 -22.80
CA VAL A 540 19.52 18.48 -22.35
C VAL A 540 20.02 19.91 -22.43
N VAL A 541 19.47 20.65 -23.38
CA VAL A 541 19.85 22.03 -23.62
C VAL A 541 18.90 22.90 -22.84
N ARG A 542 19.46 23.73 -21.97
CA ARG A 542 18.70 24.50 -21.00
C ARG A 542 18.91 26.01 -21.12
N THR A 543 19.43 26.47 -22.26
CA THR A 543 19.66 27.89 -22.49
C THR A 543 18.38 28.71 -22.42
N ALA A 544 17.24 28.09 -22.77
CA ALA A 544 15.94 28.75 -22.66
C ALA A 544 15.01 28.15 -21.59
N SER A 545 15.53 27.31 -20.68
CA SER A 545 14.68 26.64 -19.68
C SER A 545 13.89 27.60 -18.81
N SER A 546 14.48 28.76 -18.50
CA SER A 546 13.81 29.73 -17.65
C SER A 546 14.19 31.20 -17.93
N LEU A 547 13.22 32.08 -17.80
CA LEU A 547 13.47 33.53 -17.79
C LEU A 547 14.21 33.99 -16.53
N ILE A 548 14.16 33.18 -15.45
CA ILE A 548 14.88 33.49 -14.22
C ILE A 548 16.33 33.13 -14.43
N LYS A 549 17.22 34.13 -14.44
CA LYS A 549 18.60 33.91 -14.90
C LYS A 549 19.57 33.31 -13.87
N SER A 550 19.18 33.26 -12.60
CA SER A 550 20.07 32.76 -11.54
C SER A 550 20.19 31.23 -11.47
N PHE A 551 19.27 30.50 -12.09
CA PHE A 551 19.36 29.03 -12.14
C PHE A 551 20.37 28.55 -13.16
N GLY A 552 20.90 27.34 -12.96
CA GLY A 552 21.86 26.76 -13.89
C GLY A 552 21.26 26.58 -15.27
N ASN A 553 22.08 26.77 -16.28
CA ASN A 553 21.64 26.65 -17.68
C ASN A 553 22.60 25.87 -18.55
N ASP A 554 23.53 25.13 -17.93
CA ASP A 554 24.49 24.35 -18.69
C ASP A 554 23.83 23.14 -19.32
N THR A 555 24.42 22.69 -20.42
CA THR A 555 23.89 21.57 -21.18
C THR A 555 24.28 20.25 -20.50
N GLU A 556 23.28 19.42 -20.21
CA GLU A 556 23.54 18.09 -19.67
C GLU A 556 23.93 17.18 -20.81
N LEU A 557 24.73 16.16 -20.52
CA LEU A 557 25.19 15.21 -21.54
C LEU A 557 25.36 13.80 -20.98
N ALA A 558 24.77 12.83 -21.68
CA ALA A 558 25.01 11.41 -21.43
C ALA A 558 25.45 10.72 -22.73
N LYS A 559 26.30 9.70 -22.60
CA LYS A 559 26.63 8.81 -23.72
C LYS A 559 25.62 7.68 -23.73
N VAL A 560 25.10 7.34 -24.91
CA VAL A 560 24.21 6.21 -25.09
C VAL A 560 24.69 5.37 -26.27
N LYS A 561 24.97 4.10 -26.02
CA LYS A 561 25.37 3.16 -27.07
C LYS A 561 24.13 2.48 -27.63
N LEU A 562 23.79 2.74 -28.88
CA LEU A 562 22.72 1.99 -29.53
C LEU A 562 23.32 0.71 -30.10
N TYR A 563 23.10 -0.39 -29.40
CA TYR A 563 23.61 -1.70 -29.82
C TYR A 563 22.80 -2.16 -31.04
N GLU A 564 23.44 -2.21 -32.19
CA GLU A 564 22.75 -2.52 -33.46
C GLU A 564 22.53 -4.01 -33.54
N ILE A 565 21.35 -4.43 -33.96
CA ILE A 565 20.98 -5.85 -33.97
C ILE A 565 21.28 -6.47 -35.36
N VAL A 566 21.75 -7.72 -35.36
CA VAL A 566 22.11 -8.43 -36.61
C VAL A 566 20.90 -8.46 -37.52
N GLY A 567 21.07 -8.01 -38.75
CA GLY A 567 20.00 -8.00 -39.74
C GLY A 567 19.13 -6.75 -39.75
N ALA A 568 19.28 -5.86 -38.75
CA ALA A 568 18.48 -4.65 -38.69
C ALA A 568 19.07 -3.62 -39.63
N GLU A 569 18.20 -2.82 -40.24
CA GLU A 569 18.62 -1.70 -41.08
C GLU A 569 18.35 -0.37 -40.39
N SER A 570 18.21 -0.41 -39.07
CA SER A 570 17.94 0.77 -38.27
C SER A 570 18.42 0.52 -36.84
N LYS A 571 18.46 1.57 -36.04
CA LYS A 571 18.82 1.48 -34.62
C LYS A 571 17.85 2.34 -33.82
N THR A 572 17.44 1.86 -32.66
CA THR A 572 16.33 2.45 -31.91
C THR A 572 16.71 2.94 -30.51
N LEU A 573 16.21 4.13 -30.18
CA LEU A 573 16.31 4.72 -28.85
C LEU A 573 14.92 4.73 -28.24
N ASN A 574 14.76 4.03 -27.13
CA ASN A 574 13.54 4.12 -26.31
C ASN A 574 13.75 5.11 -25.18
N LEU A 575 13.03 6.22 -25.23
CA LEU A 575 13.23 7.34 -24.33
C LEU A 575 11.98 7.51 -23.49
N THR A 576 12.15 7.54 -22.16
CA THR A 576 11.08 7.87 -21.23
C THR A 576 11.49 9.09 -20.42
N VAL A 577 10.60 10.07 -20.28
CA VAL A 577 10.89 11.31 -19.57
C VAL A 577 9.81 11.59 -18.56
N PHE A 578 10.23 11.85 -17.32
CA PHE A 578 9.36 12.27 -16.24
C PHE A 578 9.61 13.74 -15.94
N VAL A 579 8.54 14.53 -15.97
CA VAL A 579 8.55 15.93 -15.60
C VAL A 579 7.75 16.07 -14.33
N ASP A 580 8.38 16.61 -13.29
CA ASP A 580 7.79 16.61 -11.96
C ASP A 580 8.21 17.88 -11.22
N GLY A 581 7.43 18.94 -11.41
CA GLY A 581 7.75 20.25 -10.90
C GLY A 581 8.91 20.80 -11.68
N SER A 582 10.09 20.78 -11.07
CA SER A 582 11.33 21.20 -11.70
C SER A 582 12.23 20.04 -12.10
N VAL A 583 11.90 18.81 -11.67
CA VAL A 583 12.71 17.65 -12.04
C VAL A 583 12.36 17.20 -13.46
N ILE A 584 13.41 16.95 -14.24
CA ILE A 584 13.31 16.27 -15.52
C ILE A 584 14.19 15.03 -15.38
N GLU A 585 13.59 13.86 -15.43
CA GLU A 585 14.30 12.61 -15.22
C GLU A 585 14.12 11.72 -16.45
N ILE A 586 15.25 11.41 -17.10
CA ILE A 586 15.25 10.79 -18.42
C ILE A 586 15.83 9.39 -18.31
N TYR A 587 15.16 8.43 -18.94
CA TYR A 587 15.62 7.05 -19.02
C TYR A 587 15.71 6.63 -20.48
N ALA A 588 16.83 6.02 -20.85
CA ALA A 588 17.02 5.49 -22.21
C ALA A 588 17.36 4.02 -22.18
N ASN A 589 16.56 3.22 -22.91
CA ASN A 589 16.83 1.80 -23.12
C ASN A 589 17.02 0.98 -21.84
N ASP A 590 16.35 1.37 -20.75
CA ASP A 590 16.49 0.69 -19.45
C ASP A 590 17.96 0.55 -19.04
N GLU A 591 18.73 1.62 -19.25
CA GLU A 591 20.18 1.59 -19.11
C GLU A 591 20.71 2.94 -18.68
N VAL A 592 20.44 3.97 -19.46
CA VAL A 592 21.02 5.29 -19.23
C VAL A 592 20.01 6.15 -18.50
N ALA A 593 20.45 6.84 -17.45
CA ALA A 593 19.59 7.78 -16.70
C ALA A 593 20.25 9.14 -16.62
N LEU A 594 19.43 10.18 -16.71
CA LEU A 594 19.92 11.54 -16.60
C LEU A 594 18.84 12.39 -15.91
N SER A 595 19.15 12.86 -14.70
CA SER A 595 18.24 13.71 -13.90
C SER A 595 18.72 15.14 -13.97
N THR A 596 17.82 16.09 -14.21
CA THR A 596 18.22 17.49 -14.22
C THR A 596 17.07 18.37 -13.72
N ARG A 597 17.27 19.68 -13.78
CA ARG A 597 16.33 20.66 -13.25
C ARG A 597 16.01 21.77 -14.26
N ALA A 598 14.76 22.19 -14.27
CA ALA A 598 14.32 23.35 -15.08
C ALA A 598 13.28 24.11 -14.31
N TYR A 599 13.42 25.44 -14.27
CA TYR A 599 12.58 26.28 -13.45
C TYR A 599 11.92 27.42 -14.25
N PRO A 600 11.17 27.09 -15.33
CA PRO A 600 10.47 28.16 -16.05
C PRO A 600 9.49 28.92 -15.16
N TRP A 601 9.44 30.24 -15.35
CA TRP A 601 8.56 31.09 -14.57
C TRP A 601 7.12 31.08 -15.04
N LEU A 602 6.89 31.11 -16.35
CA LEU A 602 5.55 31.34 -16.87
C LEU A 602 4.63 30.15 -16.60
N ALA A 603 3.39 30.45 -16.21
CA ALA A 603 2.41 29.40 -15.90
C ALA A 603 2.12 28.48 -17.07
N ASN A 604 2.25 28.99 -18.30
CA ASN A 604 2.00 28.18 -19.49
C ASN A 604 3.25 27.47 -20.07
N SER A 605 4.38 27.50 -19.37
CA SER A 605 5.55 26.73 -19.82
C SER A 605 5.45 25.27 -19.34
N THR A 606 4.42 24.59 -19.84
CA THR A 606 4.14 23.19 -19.50
C THR A 606 4.06 22.26 -20.71
N GLY A 607 4.10 22.81 -21.93
CA GLY A 607 3.88 22.03 -23.14
C GLY A 607 5.01 21.08 -23.48
N ALA A 608 4.72 20.17 -24.41
CA ALA A 608 5.67 19.19 -24.84
C ALA A 608 5.43 18.71 -26.27
N GLY A 609 6.49 18.21 -26.89
CA GLY A 609 6.39 17.71 -28.26
C GLY A 609 7.70 17.16 -28.77
N LEU A 610 7.75 16.94 -30.08
CA LEU A 610 8.89 16.31 -30.72
C LEU A 610 9.87 17.33 -31.27
N LEU A 611 11.15 16.99 -31.18
CA LEU A 611 12.23 17.81 -31.71
C LEU A 611 12.83 17.07 -32.89
N ALA A 612 13.20 17.83 -33.92
CA ALA A 612 13.80 17.27 -35.13
C ALA A 612 14.83 18.23 -35.67
N ASP A 613 16.01 17.71 -36.01
CA ASP A 613 17.07 18.52 -36.62
C ASP A 613 17.79 17.71 -37.68
N GLY A 614 17.86 18.28 -38.89
CA GLY A 614 18.50 17.60 -40.01
C GLY A 614 17.76 16.37 -40.48
N THR A 615 16.44 16.28 -40.25
CA THR A 615 15.63 15.23 -40.86
C THR A 615 15.25 15.69 -42.26
N THR A 616 15.40 14.78 -43.22
CA THR A 616 15.18 15.06 -44.64
C THR A 616 14.32 13.96 -45.25
N ALA A 617 14.06 14.07 -46.56
CA ALA A 617 13.40 12.99 -47.30
C ALA A 617 14.19 11.67 -47.23
N GLY A 618 15.51 11.77 -47.21
CA GLY A 618 16.40 10.61 -47.15
C GLY A 618 16.83 10.19 -45.75
N ASP A 619 16.94 11.15 -44.82
CA ASP A 619 17.43 10.86 -43.45
C ASP A 619 16.23 11.08 -42.52
N VAL A 620 15.48 10.01 -42.30
CA VAL A 620 14.18 10.07 -41.67
C VAL A 620 14.26 9.45 -40.26
N VAL A 621 13.53 10.02 -39.31
CA VAL A 621 13.43 9.44 -37.96
C VAL A 621 11.98 9.08 -37.70
N GLY A 622 11.74 7.78 -37.50
CA GLY A 622 10.41 7.28 -37.26
C GLY A 622 10.18 7.22 -35.76
N VAL A 623 9.15 7.92 -35.30
CA VAL A 623 8.81 7.93 -33.89
C VAL A 623 7.51 7.16 -33.69
N SER A 624 7.53 6.17 -32.79
CA SER A 624 6.37 5.34 -32.48
C SER A 624 6.32 5.04 -30.99
N GLY A 625 5.28 4.32 -30.56
CA GLY A 625 5.05 4.03 -29.14
C GLY A 625 4.93 5.29 -28.31
N LEU A 626 4.37 6.35 -28.90
CA LEU A 626 4.28 7.65 -28.26
C LEU A 626 3.11 7.69 -27.29
N GLU A 627 3.38 8.14 -26.07
CA GLU A 627 2.36 8.23 -25.03
C GLU A 627 2.66 9.38 -24.08
N LEU A 628 1.62 10.13 -23.73
CA LEU A 628 1.67 11.15 -22.71
C LEU A 628 0.83 10.69 -21.51
N TRP A 629 1.42 10.70 -20.31
CA TRP A 629 0.68 10.51 -19.06
C TRP A 629 0.60 11.83 -18.33
N ASP A 630 -0.57 12.47 -18.34
CA ASP A 630 -0.75 13.76 -17.68
C ASP A 630 -1.27 13.60 -16.24
N GLY A 631 -0.49 14.08 -15.27
CA GLY A 631 -0.92 14.15 -13.87
C GLY A 631 -0.06 13.37 -12.89
N LEU A 632 0.36 12.18 -13.27
CA LEU A 632 1.11 11.26 -12.40
C LEU A 632 0.32 10.98 -11.11
N VAL A 633 0.99 10.89 -9.97
CA VAL A 633 0.38 10.54 -8.68
C VAL A 633 0.74 11.62 -7.67
N ASP A 634 -0.20 11.96 -6.81
CA ASP A 634 0.07 12.75 -5.61
C ASP A 634 0.84 11.84 -4.61
N ALA A 635 2.16 11.97 -4.55
CA ALA A 635 3.00 11.05 -3.74
C ALA A 635 2.86 11.19 -2.23
N TRP A 636 2.34 12.33 -1.75
CA TRP A 636 2.22 12.61 -0.32
C TRP A 636 0.77 13.03 -0.01
N PRO A 637 -0.17 12.08 -0.09
CA PRO A 637 -1.59 12.44 -0.01
C PRO A 637 -1.99 13.10 1.29
N ALA A 638 -1.32 12.80 2.41
CA ALA A 638 -1.65 13.42 3.68
C ALA A 638 -1.09 14.83 3.84
N ARG A 639 -0.12 15.24 3.03
CA ARG A 639 0.49 16.56 3.17
C ARG A 639 -0.37 17.61 2.49
N PRO A 640 -0.59 18.77 3.14
CA PRO A 640 -1.15 19.90 2.37
C PRO A 640 -0.16 20.42 1.32
N ALA A 641 -0.62 21.33 0.46
CA ALA A 641 0.22 21.87 -0.62
C ALA A 641 1.47 22.56 -0.06
N ASN A 642 1.30 23.31 1.01
CA ASN A 642 2.39 24.03 1.65
C ASN A 642 2.70 23.45 3.01
N THR A 643 3.77 22.67 3.09
CA THR A 643 4.24 22.07 4.35
C THR A 643 5.43 22.82 4.94
N SER A 644 5.71 24.04 4.46
CA SER A 644 6.69 24.89 5.12
C SER A 644 6.32 25.12 6.59
N GLN A 645 7.32 25.15 7.45
CA GLN A 645 7.14 25.62 8.83
C GLN A 645 7.94 26.87 9.07
N GLY A 646 8.32 27.57 8.01
CA GLY A 646 9.22 28.71 8.14
C GLY A 646 10.67 28.28 8.20
N LEU A 647 11.55 29.27 8.14
CA LEU A 647 12.99 29.06 8.18
C LEU A 647 13.56 29.78 9.38
N VAL A 648 14.66 29.25 9.92
CA VAL A 648 15.29 29.85 11.09
C VAL A 648 16.78 30.02 10.86
N TRP A 649 17.37 30.90 11.65
CA TRP A 649 18.80 31.15 11.65
C TRP A 649 19.39 30.64 12.97
N ASP A 650 20.53 29.96 12.88
CA ASP A 650 21.22 29.44 14.07
C ASP A 650 21.83 30.55 14.94
N GLY A 651 22.00 31.74 14.36
CA GLY A 651 22.57 32.86 15.08
C GLY A 651 24.07 32.96 14.92
N PRO A 652 24.69 33.90 15.63
CA PRO A 652 26.13 34.15 15.49
C PRO A 652 27.03 32.98 15.88
N THR A 653 26.56 32.05 16.70
CA THR A 653 27.38 30.89 17.07
C THR A 653 27.66 29.93 15.90
N ALA A 654 26.86 29.96 14.84
CA ALA A 654 27.11 29.05 13.72
C ALA A 654 28.50 29.26 13.13
N ALA A 655 28.87 30.53 12.93
CA ALA A 655 30.20 30.89 12.44
C ALA A 655 31.29 30.60 13.46
N MET A 656 31.00 30.76 14.74
CA MET A 656 31.96 30.42 15.80
C MET A 656 32.30 28.94 15.82
N TYR A 657 31.28 28.09 15.75
CA TYR A 657 31.51 26.64 15.72
C TYR A 657 32.10 26.22 14.38
N GLY A 658 31.69 26.87 13.30
CA GLY A 658 32.25 26.64 11.97
C GLY A 658 31.85 25.31 11.31
N LEU A 659 30.81 24.67 11.82
CA LEU A 659 30.41 23.34 11.34
C LEU A 659 29.33 23.42 10.28
N PHE A 660 28.37 24.33 10.48
CA PHE A 660 27.19 24.45 9.66
C PHE A 660 27.04 25.90 9.20
N ALA A 661 26.51 26.10 7.99
CA ALA A 661 26.25 27.45 7.49
C ALA A 661 25.40 28.26 8.48
N GLY A 662 24.39 27.61 9.05
CA GLY A 662 23.52 28.23 10.05
C GLY A 662 22.14 28.65 9.53
N TYR A 663 21.88 28.44 8.24
CA TYR A 663 20.57 28.76 7.65
C TYR A 663 20.19 27.72 6.63
N CYS B 40 -3.28 -35.70 23.46
CA CYS B 40 -3.62 -34.90 22.24
C CYS B 40 -2.64 -35.15 21.10
N SER B 41 -3.12 -35.82 20.05
CA SER B 41 -2.37 -35.99 18.83
C SER B 41 -2.84 -34.94 17.81
N LEU B 42 -1.88 -34.37 17.09
CA LEU B 42 -2.17 -33.44 16.01
C LEU B 42 -1.87 -34.09 14.64
N ASP B 43 -2.00 -35.40 14.57
CA ASP B 43 -1.75 -36.14 13.34
C ASP B 43 -2.98 -36.00 12.44
N GLN B 44 -2.84 -35.19 11.40
CA GLN B 44 -3.95 -34.97 10.45
C GLN B 44 -3.96 -35.98 9.27
N THR B 45 -3.16 -37.04 9.36
CA THR B 45 -3.23 -38.15 8.40
C THR B 45 -4.12 -39.28 8.89
N VAL B 46 -4.61 -39.19 10.13
CA VAL B 46 -5.53 -40.18 10.70
C VAL B 46 -6.74 -39.46 11.29
N ALA B 47 -7.74 -40.23 11.69
CA ALA B 47 -8.96 -39.67 12.29
C ALA B 47 -8.63 -38.83 13.51
N PRO B 48 -9.45 -37.79 13.79
CA PRO B 48 -9.19 -36.95 14.97
C PRO B 48 -9.47 -37.71 16.25
N GLY B 49 -8.63 -37.53 17.25
CA GLY B 49 -8.90 -38.06 18.57
C GLY B 49 -9.89 -37.19 19.32
N ASN B 50 -9.76 -37.21 20.64
CA ASN B 50 -10.49 -36.30 21.50
C ASN B 50 -9.68 -35.00 21.57
N LEU B 51 -10.08 -34.02 20.76
CA LEU B 51 -9.35 -32.75 20.68
C LEU B 51 -9.57 -31.83 21.89
N THR B 52 -10.59 -32.11 22.72
CA THR B 52 -10.79 -31.37 23.97
C THR B 52 -9.66 -31.61 24.99
N LEU B 53 -8.87 -32.66 24.80
CA LEU B 53 -7.69 -32.91 25.63
C LEU B 53 -6.48 -32.05 25.26
N CYS B 54 -6.53 -31.41 24.09
CA CYS B 54 -5.44 -30.56 23.63
C CYS B 54 -5.33 -29.27 24.45
N GLY B 55 -4.12 -28.75 24.56
CA GLY B 55 -3.86 -27.54 25.34
C GLY B 55 -4.34 -26.27 24.64
N ASN B 56 -4.18 -25.15 25.34
CA ASN B 56 -4.62 -23.85 24.82
C ASN B 56 -3.82 -23.50 23.57
N ALA B 57 -4.52 -23.09 22.51
CA ALA B 57 -3.87 -22.62 21.27
C ALA B 57 -3.01 -23.69 20.55
N THR B 58 -3.23 -24.97 20.87
CA THR B 58 -2.55 -26.06 20.16
C THR B 58 -3.12 -26.26 18.76
N LEU B 59 -4.36 -25.82 18.54
CA LEU B 59 -4.97 -25.83 17.21
C LEU B 59 -4.98 -24.42 16.57
N PHE B 60 -4.02 -23.57 16.92
CA PHE B 60 -4.03 -22.17 16.47
C PHE B 60 -3.99 -22.04 14.95
N THR B 61 -3.06 -22.73 14.32
CA THR B 61 -2.90 -22.64 12.85
C THR B 61 -3.78 -23.60 12.04
N THR B 62 -4.40 -24.58 12.70
CA THR B 62 -5.04 -25.70 11.99
C THR B 62 -6.15 -25.27 11.03
N PHE B 63 -7.03 -24.39 11.51
CA PHE B 63 -8.19 -23.94 10.74
C PHE B 63 -8.17 -22.43 10.46
N ARG B 64 -7.03 -21.78 10.67
CA ARG B 64 -7.00 -20.32 10.78
C ARG B 64 -6.93 -19.64 9.41
N PRO B 65 -7.82 -18.68 9.15
CA PRO B 65 -7.68 -17.89 7.91
C PRO B 65 -6.33 -17.16 7.83
N LYS B 66 -5.78 -17.05 6.62
CA LYS B 66 -4.51 -16.37 6.35
C LYS B 66 -4.63 -15.16 5.42
N ALA B 67 -5.75 -15.03 4.69
CA ALA B 67 -5.87 -14.08 3.59
C ALA B 67 -6.86 -12.95 3.84
N ARG B 68 -7.25 -12.76 5.11
CA ARG B 68 -8.25 -11.78 5.48
C ARG B 68 -7.94 -11.11 6.81
N PHE B 69 -8.74 -10.10 7.13
CA PHE B 69 -8.61 -9.39 8.39
C PHE B 69 -9.03 -10.30 9.54
N ILE B 70 -8.16 -10.42 10.52
CA ILE B 70 -8.40 -11.18 11.73
C ILE B 70 -7.49 -10.61 12.83
N ALA B 71 -7.94 -10.65 14.08
CA ALA B 71 -7.13 -10.22 15.22
C ALA B 71 -5.88 -11.12 15.35
N PRO B 72 -4.82 -10.63 16.01
CA PRO B 72 -3.65 -11.49 16.22
C PRO B 72 -3.97 -12.76 17.03
N GLU B 73 -4.90 -12.66 17.97
CA GLU B 73 -5.29 -13.78 18.81
C GLU B 73 -6.54 -13.40 19.60
N GLY B 74 -7.13 -14.38 20.24
CA GLY B 74 -8.24 -14.12 21.14
C GLY B 74 -9.55 -13.83 20.45
N TRP B 75 -10.45 -13.20 21.21
CA TRP B 75 -11.80 -12.95 20.77
C TRP B 75 -11.89 -11.66 19.95
N MET B 76 -12.61 -11.73 18.83
CA MET B 76 -13.05 -10.53 18.13
C MET B 76 -14.52 -10.66 17.72
N ASN B 77 -15.19 -9.51 17.61
CA ASN B 77 -16.48 -9.46 16.94
C ASN B 77 -16.58 -8.26 15.98
N ALA B 78 -17.54 -7.35 16.17
CA ALA B 78 -17.90 -6.37 15.17
C ALA B 78 -16.74 -5.47 14.70
N PRO B 79 -16.66 -5.21 13.38
CA PRO B 79 -15.87 -4.08 12.90
C PRO B 79 -16.36 -2.77 13.52
N MET B 80 -15.43 -1.82 13.68
CA MET B 80 -15.75 -0.51 14.23
C MET B 80 -14.70 0.51 13.82
N GLY B 81 -15.03 1.78 13.99
CA GLY B 81 -14.11 2.89 13.77
C GLY B 81 -13.45 2.91 12.40
N LEU B 82 -14.20 2.52 11.38
CA LEU B 82 -13.66 2.40 10.02
C LEU B 82 -13.55 3.77 9.38
N TYR B 83 -12.38 4.09 8.85
CA TYR B 83 -12.24 5.31 8.05
C TYR B 83 -11.01 5.28 7.18
N GLN B 84 -11.10 6.02 6.07
CA GLN B 84 -9.93 6.23 5.21
C GLN B 84 -9.16 7.42 5.77
N ARG B 85 -7.90 7.17 6.11
CA ARG B 85 -7.05 8.19 6.72
C ARG B 85 -6.57 9.19 5.65
N ALA B 86 -5.98 10.29 6.10
CA ALA B 86 -5.53 11.36 5.19
C ALA B 86 -4.52 10.87 4.11
N ASP B 87 -3.72 9.87 4.45
CA ASP B 87 -2.75 9.31 3.49
C ASP B 87 -3.35 8.29 2.52
N GLY B 88 -4.67 8.08 2.58
CA GLY B 88 -5.36 7.16 1.70
C GLY B 88 -5.45 5.74 2.24
N SER B 89 -4.73 5.44 3.32
CA SER B 89 -4.80 4.10 3.92
C SER B 89 -6.13 3.90 4.68
N ILE B 90 -6.44 2.65 4.94
CA ILE B 90 -7.68 2.28 5.63
C ILE B 90 -7.37 1.91 7.08
N HIS B 91 -8.06 2.58 8.01
CA HIS B 91 -8.02 2.24 9.43
C HIS B 91 -9.24 1.37 9.74
N ALA B 92 -8.99 0.18 10.28
CA ALA B 92 -10.06 -0.72 10.69
C ALA B 92 -9.90 -1.03 12.16
N GLY B 93 -10.96 -0.76 12.91
CA GLY B 93 -11.06 -1.19 14.29
C GLY B 93 -11.94 -2.43 14.39
N TYR B 94 -11.87 -3.07 15.55
CA TYR B 94 -12.75 -4.18 15.85
C TYR B 94 -12.92 -4.41 17.34
N GLN B 95 -14.09 -4.91 17.71
CA GLN B 95 -14.37 -5.33 19.07
C GLN B 95 -13.43 -6.46 19.40
N SER B 96 -12.70 -6.33 20.51
CA SER B 96 -11.57 -7.18 20.82
C SER B 96 -11.49 -7.53 22.31
N HIS B 97 -11.22 -8.79 22.60
CA HIS B 97 -10.89 -9.26 23.96
C HIS B 97 -9.66 -10.19 23.88
N PRO B 98 -8.45 -9.59 23.92
CA PRO B 98 -7.23 -10.38 23.82
C PRO B 98 -7.08 -11.41 24.94
N LYS B 99 -6.43 -12.53 24.62
CA LYS B 99 -6.09 -13.58 25.60
C LYS B 99 -7.31 -14.24 26.26
N HIS B 100 -8.46 -14.12 25.61
CA HIS B 100 -9.72 -14.74 26.03
C HIS B 100 -10.36 -15.29 24.75
N ILE B 101 -11.26 -16.26 24.90
CA ILE B 101 -12.02 -16.78 23.74
C ILE B 101 -13.53 -16.57 23.85
N GLN B 102 -13.96 -15.79 24.85
CA GLN B 102 -15.31 -15.26 24.92
C GLN B 102 -15.23 -13.76 25.11
N TRP B 103 -16.34 -13.09 24.80
CA TRP B 103 -16.47 -11.64 24.88
C TRP B 103 -16.26 -11.09 26.30
N GLY B 104 -15.71 -9.88 26.39
CA GLY B 104 -15.58 -9.21 27.68
C GLY B 104 -14.60 -8.06 27.58
N ASN B 105 -14.61 -7.19 28.58
CA ASN B 105 -13.78 -5.97 28.62
C ASN B 105 -13.62 -5.36 27.24
N ILE B 106 -14.72 -5.22 26.53
CA ILE B 106 -14.62 -5.13 25.09
C ILE B 106 -13.97 -3.80 24.71
N SER B 107 -13.02 -3.89 23.79
CA SER B 107 -12.10 -2.81 23.44
C SER B 107 -12.00 -2.70 21.92
N GLN B 108 -11.42 -1.60 21.44
CA GLN B 108 -11.08 -1.47 20.02
C GLN B 108 -9.65 -1.96 19.79
N GLY B 109 -9.54 -3.09 19.08
CA GLY B 109 -8.28 -3.48 18.43
C GLY B 109 -8.24 -2.79 17.07
N ALA B 110 -7.04 -2.55 16.54
CA ALA B 110 -6.95 -1.80 15.28
C ALA B 110 -5.76 -2.18 14.43
N ALA B 111 -5.90 -1.92 13.14
CA ALA B 111 -4.84 -2.15 12.16
C ALA B 111 -5.09 -1.25 10.95
N TYR B 112 -4.12 -1.19 10.05
CA TYR B 112 -4.24 -0.37 8.85
C TYR B 112 -3.71 -1.08 7.61
N SER B 113 -4.17 -0.62 6.45
CA SER B 113 -3.84 -1.19 5.16
C SER B 113 -3.92 -0.14 4.07
N SER B 114 -3.05 -0.22 3.08
CA SER B 114 -3.15 0.67 1.92
C SER B 114 -4.06 0.11 0.81
N ASP B 115 -4.49 -1.14 0.91
CA ASP B 115 -5.22 -1.80 -0.18
C ASP B 115 -6.35 -2.76 0.24
N PHE B 116 -6.85 -2.59 1.48
CA PHE B 116 -7.84 -3.50 2.10
C PHE B 116 -7.37 -4.94 2.36
N THR B 117 -6.15 -5.28 1.96
CA THR B 117 -5.79 -6.67 1.74
C THR B 117 -4.60 -7.11 2.57
N SER B 118 -3.52 -6.32 2.55
CA SER B 118 -2.34 -6.56 3.36
C SER B 118 -2.38 -5.57 4.52
N TRP B 119 -2.33 -6.09 5.74
CA TRP B 119 -2.56 -5.29 6.97
C TRP B 119 -1.36 -5.26 7.89
N THR B 120 -1.32 -4.23 8.73
CA THR B 120 -0.32 -4.07 9.77
C THR B 120 -1.01 -3.69 11.07
N ASP B 121 -0.70 -4.39 12.15
CA ASP B 121 -1.26 -4.09 13.47
C ASP B 121 -0.69 -2.79 14.02
N PHE B 122 -1.50 -2.01 14.72
CA PHE B 122 -0.97 -0.99 15.61
C PHE B 122 -0.30 -1.69 16.80
N ASN B 123 0.73 -1.06 17.35
CA ASN B 123 1.42 -1.57 18.54
C ASN B 123 1.73 -0.40 19.45
N GLY B 124 1.08 -0.36 20.61
CA GLY B 124 1.24 0.71 21.59
C GLY B 124 1.34 0.12 22.97
N SER B 125 1.03 0.93 23.97
CA SER B 125 1.17 0.49 25.36
C SER B 125 0.22 -0.65 25.71
N GLU B 126 -0.92 -0.76 24.99
CA GLU B 126 -1.85 -1.86 25.18
C GLU B 126 -1.84 -2.84 24.00
N GLY B 127 -0.66 -3.08 23.44
CA GLY B 127 -0.53 -3.99 22.31
C GLY B 127 -1.24 -3.46 21.08
N TYR B 128 -2.18 -4.23 20.55
CA TYR B 128 -2.94 -3.84 19.36
C TYR B 128 -4.26 -3.15 19.69
N LYS B 129 -4.56 -2.97 20.98
CA LYS B 129 -5.69 -2.17 21.39
C LYS B 129 -5.38 -0.69 21.27
N THR B 130 -6.39 0.10 20.93
CA THR B 130 -6.27 1.57 20.92
C THR B 130 -7.35 2.31 21.71
N ILE B 131 -8.45 1.64 22.07
CA ILE B 131 -9.42 2.19 23.03
C ILE B 131 -9.88 1.03 23.92
N TRP B 132 -10.01 1.30 25.21
CA TRP B 132 -10.36 0.26 26.19
C TRP B 132 -11.20 0.88 27.31
N PRO B 133 -11.99 0.05 28.01
CA PRO B 133 -12.70 0.54 29.19
C PRO B 133 -11.75 1.20 30.20
N SER B 134 -12.06 2.42 30.61
CA SER B 134 -11.20 3.16 31.55
C SER B 134 -11.89 4.18 32.47
N GLN B 135 -13.19 4.41 32.29
CA GLN B 135 -13.92 5.47 32.98
C GLN B 135 -15.23 4.87 33.45
N ILE B 136 -15.84 5.46 34.47
CA ILE B 136 -17.12 4.93 34.98
C ILE B 136 -18.17 4.76 33.86
N TYR B 137 -18.14 5.67 32.89
CA TYR B 137 -19.12 5.67 31.79
C TYR B 137 -18.90 4.60 30.72
N ASP B 138 -17.66 4.07 30.58
CA ASP B 138 -17.39 3.00 29.63
C ASP B 138 -16.71 1.76 30.20
N ILE B 139 -16.65 1.64 31.53
CA ILE B 139 -15.89 0.56 32.17
C ILE B 139 -16.42 -0.85 31.86
N ARG B 140 -17.70 -0.96 31.48
CA ARG B 140 -18.30 -2.25 31.18
C ARG B 140 -18.05 -2.67 29.73
N GLY B 141 -17.51 -1.77 28.89
CA GLY B 141 -17.21 -2.09 27.51
C GLY B 141 -17.23 -0.85 26.63
N VAL B 142 -16.24 -0.78 25.74
CA VAL B 142 -16.19 0.18 24.65
C VAL B 142 -16.81 -0.55 23.46
N PHE B 143 -18.10 -0.28 23.25
CA PHE B 143 -18.90 -0.94 22.21
C PHE B 143 -18.63 -0.25 20.86
N ASP B 144 -19.40 -0.63 19.84
CA ASP B 144 -19.24 -0.13 18.48
C ASP B 144 -19.31 1.39 18.42
N GLY B 145 -18.59 1.95 17.45
CA GLY B 145 -18.61 3.38 17.17
C GLY B 145 -18.13 3.66 15.75
N SER B 146 -18.29 4.90 15.31
CA SER B 146 -17.98 5.32 13.97
C SER B 146 -17.31 6.68 13.97
N ILE B 147 -16.78 7.08 12.82
CA ILE B 147 -15.80 8.14 12.74
C ILE B 147 -16.36 9.42 12.13
N ILE B 148 -16.15 10.52 12.85
CA ILE B 148 -16.28 11.88 12.32
C ILE B 148 -14.88 12.25 11.82
N LYS B 149 -14.70 12.35 10.51
CA LYS B 149 -13.35 12.53 9.96
C LYS B 149 -12.75 13.88 10.33
N GLU B 150 -13.56 14.93 10.33
CA GLU B 150 -13.13 16.25 10.79
C GLU B 150 -13.87 16.65 12.05
N GLY B 151 -13.35 16.18 13.19
CA GLY B 151 -14.04 16.29 14.46
C GLY B 151 -13.39 17.27 15.40
N ILE B 152 -13.18 16.84 16.64
CA ILE B 152 -12.65 17.70 17.71
C ILE B 152 -11.29 18.27 17.27
N ASP B 153 -11.17 19.60 17.29
CA ASP B 153 -9.95 20.30 16.86
C ASP B 153 -9.47 19.91 15.45
N GLY B 154 -10.39 19.51 14.59
CA GLY B 154 -10.08 19.04 13.25
C GLY B 154 -9.57 17.61 13.12
N TYR B 155 -9.51 16.86 14.22
CA TYR B 155 -8.96 15.51 14.21
C TYR B 155 -10.03 14.45 13.99
N PRO B 156 -9.66 13.30 13.41
CA PRO B 156 -10.61 12.20 13.38
C PRO B 156 -11.10 11.87 14.78
N THR B 157 -12.42 11.69 14.90
CA THR B 157 -13.10 11.60 16.17
C THR B 157 -14.08 10.43 16.09
N ILE B 158 -14.07 9.58 17.11
CA ILE B 158 -14.97 8.43 17.18
C ILE B 158 -16.12 8.77 18.15
N LEU B 159 -17.34 8.49 17.71
CA LEU B 159 -18.51 8.49 18.59
C LEU B 159 -18.83 7.03 18.80
N TYR B 160 -18.80 6.58 20.07
CA TYR B 160 -18.94 5.16 20.41
C TYR B 160 -19.87 4.95 21.59
N THR B 161 -20.40 3.74 21.69
CA THR B 161 -21.24 3.41 22.82
C THR B 161 -20.38 3.05 24.03
N SER B 162 -20.47 3.90 25.03
CA SER B 162 -19.83 3.72 26.30
C SER B 162 -20.80 3.04 27.24
N THR B 163 -20.43 1.87 27.76
CA THR B 163 -21.32 1.10 28.64
C THR B 163 -20.84 1.08 30.09
N SER B 164 -21.81 1.15 31.00
CA SER B 164 -21.55 1.02 32.43
C SER B 164 -22.37 -0.14 33.00
N PHE B 165 -22.58 -0.16 34.31
N PHE B 165 -22.57 -0.18 34.31
CA PHE B 165 -23.20 -1.29 34.98
CA PHE B 165 -23.19 -1.33 34.99
C PHE B 165 -24.71 -1.40 34.71
C PHE B 165 -24.70 -1.40 34.73
N GLY B 166 -25.24 -2.58 34.95
CA GLY B 166 -26.69 -2.83 34.94
C GLY B 166 -27.04 -3.86 33.88
N PRO B 167 -28.27 -4.43 33.95
CA PRO B 167 -28.72 -5.31 32.88
C PRO B 167 -28.59 -4.64 31.51
N LEU B 168 -28.03 -5.34 30.54
CA LEU B 168 -27.80 -4.80 29.21
C LEU B 168 -28.19 -5.86 28.19
N GLY B 169 -29.32 -5.64 27.53
CA GLY B 169 -29.77 -6.57 26.50
C GLY B 169 -31.23 -6.38 26.13
N ALA B 170 -31.55 -6.76 24.90
CA ALA B 170 -32.89 -6.62 24.35
C ALA B 170 -33.95 -7.44 25.07
N THR B 171 -33.54 -8.55 25.69
CA THR B 171 -34.46 -9.40 26.46
C THR B 171 -34.40 -9.15 27.97
N LEU B 172 -33.62 -8.16 28.42
CA LEU B 172 -33.47 -7.82 29.83
C LEU B 172 -34.16 -6.50 30.12
N ASN B 173 -34.20 -6.12 31.40
CA ASN B 173 -34.78 -4.85 31.81
C ASN B 173 -33.69 -3.79 31.95
N GLU B 174 -33.20 -3.31 30.82
CA GLU B 174 -32.15 -2.29 30.80
C GLU B 174 -32.69 -0.96 31.25
N ALA B 175 -31.85 -0.18 31.91
CA ALA B 175 -32.19 1.16 32.36
C ALA B 175 -31.29 2.17 31.69
N GLU B 176 -31.78 3.40 31.66
CA GLU B 176 -31.08 4.54 31.12
C GLU B 176 -29.74 4.73 31.85
N GLY B 177 -28.69 5.06 31.09
CA GLY B 177 -27.34 5.24 31.63
C GLY B 177 -26.41 4.05 31.39
N THR B 178 -26.97 2.85 31.32
CA THR B 178 -26.16 1.67 31.07
C THR B 178 -25.45 1.75 29.72
N GLU B 179 -26.16 2.25 28.71
CA GLU B 179 -25.58 2.54 27.40
C GLU B 179 -25.67 4.03 27.12
N THR B 180 -24.52 4.67 26.96
CA THR B 180 -24.45 6.08 26.57
C THR B 180 -23.53 6.20 25.37
N GLN B 181 -23.38 7.40 24.82
CA GLN B 181 -22.53 7.62 23.66
C GLN B 181 -21.49 8.70 23.99
N SER B 182 -20.23 8.40 23.66
CA SER B 182 -19.10 9.22 24.06
C SER B 182 -18.16 9.47 22.89
N LEU B 183 -17.35 10.51 23.04
CA LEU B 183 -16.38 10.91 22.02
C LEU B 183 -14.92 10.70 22.46
N ALA B 184 -14.11 10.35 21.48
CA ALA B 184 -12.65 10.38 21.61
C ALA B 184 -12.07 10.79 20.28
N TYR B 185 -10.89 11.39 20.30
CA TYR B 185 -10.23 11.84 19.06
C TYR B 185 -8.78 11.38 19.03
N THR B 186 -8.21 11.32 17.84
CA THR B 186 -6.83 10.89 17.64
C THR B 186 -5.98 11.97 17.00
N THR B 187 -4.82 12.24 17.62
CA THR B 187 -3.84 13.18 17.06
C THR B 187 -2.71 12.46 16.34
N ASP B 188 -2.77 11.14 16.26
CA ASP B 188 -1.71 10.33 15.65
C ASP B 188 -2.26 9.26 14.70
N ASP B 189 -3.32 9.62 13.98
CA ASP B 189 -3.89 8.78 12.92
C ASP B 189 -4.29 7.38 13.38
N GLY B 190 -4.82 7.30 14.61
CA GLY B 190 -5.36 6.04 15.14
C GLY B 190 -4.42 5.21 16.00
N ALA B 191 -3.18 5.66 16.21
CA ALA B 191 -2.29 4.94 17.14
C ALA B 191 -2.82 5.05 18.57
N SER B 192 -3.44 6.18 18.91
CA SER B 192 -4.07 6.34 20.22
C SER B 192 -5.28 7.28 20.11
N TRP B 193 -6.15 7.22 21.11
CA TRP B 193 -7.33 8.07 21.17
C TRP B 193 -7.40 8.73 22.55
N ILE B 194 -7.82 9.99 22.55
CA ILE B 194 -8.01 10.76 23.77
C ILE B 194 -9.51 10.98 23.95
N LYS B 195 -10.05 10.51 25.07
CA LYS B 195 -11.46 10.68 25.38
C LYS B 195 -11.66 12.07 25.93
N LEU B 196 -12.81 12.68 25.63
CA LEU B 196 -13.21 13.88 26.36
C LEU B 196 -13.36 13.51 27.84
N GLY B 197 -13.26 14.51 28.72
CA GLY B 197 -13.41 14.30 30.15
C GLY B 197 -14.81 13.82 30.52
N TYR B 198 -14.93 13.17 31.67
CA TYR B 198 -16.23 12.81 32.20
C TYR B 198 -16.87 14.03 32.84
N GLY B 199 -18.11 14.33 32.47
CA GLY B 199 -18.88 15.32 33.22
C GLY B 199 -19.86 16.12 32.38
N ALA B 200 -20.45 17.12 33.04
CA ALA B 200 -21.47 17.97 32.42
C ALA B 200 -20.86 18.72 31.25
N GLY B 201 -21.50 18.63 30.08
CA GLY B 201 -21.01 19.29 28.88
C GLY B 201 -19.82 18.58 28.23
N GLN B 202 -19.50 17.38 28.71
CA GLN B 202 -18.41 16.57 28.16
C GLN B 202 -18.95 15.13 28.00
N ASN B 203 -18.12 14.10 28.20
CA ASN B 203 -18.60 12.73 28.07
C ASN B 203 -19.44 12.25 29.24
N PRO B 204 -20.42 11.37 29.00
CA PRO B 204 -20.92 11.01 27.67
C PRO B 204 -21.76 12.14 27.08
N VAL B 205 -21.76 12.24 25.75
CA VAL B 205 -22.44 13.34 25.06
C VAL B 205 -23.92 13.04 24.74
N ILE B 206 -24.27 11.77 24.60
CA ILE B 206 -25.68 11.37 24.46
C ILE B 206 -25.97 10.31 25.51
N TYR B 207 -26.93 10.60 26.37
CA TYR B 207 -27.26 9.73 27.52
C TYR B 207 -28.76 9.58 27.79
N GLU B 208 -29.58 10.56 27.43
CA GLU B 208 -31.03 10.46 27.58
C GLU B 208 -31.63 9.53 26.54
N TRP B 209 -32.44 8.58 26.99
CA TRP B 209 -33.23 7.76 26.08
C TRP B 209 -34.25 8.63 25.35
N PRO B 210 -34.31 8.54 24.00
CA PRO B 210 -35.28 9.33 23.26
C PRO B 210 -36.73 8.84 23.38
N GLU B 211 -36.93 7.58 23.74
CA GLU B 211 -38.26 7.04 24.00
C GLU B 211 -38.11 6.09 25.20
N THR B 212 -39.22 5.77 25.87
CA THR B 212 -39.18 4.90 27.04
C THR B 212 -39.05 3.42 26.67
N ASN B 213 -38.64 2.62 27.64
CA ASN B 213 -38.62 1.15 27.54
C ASN B 213 -37.85 0.60 26.33
N LEU B 214 -36.66 1.16 26.11
CA LEU B 214 -35.80 0.71 25.01
C LEU B 214 -35.28 -0.70 25.24
N THR B 215 -35.18 -1.44 24.15
CA THR B 215 -34.54 -2.75 24.13
C THR B 215 -33.02 -2.58 23.96
N GLY B 216 -32.58 -1.43 23.47
CA GLY B 216 -31.15 -1.17 23.23
C GLY B 216 -30.95 0.26 22.81
N PHE B 217 -29.71 0.74 22.93
CA PHE B 217 -29.40 2.15 22.65
C PHE B 217 -27.90 2.26 22.37
N ARG B 218 -27.50 1.84 21.17
CA ARG B 218 -26.09 1.68 20.86
C ARG B 218 -25.75 1.77 19.38
N ASP B 219 -24.44 1.73 19.13
CA ASP B 219 -23.85 1.62 17.80
C ASP B 219 -24.09 2.88 16.96
N PRO B 220 -23.64 4.04 17.48
CA PRO B 220 -23.87 5.29 16.76
C PRO B 220 -23.15 5.31 15.42
N TYR B 221 -23.90 5.63 14.37
CA TYR B 221 -23.37 5.70 13.02
C TYR B 221 -23.43 7.14 12.57
N VAL B 222 -22.27 7.78 12.46
CA VAL B 222 -22.20 9.19 12.08
C VAL B 222 -21.97 9.30 10.59
N PHE B 223 -22.69 10.20 9.93
CA PHE B 223 -22.59 10.35 8.48
C PHE B 223 -23.02 11.75 8.04
N GLN B 224 -22.45 12.21 6.94
CA GLN B 224 -22.90 13.43 6.29
C GLN B 224 -23.91 13.03 5.23
N SER B 225 -24.84 13.94 4.95
CA SER B 225 -25.92 13.65 4.00
C SER B 225 -26.51 14.93 3.41
N PRO B 226 -25.98 15.38 2.26
CA PRO B 226 -26.64 16.44 1.47
C PRO B 226 -28.13 16.17 1.23
N ARG B 227 -28.46 14.89 0.99
CA ARG B 227 -29.84 14.43 0.87
C ARG B 227 -30.72 14.80 2.07
N LEU B 228 -30.31 14.38 3.27
CA LEU B 228 -31.09 14.68 4.47
C LEU B 228 -31.09 16.17 4.80
N GLU B 229 -29.97 16.86 4.58
CA GLU B 229 -29.90 18.31 4.76
C GLU B 229 -30.93 19.06 3.90
N ALA B 230 -31.00 18.68 2.61
CA ALA B 230 -31.97 19.28 1.68
C ALA B 230 -33.41 19.03 2.12
N LEU B 231 -33.70 17.80 2.55
CA LEU B 231 -35.04 17.44 3.03
C LEU B 231 -35.46 18.17 4.31
N LEU B 232 -34.50 18.46 5.19
CA LEU B 232 -34.79 19.09 6.48
C LEU B 232 -34.64 20.61 6.48
N ALA B 233 -34.10 21.18 5.40
CA ALA B 233 -33.78 22.62 5.34
C ALA B 233 -34.95 23.53 5.67
N ASN B 234 -36.15 23.19 5.20
CA ASN B 234 -37.35 23.99 5.49
C ASN B 234 -37.92 23.82 6.92
N THR B 235 -37.37 22.89 7.71
CA THR B 235 -37.82 22.62 9.09
C THR B 235 -36.82 22.98 10.20
N THR B 236 -35.67 23.57 9.87
CA THR B 236 -34.64 23.82 10.88
C THR B 236 -35.04 24.83 11.97
N SER B 237 -36.03 25.69 11.69
CA SER B 237 -36.64 26.53 12.73
C SER B 237 -37.36 25.75 13.81
N ILE B 238 -37.90 24.59 13.47
CA ILE B 238 -38.63 23.77 14.45
C ILE B 238 -37.68 23.15 15.48
N THR B 239 -36.55 22.61 15.00
CA THR B 239 -35.61 21.87 15.84
C THR B 239 -34.35 22.65 16.25
N ASN B 240 -33.99 23.68 15.48
CA ASN B 240 -32.72 24.41 15.61
C ASN B 240 -31.44 23.59 15.31
N ALA B 241 -31.59 22.37 14.79
CA ALA B 241 -30.44 21.52 14.48
C ALA B 241 -30.04 21.78 13.03
N THR B 242 -28.85 22.33 12.83
CA THR B 242 -28.37 22.75 11.51
C THR B 242 -27.00 22.20 11.14
N GLY B 243 -26.49 21.24 11.91
CA GLY B 243 -25.14 20.70 11.66
C GLY B 243 -25.08 19.85 10.40
N ASP B 244 -23.87 19.61 9.93
CA ASP B 244 -23.64 18.81 8.72
C ASP B 244 -23.41 17.32 8.98
N HIS B 245 -23.46 16.87 10.24
CA HIS B 245 -23.39 15.45 10.56
C HIS B 245 -24.71 14.98 11.16
N PHE B 246 -25.12 13.78 10.74
CA PHE B 246 -26.22 13.06 11.34
C PHE B 246 -25.68 11.84 12.08
N ALA B 247 -26.44 11.32 13.02
CA ALA B 247 -26.08 10.08 13.70
C ALA B 247 -27.33 9.24 13.94
N THR B 248 -27.27 7.97 13.58
CA THR B 248 -28.29 7.04 14.01
C THR B 248 -27.82 6.26 15.23
N ILE B 249 -28.76 5.90 16.10
CA ILE B 249 -28.51 4.99 17.21
C ILE B 249 -29.49 3.82 17.10
N SER B 250 -28.98 2.61 17.26
CA SER B 250 -29.72 1.40 17.01
C SER B 250 -30.40 0.91 18.29
N GLY B 251 -31.66 0.51 18.18
CA GLY B 251 -32.36 -0.04 19.31
C GLY B 251 -33.73 -0.60 18.97
N GLY B 252 -34.70 -0.28 19.82
CA GLY B 252 -36.05 -0.83 19.71
C GLY B 252 -36.83 -0.51 20.96
N VAL B 253 -38.07 -0.97 21.02
CA VAL B 253 -38.96 -0.72 22.16
C VAL B 253 -39.56 -2.05 22.61
N HIS B 254 -39.51 -2.30 23.91
CA HIS B 254 -39.96 -3.59 24.47
C HIS B 254 -41.37 -3.91 23.99
N GLY B 255 -41.53 -5.12 23.44
CA GLY B 255 -42.81 -5.57 22.91
C GLY B 255 -43.28 -4.97 21.61
N ASP B 256 -42.57 -3.98 21.05
CA ASP B 256 -43.09 -3.23 19.90
C ASP B 256 -42.10 -3.06 18.73
N GLY B 257 -41.09 -3.94 18.67
CA GLY B 257 -40.18 -4.00 17.53
C GLY B 257 -38.99 -3.04 17.58
N ALA B 258 -38.17 -3.14 16.55
CA ALA B 258 -36.92 -2.40 16.46
C ALA B 258 -37.12 -0.95 16.04
N ARG B 259 -36.11 -0.13 16.33
CA ARG B 259 -36.10 1.30 16.02
C ARG B 259 -34.68 1.71 15.65
N LEU B 260 -34.57 2.56 14.63
CA LEU B 260 -33.35 3.30 14.36
C LEU B 260 -33.64 4.76 14.62
N PHE B 261 -32.97 5.34 15.62
CA PHE B 261 -33.20 6.72 16.05
C PHE B 261 -32.28 7.66 15.32
N LEU B 262 -32.82 8.77 14.78
CA LEU B 262 -32.02 9.75 14.06
C LEU B 262 -31.76 10.98 14.91
N TYR B 263 -30.48 11.34 14.99
CA TYR B 263 -30.02 12.57 15.62
C TYR B 263 -29.37 13.43 14.56
N ARG B 264 -29.36 14.73 14.80
CA ARG B 264 -28.60 15.65 13.98
C ARG B 264 -27.72 16.50 14.88
N GLN B 265 -26.45 16.62 14.48
CA GLN B 265 -25.53 17.56 15.09
C GLN B 265 -26.19 18.92 15.17
N HIS B 266 -26.22 19.51 16.36
CA HIS B 266 -26.96 20.76 16.53
C HIS B 266 -26.34 21.91 15.75
N THR B 267 -25.01 22.04 15.82
CA THR B 267 -24.29 23.14 15.17
C THR B 267 -23.03 22.63 14.49
N THR B 268 -22.83 23.05 13.25
CA THR B 268 -21.63 22.69 12.49
C THR B 268 -20.37 23.09 13.27
N GLY B 269 -19.37 22.22 13.25
CA GLY B 269 -18.12 22.47 13.95
C GLY B 269 -18.14 22.27 15.46
N GLU B 270 -19.27 21.85 16.01
CA GLU B 270 -19.42 21.60 17.46
C GLU B 270 -19.97 20.19 17.67
N PHE B 271 -19.35 19.43 18.56
CA PHE B 271 -19.57 17.97 18.62
C PHE B 271 -20.18 17.43 19.91
N ILE B 272 -20.50 18.33 20.85
CA ILE B 272 -21.07 17.94 22.12
C ILE B 272 -22.59 17.74 21.99
N LYS B 273 -23.27 18.70 21.34
CA LYS B 273 -24.73 18.71 21.29
C LYS B 273 -25.30 18.01 20.04
N TRP B 274 -26.06 16.95 20.27
CA TRP B 274 -26.74 16.19 19.21
C TRP B 274 -28.23 16.22 19.53
N THR B 275 -29.05 16.56 18.54
CA THR B 275 -30.49 16.77 18.75
C THR B 275 -31.26 15.59 18.18
N TYR B 276 -32.03 14.91 19.03
CA TYR B 276 -32.91 13.84 18.59
C TYR B 276 -34.02 14.41 17.70
N LEU B 277 -34.12 13.90 16.48
CA LEU B 277 -35.17 14.31 15.56
C LEU B 277 -36.39 13.40 15.70
N GLY B 278 -36.16 12.10 15.57
CA GLY B 278 -37.23 11.12 15.64
C GLY B 278 -36.78 9.76 15.14
N PRO B 279 -37.66 8.75 15.18
CA PRO B 279 -37.33 7.43 14.64
C PRO B 279 -37.25 7.46 13.11
N LEU B 280 -36.17 6.90 12.58
CA LEU B 280 -35.93 6.86 11.15
C LEU B 280 -36.56 5.60 10.58
N VAL B 281 -36.28 4.47 11.21
CA VAL B 281 -36.85 3.18 10.80
C VAL B 281 -37.60 2.59 11.99
N THR B 282 -38.83 2.16 11.71
CA THR B 282 -39.69 1.54 12.71
C THR B 282 -40.21 0.28 12.09
N THR B 283 -39.91 -0.87 12.71
CA THR B 283 -40.43 -2.14 12.28
C THR B 283 -41.17 -2.81 13.43
N GLY B 284 -41.95 -3.83 13.11
CA GLY B 284 -42.80 -4.50 14.08
C GLY B 284 -42.10 -5.63 14.78
N TYR B 285 -42.64 -6.02 15.93
CA TYR B 285 -42.13 -7.13 16.74
C TYR B 285 -42.08 -8.44 15.94
N LYS B 286 -40.87 -8.91 15.65
CA LYS B 286 -40.62 -10.06 14.78
C LYS B 286 -41.35 -10.03 13.43
N GLU B 287 -41.54 -8.83 12.89
CA GLU B 287 -42.09 -8.62 11.56
C GLU B 287 -41.13 -9.17 10.51
N SER B 288 -41.67 -9.83 9.49
CA SER B 288 -40.88 -10.25 8.33
C SER B 288 -41.48 -9.66 7.06
N TYR B 289 -40.62 -9.08 6.23
CA TYR B 289 -41.01 -8.62 4.90
C TYR B 289 -41.19 -9.81 3.95
N GLY B 290 -40.67 -10.99 4.30
CA GLY B 290 -40.89 -12.20 3.51
C GLY B 290 -39.65 -13.07 3.37
N GLU B 291 -39.77 -14.07 2.51
CA GLU B 291 -38.76 -15.14 2.32
C GLU B 291 -37.39 -14.62 1.85
N TRP B 292 -37.38 -13.48 1.18
CA TRP B 292 -36.15 -12.88 0.63
C TRP B 292 -35.52 -11.85 1.57
N SER B 293 -36.09 -11.67 2.77
CA SER B 293 -35.83 -10.48 3.58
C SER B 293 -35.52 -10.74 5.05
N GLY B 294 -35.30 -12.00 5.43
CA GLY B 294 -35.08 -12.37 6.82
C GLY B 294 -36.23 -11.97 7.72
N ASN B 295 -35.89 -11.46 8.91
CA ASN B 295 -36.87 -11.07 9.92
C ASN B 295 -36.32 -9.87 10.70
N TYR B 296 -37.19 -8.90 10.98
CA TYR B 296 -36.77 -7.66 11.63
C TYR B 296 -36.56 -7.78 13.15
N GLY B 297 -36.84 -8.95 13.73
CA GLY B 297 -36.54 -9.23 15.12
C GLY B 297 -37.18 -8.25 16.10
N ILE B 298 -36.48 -8.02 17.22
CA ILE B 298 -36.99 -7.14 18.30
C ILE B 298 -36.14 -5.90 18.57
N ASN B 299 -34.95 -5.83 17.95
CA ASN B 299 -33.96 -4.82 18.28
C ASN B 299 -32.97 -4.75 17.13
N PHE B 300 -32.58 -3.54 16.75
CA PHE B 300 -31.52 -3.33 15.74
C PHE B 300 -30.15 -3.18 16.41
N GLU B 301 -29.12 -3.65 15.70
CA GLU B 301 -27.73 -3.45 16.09
C GLU B 301 -26.92 -3.04 14.85
N THR B 302 -25.85 -2.28 15.10
CA THR B 302 -24.89 -1.84 14.09
C THR B 302 -25.52 -1.28 12.80
N ALA B 303 -26.58 -0.48 12.93
CA ALA B 303 -27.25 0.04 11.75
C ALA B 303 -26.49 1.21 11.15
N GLY B 304 -26.55 1.32 9.82
CA GLY B 304 -25.96 2.44 9.10
C GLY B 304 -26.89 2.95 8.01
N VAL B 305 -26.55 4.12 7.48
CA VAL B 305 -27.32 4.81 6.46
C VAL B 305 -26.36 5.21 5.36
N THR B 306 -26.72 4.93 4.11
CA THR B 306 -25.92 5.34 2.96
C THR B 306 -26.82 5.72 1.78
N ARG B 307 -26.18 6.23 0.74
CA ARG B 307 -26.87 6.59 -0.51
C ARG B 307 -25.96 6.16 -1.63
N LEU B 308 -26.53 5.42 -2.57
CA LEU B 308 -25.74 4.77 -3.62
C LEU B 308 -26.36 5.06 -4.96
N ASN B 309 -25.55 4.87 -6.01
CA ASN B 309 -26.02 4.89 -7.39
C ASN B 309 -25.30 3.77 -8.11
N PRO B 310 -25.54 3.58 -9.42
CA PRO B 310 -24.93 2.42 -10.06
C PRO B 310 -23.39 2.33 -9.98
N ALA B 311 -22.70 3.45 -9.86
CA ALA B 311 -21.22 3.45 -9.79
C ALA B 311 -20.65 3.24 -8.38
N GLY B 312 -21.44 3.46 -7.34
CA GLY B 312 -20.95 3.39 -5.95
C GLY B 312 -21.69 4.33 -5.03
N ALA B 313 -20.96 5.12 -4.26
CA ALA B 313 -21.54 6.10 -3.35
C ALA B 313 -22.06 7.33 -4.09
N ALA B 314 -23.21 7.84 -3.65
CA ALA B 314 -23.82 9.03 -4.22
C ALA B 314 -23.92 10.10 -3.15
N TRP B 315 -23.41 11.29 -3.46
CA TRP B 315 -23.40 12.41 -2.51
C TRP B 315 -24.27 13.59 -2.95
N ASP B 316 -25.24 13.32 -3.84
CA ASP B 316 -26.15 14.35 -4.33
C ASP B 316 -27.22 14.64 -3.29
N ASN B 317 -27.93 15.75 -3.48
CA ASN B 317 -29.02 16.18 -2.58
C ASN B 317 -30.41 15.57 -2.88
N GLY B 318 -30.47 14.60 -3.80
CA GLY B 318 -31.74 14.10 -4.31
C GLY B 318 -31.88 14.28 -5.82
N SER B 319 -31.06 15.17 -6.39
CA SER B 319 -31.09 15.48 -7.83
C SER B 319 -30.70 14.32 -8.76
N ASP B 320 -29.91 13.36 -8.27
CA ASP B 320 -29.53 12.19 -9.07
C ASP B 320 -30.67 11.17 -9.00
N THR B 321 -31.39 11.02 -10.12
CA THR B 321 -32.54 10.10 -10.19
C THR B 321 -32.14 8.63 -10.19
N THR B 322 -30.85 8.33 -10.42
CA THR B 322 -30.34 6.96 -10.36
C THR B 322 -29.91 6.53 -8.95
N ALA B 323 -29.91 7.46 -8.00
CA ALA B 323 -29.43 7.18 -6.65
C ALA B 323 -30.56 6.64 -5.77
N VAL B 324 -30.19 5.78 -4.81
CA VAL B 324 -31.14 5.13 -3.92
C VAL B 324 -30.61 5.25 -2.49
N ASP B 325 -31.50 5.55 -1.55
CA ASP B 325 -31.18 5.61 -0.12
C ASP B 325 -31.32 4.23 0.50
N PHE B 326 -30.30 3.81 1.26
CA PHE B 326 -30.28 2.49 1.88
C PHE B 326 -29.99 2.61 3.37
N VAL B 327 -30.54 1.66 4.13
CA VAL B 327 -30.18 1.45 5.53
C VAL B 327 -29.72 0.01 5.63
N THR B 328 -28.63 -0.23 6.35
CA THR B 328 -28.17 -1.59 6.68
C THR B 328 -28.32 -1.73 8.19
N PHE B 329 -28.63 -2.94 8.66
CA PHE B 329 -28.89 -3.15 10.08
C PHE B 329 -28.90 -4.63 10.43
N GLY B 330 -28.38 -4.94 11.62
CA GLY B 330 -28.53 -6.25 12.23
C GLY B 330 -29.83 -6.28 12.99
N THR B 331 -30.46 -7.45 13.04
CA THR B 331 -31.62 -7.65 13.91
C THR B 331 -31.37 -8.83 14.79
N GLU B 332 -31.96 -8.82 15.99
CA GLU B 332 -31.84 -9.94 16.89
C GLU B 332 -33.20 -10.50 17.33
N GLN B 333 -33.16 -11.79 17.67
CA GLN B 333 -34.30 -12.58 18.17
C GLN B 333 -35.42 -12.81 17.13
N GLY B 334 -35.10 -12.68 15.84
CA GLY B 334 -36.02 -13.03 14.76
C GLY B 334 -35.54 -14.21 13.94
N ARG B 335 -34.69 -15.05 14.51
CA ARG B 335 -34.12 -16.17 13.79
C ARG B 335 -33.86 -17.32 14.74
N ALA B 336 -34.14 -18.54 14.29
CA ALA B 336 -34.05 -19.74 15.12
C ALA B 336 -32.63 -20.25 15.30
N ASP B 337 -31.72 -19.80 14.45
CA ASP B 337 -30.33 -20.27 14.45
C ASP B 337 -29.44 -19.07 14.05
N HIS B 338 -28.18 -19.30 13.71
CA HIS B 338 -27.23 -18.21 13.38
C HIS B 338 -27.20 -17.18 14.51
N GLN B 339 -27.13 -17.69 15.75
CA GLN B 339 -27.06 -16.85 16.95
C GLN B 339 -28.20 -15.84 17.03
N ASN B 340 -29.37 -16.22 16.51
CA ASN B 340 -30.57 -15.37 16.43
C ASN B 340 -30.40 -14.05 15.67
N HIS B 341 -29.47 -14.01 14.72
CA HIS B 341 -29.04 -12.76 14.09
C HIS B 341 -29.18 -12.72 12.56
N TRP B 342 -29.83 -11.67 12.05
CA TRP B 342 -29.92 -11.40 10.61
C TRP B 342 -29.17 -10.10 10.30
N PRO B 343 -28.22 -10.13 9.35
CA PRO B 343 -27.68 -8.90 8.80
C PRO B 343 -28.45 -8.50 7.54
N LEU B 344 -29.23 -7.42 7.65
CA LEU B 344 -30.18 -7.02 6.62
C LEU B 344 -29.84 -5.68 6.01
N TRP B 345 -30.57 -5.35 4.95
CA TRP B 345 -30.54 -4.02 4.35
C TRP B 345 -31.92 -3.68 3.80
N ALA B 346 -32.21 -2.40 3.64
CA ALA B 346 -33.45 -1.95 3.02
C ALA B 346 -33.25 -0.71 2.18
N ALA B 347 -33.87 -0.66 1.00
CA ALA B 347 -33.99 0.57 0.25
C ALA B 347 -35.14 1.35 0.87
N VAL B 348 -34.98 2.65 1.02
CA VAL B 348 -35.97 3.48 1.72
C VAL B 348 -36.28 4.74 0.95
N ASP B 349 -37.51 5.25 1.12
CA ASP B 349 -37.93 6.53 0.60
C ASP B 349 -38.19 7.44 1.78
N TYR B 350 -37.45 8.54 1.87
CA TYR B 350 -37.55 9.44 3.02
C TYR B 350 -38.77 10.34 2.89
N GLU B 351 -39.51 10.47 3.99
CA GLU B 351 -40.60 11.45 4.13
C GLU B 351 -40.28 12.38 5.31
N VAL B 352 -40.56 13.66 5.15
CA VAL B 352 -40.33 14.65 6.20
C VAL B 352 -41.58 14.76 7.08
N ARG B 353 -41.41 14.58 8.39
CA ARG B 353 -42.50 14.75 9.35
C ARG B 353 -42.67 16.22 9.72
N ASP B 354 -43.85 16.56 10.22
CA ASP B 354 -44.18 17.94 10.60
C ASP B 354 -43.26 18.50 11.70
N ASN B 355 -42.80 17.65 12.61
CA ASN B 355 -41.86 18.06 13.66
C ASN B 355 -40.38 18.17 13.24
N GLY B 356 -40.09 18.09 11.95
CA GLY B 356 -38.73 18.28 11.45
C GLY B 356 -37.86 17.05 11.61
N SER B 357 -38.47 15.87 11.45
CA SER B 357 -37.76 14.59 11.49
C SER B 357 -38.02 13.85 10.18
N ILE B 358 -37.44 12.66 10.05
CA ILE B 358 -37.48 11.89 8.80
C ILE B 358 -38.01 10.49 9.06
N GLU B 359 -39.01 10.07 8.29
CA GLU B 359 -39.43 8.67 8.27
C GLU B 359 -38.84 8.01 7.03
N ALA B 360 -38.06 6.95 7.24
CA ALA B 360 -37.53 6.15 6.16
C ALA B 360 -38.50 5.01 5.90
N VAL B 361 -39.28 5.13 4.83
CA VAL B 361 -40.29 4.13 4.49
C VAL B 361 -39.63 3.06 3.63
N ILE B 362 -39.68 1.81 4.08
CA ILE B 362 -39.02 0.71 3.40
C ILE B 362 -39.72 0.42 2.05
N ALA B 363 -38.96 0.49 0.96
CA ALA B 363 -39.45 0.24 -0.42
C ALA B 363 -39.21 -1.21 -0.83
N TYR B 364 -38.05 -1.74 -0.48
CA TYR B 364 -37.77 -3.18 -0.56
C TYR B 364 -36.64 -3.52 0.40
N SER B 365 -36.46 -4.81 0.69
CA SER B 365 -35.70 -5.23 1.87
C SER B 365 -35.03 -6.56 1.61
N GLY B 366 -33.72 -6.63 1.87
CA GLY B 366 -32.96 -7.84 1.62
C GLY B 366 -31.98 -8.20 2.72
N VAL B 367 -31.08 -9.10 2.37
CA VAL B 367 -30.16 -9.73 3.29
C VAL B 367 -28.75 -9.41 2.79
N GLN B 368 -27.89 -8.93 3.69
CA GLN B 368 -26.54 -8.58 3.29
C GLN B 368 -25.65 -9.82 3.18
N ASP B 369 -25.88 -10.82 4.03
CA ASP B 369 -25.18 -12.10 3.97
C ASP B 369 -26.08 -13.13 4.63
N TRP B 370 -26.20 -14.30 4.01
CA TRP B 370 -27.15 -15.33 4.46
C TRP B 370 -26.56 -16.35 5.45
N GLY B 371 -25.27 -16.26 5.75
CA GLY B 371 -24.60 -17.24 6.59
C GLY B 371 -24.18 -16.75 7.97
N ARG B 372 -23.08 -17.29 8.46
CA ARG B 372 -22.59 -17.01 9.81
C ARG B 372 -21.81 -15.70 9.90
N SER B 373 -22.47 -14.61 9.55
CA SER B 373 -21.88 -13.27 9.66
C SER B 373 -22.90 -12.26 10.13
N TYR B 374 -22.40 -11.16 10.67
CA TYR B 374 -23.21 -10.15 11.34
C TYR B 374 -22.38 -8.90 11.55
N ALA B 375 -23.03 -7.82 11.96
CA ALA B 375 -22.37 -6.59 12.38
C ALA B 375 -21.66 -5.91 11.21
N TYR B 376 -22.36 -5.77 10.10
CA TYR B 376 -21.79 -5.10 8.93
C TYR B 376 -21.70 -3.62 9.21
N ALA B 377 -20.53 -3.06 8.87
CA ALA B 377 -20.30 -1.62 8.92
C ALA B 377 -19.94 -1.16 7.52
N SER B 378 -20.38 0.03 7.13
CA SER B 378 -19.94 0.62 5.87
C SER B 378 -19.37 2.01 6.08
N PHE B 379 -18.46 2.41 5.20
CA PHE B 379 -17.77 3.68 5.31
C PHE B 379 -17.37 4.22 3.94
N PRO B 380 -17.29 5.56 3.81
CA PRO B 380 -16.94 6.15 2.51
C PRO B 380 -15.46 6.03 2.16
N VAL B 381 -15.18 5.77 0.90
CA VAL B 381 -13.80 5.66 0.39
C VAL B 381 -13.69 6.53 -0.85
N GLU B 382 -12.52 7.16 -1.04
CA GLU B 382 -12.31 8.10 -2.15
C GLU B 382 -12.64 7.48 -3.49
N GLY B 383 -13.08 8.30 -4.43
CA GLY B 383 -13.54 7.82 -5.75
C GLY B 383 -15.00 7.38 -5.72
N TYR B 384 -15.79 8.00 -4.85
CA TYR B 384 -17.22 7.76 -4.77
C TYR B 384 -17.55 6.29 -4.50
N ARG B 385 -16.96 5.75 -3.43
CA ARG B 385 -17.19 4.37 -3.01
C ARG B 385 -17.77 4.33 -1.61
N GLN B 386 -18.57 3.30 -1.34
CA GLN B 386 -19.01 2.95 0.01
C GLN B 386 -18.64 1.50 0.18
N VAL B 387 -17.85 1.21 1.21
CA VAL B 387 -17.26 -0.11 1.40
C VAL B 387 -17.80 -0.69 2.68
N SER B 388 -18.19 -1.96 2.63
CA SER B 388 -18.87 -2.64 3.72
C SER B 388 -18.07 -3.86 4.13
N VAL B 389 -18.01 -4.14 5.44
CA VAL B 389 -17.32 -5.30 5.96
C VAL B 389 -18.05 -5.77 7.21
N GLY B 390 -18.06 -7.08 7.42
CA GLY B 390 -18.73 -7.67 8.59
C GLY B 390 -17.83 -8.63 9.33
N TRP B 391 -18.44 -9.32 10.30
CA TRP B 391 -17.75 -10.26 11.16
C TRP B 391 -18.31 -11.64 10.90
N ILE B 392 -17.42 -12.60 10.68
CA ILE B 392 -17.77 -14.02 10.53
C ILE B 392 -17.41 -14.70 11.85
N TYR B 393 -18.43 -15.20 12.54
CA TYR B 393 -18.23 -15.94 13.79
C TYR B 393 -17.87 -17.39 13.46
N GLU B 394 -17.39 -18.13 14.47
CA GLU B 394 -17.03 -19.53 14.30
C GLU B 394 -18.32 -20.36 14.28
N ASP B 395 -18.19 -21.67 14.07
CA ASP B 395 -19.33 -22.59 14.21
C ASP B 395 -19.01 -23.60 15.32
N ASP B 396 -18.83 -23.07 16.52
CA ASP B 396 -18.51 -23.85 17.72
C ASP B 396 -19.28 -23.18 18.88
N ASP B 397 -20.60 -23.09 18.71
CA ASP B 397 -21.44 -22.34 19.64
C ASP B 397 -21.50 -22.88 21.07
N ASN B 398 -21.17 -24.16 21.27
CA ASN B 398 -21.02 -24.75 22.61
C ASN B 398 -19.62 -24.58 23.22
N VAL B 399 -18.72 -23.87 22.51
CA VAL B 399 -17.41 -23.48 23.03
C VAL B 399 -16.58 -24.71 23.41
N ILE B 400 -16.57 -25.69 22.52
CA ILE B 400 -15.93 -26.99 22.78
C ILE B 400 -14.44 -26.96 22.47
N LEU B 401 -14.05 -26.27 21.39
CA LEU B 401 -12.63 -26.21 20.99
C LEU B 401 -12.07 -24.77 20.91
N ALA B 402 -12.80 -23.80 21.46
CA ALA B 402 -12.36 -22.39 21.40
C ALA B 402 -11.01 -22.18 22.08
N LYS B 403 -10.82 -22.76 23.27
CA LYS B 403 -9.54 -22.62 23.97
C LYS B 403 -8.40 -23.25 23.20
N GLN B 404 -8.68 -24.39 22.58
CA GLN B 404 -7.70 -25.08 21.74
C GLN B 404 -7.36 -24.23 20.49
N PHE B 405 -8.34 -23.54 19.92
CA PHE B 405 -8.06 -22.55 18.84
C PHE B 405 -7.12 -21.45 19.37
N GLY B 406 -7.49 -20.88 20.52
CA GLY B 406 -6.79 -19.69 21.05
C GLY B 406 -7.25 -18.38 20.42
N TYR B 407 -8.34 -18.42 19.66
CA TYR B 407 -8.93 -17.24 19.03
C TYR B 407 -10.36 -17.58 18.61
N GLN B 408 -11.15 -16.55 18.36
CA GLN B 408 -12.48 -16.68 17.75
C GLN B 408 -12.71 -15.48 16.84
N GLY B 409 -13.15 -15.77 15.61
CA GLY B 409 -13.74 -14.75 14.72
C GLY B 409 -12.79 -14.24 13.66
N ALA B 410 -13.37 -13.72 12.59
CA ALA B 410 -12.64 -13.01 11.53
C ALA B 410 -13.58 -12.02 10.88
N PHE B 411 -13.04 -11.16 10.02
CA PHE B 411 -13.87 -10.32 9.17
C PHE B 411 -14.30 -11.12 7.92
N THR B 412 -15.33 -10.60 7.27
CA THR B 412 -15.60 -10.91 5.87
C THR B 412 -14.54 -10.23 5.01
N LEU B 413 -14.63 -10.40 3.70
CA LEU B 413 -13.89 -9.54 2.78
C LEU B 413 -14.56 -8.16 2.74
N PHE B 414 -13.82 -7.17 2.28
CA PHE B 414 -14.34 -5.83 2.13
C PHE B 414 -15.09 -5.75 0.81
N ARG B 415 -16.26 -5.13 0.81
CA ARG B 415 -17.18 -5.18 -0.31
C ARG B 415 -17.57 -3.78 -0.75
N ASP B 416 -17.42 -3.48 -2.04
CA ASP B 416 -17.98 -2.26 -2.60
C ASP B 416 -19.49 -2.43 -2.71
N LEU B 417 -20.22 -1.44 -2.21
CA LEU B 417 -21.67 -1.35 -2.39
C LEU B 417 -21.97 -0.43 -3.57
N PHE B 418 -23.05 -0.75 -4.27
CA PHE B 418 -23.50 0.04 -5.43
C PHE B 418 -24.93 -0.38 -5.74
N VAL B 419 -25.61 0.39 -6.59
CA VAL B 419 -26.96 0.03 -7.05
C VAL B 419 -26.81 -0.92 -8.23
N LYS B 420 -27.21 -2.17 -8.07
CA LYS B 420 -27.19 -3.14 -9.15
C LYS B 420 -28.43 -2.91 -10.01
N VAL B 421 -28.23 -2.65 -11.31
CA VAL B 421 -29.31 -2.45 -12.27
C VAL B 421 -29.22 -3.54 -13.33
N VAL B 422 -30.32 -4.26 -13.56
CA VAL B 422 -30.39 -5.28 -14.60
C VAL B 422 -31.42 -4.80 -15.62
N GLU B 423 -30.98 -4.60 -16.87
CA GLU B 423 -31.84 -4.11 -17.94
C GLU B 423 -32.45 -5.27 -18.71
N ASN B 424 -33.57 -5.00 -19.39
CA ASN B 424 -34.20 -5.94 -20.32
C ASN B 424 -34.54 -7.29 -19.68
N VAL B 425 -35.10 -7.23 -18.48
CA VAL B 425 -35.49 -8.46 -17.78
C VAL B 425 -36.85 -8.91 -18.31
N SER B 426 -36.97 -10.22 -18.55
CA SER B 426 -38.21 -10.84 -19.03
C SER B 426 -39.30 -10.82 -17.94
N PRO B 427 -40.50 -10.31 -18.28
CA PRO B 427 -41.63 -10.38 -17.34
C PRO B 427 -42.06 -11.77 -16.91
N SER B 428 -41.64 -12.81 -17.65
CA SER B 428 -41.92 -14.18 -17.26
C SER B 428 -40.91 -14.78 -16.27
N THR B 429 -39.93 -14.00 -15.82
CA THR B 429 -39.04 -14.43 -14.73
C THR B 429 -39.94 -14.81 -13.55
N PRO B 430 -39.86 -16.08 -13.08
CA PRO B 430 -40.73 -16.49 -11.97
C PRO B 430 -40.57 -15.61 -10.72
N GLY B 431 -41.69 -15.23 -10.13
CA GLY B 431 -41.71 -14.47 -8.89
C GLY B 431 -41.19 -13.03 -8.95
N LEU B 432 -41.04 -12.48 -10.15
CA LEU B 432 -40.39 -11.17 -10.32
C LEU B 432 -41.13 -10.01 -9.61
N PHE B 433 -42.46 -10.12 -9.55
CA PHE B 433 -43.29 -9.02 -9.04
C PHE B 433 -43.73 -9.20 -7.57
N GLU B 434 -43.20 -10.21 -6.91
CA GLU B 434 -43.37 -10.40 -5.46
C GLU B 434 -42.63 -9.40 -4.57
N GLN B 435 -43.12 -9.30 -3.33
CA GLN B 435 -42.53 -8.41 -2.32
C GLN B 435 -41.23 -9.03 -1.85
N ALA B 436 -40.10 -8.48 -2.27
CA ALA B 436 -38.83 -9.06 -1.93
C ALA B 436 -37.76 -7.97 -1.90
N SER B 437 -36.60 -8.23 -2.49
CA SER B 437 -35.41 -7.42 -2.26
C SER B 437 -34.94 -6.68 -3.51
N TRP B 438 -35.89 -6.27 -4.37
CA TRP B 438 -35.58 -5.50 -5.58
C TRP B 438 -36.79 -4.69 -5.96
N SER B 439 -36.60 -3.70 -6.83
CA SER B 439 -37.72 -2.97 -7.44
C SER B 439 -37.75 -3.28 -8.94
N THR B 440 -38.93 -3.13 -9.51
CA THR B 440 -39.16 -3.35 -10.94
C THR B 440 -39.77 -2.09 -11.52
N LYS B 441 -39.28 -1.70 -12.69
CA LYS B 441 -39.90 -0.66 -13.49
C LYS B 441 -40.20 -1.24 -14.86
N ASN B 442 -41.49 -1.30 -15.20
CA ASN B 442 -41.92 -1.77 -16.52
C ASN B 442 -41.55 -0.80 -17.62
N SER B 443 -41.18 -1.33 -18.78
CA SER B 443 -41.07 -0.53 -19.99
C SER B 443 -42.46 -0.01 -20.38
N THR B 444 -42.50 1.06 -21.18
CA THR B 444 -43.77 1.61 -21.68
C THR B 444 -44.65 0.53 -22.33
N ASP B 445 -44.05 -0.32 -23.15
CA ASP B 445 -44.81 -1.38 -23.86
C ASP B 445 -45.09 -2.64 -23.03
N GLY B 446 -44.56 -2.71 -21.80
CA GLY B 446 -44.82 -3.83 -20.90
C GLY B 446 -44.12 -5.14 -21.23
N MET B 447 -43.21 -5.12 -22.20
CA MET B 447 -42.51 -6.34 -22.67
C MET B 447 -41.20 -6.59 -21.95
N SER B 448 -40.68 -5.59 -21.22
CA SER B 448 -39.45 -5.75 -20.43
C SER B 448 -39.54 -4.98 -19.12
N VAL B 449 -38.61 -5.33 -18.23
CA VAL B 449 -38.54 -4.74 -16.90
C VAL B 449 -37.08 -4.36 -16.58
N THR B 450 -36.91 -3.23 -15.90
CA THR B 450 -35.63 -2.87 -15.30
C THR B 450 -35.68 -3.22 -13.82
N VAL B 451 -34.73 -4.04 -13.38
CA VAL B 451 -34.63 -4.47 -11.97
C VAL B 451 -33.53 -3.65 -11.28
N THR B 452 -33.83 -3.17 -10.08
CA THR B 452 -32.88 -2.44 -9.24
C THR B 452 -32.77 -3.14 -7.88
N THR B 453 -31.54 -3.34 -7.40
CA THR B 453 -31.33 -3.91 -6.08
C THR B 453 -29.97 -3.45 -5.53
N LEU B 454 -29.63 -3.90 -4.32
CA LEU B 454 -28.33 -3.60 -3.74
C LEU B 454 -27.30 -4.52 -4.38
N GLY B 455 -26.24 -3.92 -4.92
CA GLY B 455 -25.10 -4.68 -5.40
C GLY B 455 -24.00 -4.75 -4.35
N GLN B 456 -23.31 -5.89 -4.30
CA GLN B 456 -22.14 -6.09 -3.45
C GLN B 456 -21.11 -6.85 -4.23
N ARG B 457 -19.86 -6.37 -4.22
CA ARG B 457 -18.76 -7.10 -4.84
C ARG B 457 -17.49 -6.88 -4.04
N VAL B 458 -16.60 -7.86 -4.07
CA VAL B 458 -15.35 -7.77 -3.32
C VAL B 458 -14.57 -6.61 -3.92
N VAL B 459 -13.96 -5.80 -3.07
CA VAL B 459 -13.17 -4.65 -3.54
C VAL B 459 -12.11 -5.11 -4.55
N PRO B 460 -11.95 -4.34 -5.65
CA PRO B 460 -11.05 -4.81 -6.72
C PRO B 460 -9.57 -4.94 -6.29
N GLU B 461 -9.16 -4.17 -5.31
CA GLU B 461 -7.81 -4.27 -4.75
C GLU B 461 -7.51 -5.68 -4.25
N THR B 462 -8.49 -6.29 -3.59
CA THR B 462 -8.36 -7.62 -3.03
C THR B 462 -8.37 -8.69 -4.12
N LEU B 463 -9.29 -8.57 -5.07
CA LEU B 463 -9.35 -9.52 -6.20
C LEU B 463 -8.04 -9.51 -7.02
N ALA B 464 -7.51 -8.33 -7.31
CA ALA B 464 -6.24 -8.20 -8.02
C ALA B 464 -5.06 -8.77 -7.25
N ALA B 465 -4.98 -8.46 -5.96
CA ALA B 465 -3.89 -8.98 -5.13
C ALA B 465 -3.97 -10.49 -4.99
N TYR B 466 -5.16 -11.02 -4.73
CA TYR B 466 -5.39 -12.47 -4.65
C TYR B 466 -4.94 -13.19 -5.92
N LYS B 467 -5.46 -12.73 -7.05
CA LYS B 467 -5.14 -13.36 -8.34
C LYS B 467 -3.64 -13.27 -8.64
N GLY B 468 -3.06 -12.09 -8.47
CA GLY B 468 -1.64 -11.87 -8.77
C GLY B 468 -0.66 -12.62 -7.90
N ASN B 469 -1.03 -12.90 -6.65
CA ASN B 469 -0.18 -13.67 -5.74
C ASN B 469 -0.44 -15.17 -5.78
N SER B 470 -1.50 -15.59 -6.46
CA SER B 470 -1.88 -17.01 -6.55
C SER B 470 -1.25 -17.71 -7.75
N THR B 471 -1.22 -19.04 -7.70
CA THR B 471 -1.03 -19.85 -8.89
C THR B 471 -2.40 -20.00 -9.54
N VAL B 472 -2.57 -19.37 -10.70
CA VAL B 472 -3.86 -19.30 -11.38
C VAL B 472 -3.95 -20.42 -12.41
N SER B 473 -5.02 -21.22 -12.34
CA SER B 473 -5.33 -22.22 -13.35
C SER B 473 -6.62 -21.83 -14.04
N THR B 474 -6.53 -21.51 -15.32
CA THR B 474 -7.70 -21.24 -16.16
C THR B 474 -8.16 -22.60 -16.68
N LEU B 475 -9.38 -22.98 -16.33
CA LEU B 475 -9.89 -24.33 -16.60
C LEU B 475 -10.79 -24.32 -17.82
N ALA B 476 -10.78 -25.44 -18.56
CA ALA B 476 -11.58 -25.57 -19.77
C ALA B 476 -13.07 -25.60 -19.39
N PRO B 477 -13.95 -25.00 -20.22
CA PRO B 477 -15.38 -25.10 -19.91
C PRO B 477 -15.86 -26.55 -19.89
N VAL B 478 -16.91 -26.81 -19.11
CA VAL B 478 -17.41 -28.16 -18.89
C VAL B 478 -18.92 -28.15 -19.11
N MET B 479 -19.39 -29.02 -20.01
CA MET B 479 -20.83 -29.29 -20.16
C MET B 479 -21.20 -30.42 -19.23
N LEU B 480 -22.11 -30.16 -18.32
CA LEU B 480 -22.61 -31.18 -17.38
C LEU B 480 -23.88 -31.76 -17.97
N ASN B 481 -23.80 -33.03 -18.37
CA ASN B 481 -24.90 -33.72 -19.05
C ASN B 481 -25.06 -35.13 -18.48
N GLU B 482 -25.56 -36.09 -19.26
CA GLU B 482 -25.72 -37.48 -18.79
C GLU B 482 -24.43 -38.15 -18.34
N SER B 483 -23.29 -37.74 -18.91
CA SER B 483 -21.99 -38.30 -18.55
C SER B 483 -21.38 -37.71 -17.28
N ALA B 484 -21.99 -36.67 -16.70
CA ALA B 484 -21.41 -35.97 -15.54
C ALA B 484 -21.45 -36.84 -14.29
N ALA B 485 -20.31 -37.01 -13.63
CA ALA B 485 -20.29 -37.62 -12.29
C ALA B 485 -20.96 -36.66 -11.29
N ALA B 486 -21.27 -37.19 -10.10
CA ALA B 486 -21.81 -36.35 -9.02
C ALA B 486 -20.80 -35.26 -8.65
N TYR B 487 -19.54 -35.68 -8.52
CA TYR B 487 -18.42 -34.79 -8.22
C TYR B 487 -17.31 -35.02 -9.26
N THR B 488 -16.85 -33.94 -9.87
CA THR B 488 -15.77 -33.98 -10.85
C THR B 488 -14.67 -33.03 -10.39
N PRO B 489 -13.55 -33.56 -9.84
CA PRO B 489 -12.44 -32.71 -9.43
C PRO B 489 -11.93 -31.84 -10.57
N PHE B 490 -11.53 -30.61 -10.26
CA PHE B 490 -10.92 -29.75 -11.27
C PHE B 490 -9.64 -30.38 -11.79
N SER B 491 -9.29 -30.08 -13.04
CA SER B 491 -8.04 -30.57 -13.65
C SER B 491 -6.78 -30.09 -12.95
N SER B 492 -6.86 -28.94 -12.28
CA SER B 492 -5.83 -28.50 -11.34
C SER B 492 -6.44 -28.41 -9.94
N GLN B 493 -5.65 -28.76 -8.93
CA GLN B 493 -6.13 -28.80 -7.55
C GLN B 493 -5.45 -27.76 -6.66
N PRO B 494 -6.16 -27.29 -5.60
CA PRO B 494 -5.49 -26.49 -4.57
C PRO B 494 -4.35 -27.24 -3.89
N THR B 495 -3.43 -26.51 -3.27
CA THR B 495 -2.35 -27.11 -2.50
C THR B 495 -2.51 -26.92 -0.98
N ASP B 496 -3.53 -26.17 -0.57
CA ASP B 496 -3.77 -25.87 0.84
C ASP B 496 -5.19 -25.29 0.96
N ARG B 497 -5.54 -24.76 2.14
CA ARG B 497 -6.90 -24.26 2.41
C ARG B 497 -7.09 -22.78 2.11
N PHE B 498 -6.40 -22.27 1.09
CA PHE B 498 -6.40 -20.84 0.75
C PHE B 498 -6.50 -20.72 -0.74
N TYR B 499 -7.72 -20.55 -1.23
CA TYR B 499 -7.97 -20.47 -2.65
C TYR B 499 -9.30 -19.84 -3.01
N ALA B 500 -9.40 -19.44 -4.27
CA ALA B 500 -10.62 -18.88 -4.82
C ALA B 500 -11.04 -19.68 -6.05
N LEU B 501 -12.34 -19.79 -6.24
CA LEU B 501 -12.92 -20.42 -7.42
C LEU B 501 -13.87 -19.46 -8.05
N THR B 502 -13.93 -19.46 -9.38
CA THR B 502 -14.98 -18.74 -10.07
C THR B 502 -15.55 -19.61 -11.19
N GLY B 503 -16.82 -19.39 -11.51
CA GLY B 503 -17.49 -20.10 -12.59
C GLY B 503 -18.82 -19.46 -12.94
N SER B 504 -19.21 -19.60 -14.20
CA SER B 504 -20.51 -19.16 -14.69
C SER B 504 -21.28 -20.40 -15.10
N PHE B 505 -22.42 -20.61 -14.46
CA PHE B 505 -23.27 -21.78 -14.66
C PHE B 505 -24.48 -21.36 -15.48
N GLU B 506 -24.60 -21.90 -16.70
CA GLU B 506 -25.71 -21.57 -17.59
C GLU B 506 -26.75 -22.68 -17.55
N PHE B 507 -27.96 -22.33 -17.13
CA PHE B 507 -29.06 -23.29 -16.95
C PHE B 507 -30.16 -23.02 -17.97
N GLY B 508 -30.86 -24.08 -18.37
CA GLY B 508 -32.10 -23.92 -19.13
C GLY B 508 -33.17 -23.22 -18.30
N LEU B 509 -34.07 -22.51 -18.97
CA LEU B 509 -35.14 -21.80 -18.27
C LEU B 509 -36.11 -22.69 -17.47
N ASN B 510 -36.22 -23.97 -17.82
CA ASN B 510 -37.09 -24.88 -17.09
C ASN B 510 -36.31 -26.04 -16.48
N THR B 511 -35.04 -25.80 -16.16
CA THR B 511 -34.19 -26.85 -15.60
C THR B 511 -34.72 -27.35 -14.26
N THR B 512 -34.43 -28.61 -13.97
CA THR B 512 -34.56 -29.16 -12.62
C THR B 512 -33.23 -29.74 -12.17
N ALA B 513 -32.16 -29.40 -12.89
CA ALA B 513 -30.82 -29.84 -12.53
C ALA B 513 -30.24 -28.93 -11.45
N LYS B 514 -29.28 -29.45 -10.70
CA LYS B 514 -28.52 -28.67 -9.73
C LYS B 514 -27.05 -28.75 -10.11
N ALA B 515 -26.31 -27.67 -9.85
CA ALA B 515 -24.88 -27.69 -10.02
C ALA B 515 -24.20 -26.73 -9.04
N GLY B 516 -22.90 -26.91 -8.87
CA GLY B 516 -22.12 -26.02 -8.01
C GLY B 516 -20.70 -26.46 -7.83
N PHE B 517 -20.15 -26.17 -6.64
CA PHE B 517 -18.77 -26.46 -6.32
C PHE B 517 -18.69 -27.27 -5.04
N ARG B 518 -17.82 -28.27 -5.03
CA ARG B 518 -17.40 -28.94 -3.81
C ARG B 518 -16.03 -28.38 -3.44
N VAL B 519 -15.81 -28.10 -2.16
CA VAL B 519 -14.56 -27.52 -1.66
C VAL B 519 -14.09 -28.21 -0.39
N LEU B 520 -12.84 -27.96 -0.02
CA LEU B 520 -12.18 -28.55 1.14
C LEU B 520 -12.45 -30.06 1.21
N ALA B 521 -12.17 -30.73 0.09
CA ALA B 521 -12.62 -32.09 -0.17
C ALA B 521 -11.49 -33.12 -0.19
N SER B 522 -11.70 -34.19 0.56
CA SER B 522 -10.99 -35.45 0.37
C SER B 522 -12.09 -36.51 0.20
N GLU B 523 -11.73 -37.79 0.19
CA GLU B 523 -12.73 -38.86 0.12
C GLU B 523 -13.70 -38.80 1.30
N GLU B 524 -13.19 -38.50 2.49
CA GLU B 524 -13.97 -38.60 3.72
C GLU B 524 -14.58 -37.28 4.25
N GLU B 525 -14.03 -36.14 3.84
CA GLU B 525 -14.54 -34.83 4.25
C GLU B 525 -14.70 -33.94 3.03
N TYR B 526 -15.79 -33.19 2.97
CA TYR B 526 -16.03 -32.25 1.87
C TYR B 526 -17.20 -31.35 2.21
N THR B 527 -17.26 -30.20 1.54
CA THR B 527 -18.34 -29.23 1.71
C THR B 527 -18.91 -28.93 0.34
N ASP B 528 -20.24 -29.03 0.21
CA ASP B 528 -20.90 -28.95 -1.07
C ASP B 528 -21.71 -27.68 -1.20
N ILE B 529 -21.41 -26.89 -2.23
CA ILE B 529 -22.12 -25.65 -2.51
C ILE B 529 -22.96 -25.88 -3.76
N TRP B 530 -24.28 -25.88 -3.59
CA TRP B 530 -25.23 -26.22 -4.66
C TRP B 530 -26.06 -25.02 -4.99
N PHE B 531 -26.37 -24.83 -6.28
CA PHE B 531 -27.50 -23.99 -6.64
C PHE B 531 -28.55 -24.84 -7.36
N ASP B 532 -29.81 -24.60 -7.01
CA ASP B 532 -30.96 -25.37 -7.49
C ASP B 532 -31.94 -24.34 -8.05
N PRO B 533 -31.83 -24.02 -9.36
CA PRO B 533 -32.68 -22.98 -9.94
C PRO B 533 -34.18 -23.19 -9.76
N ALA B 534 -34.63 -24.45 -9.76
CA ALA B 534 -36.07 -24.75 -9.60
C ALA B 534 -36.66 -24.22 -8.28
N SER B 535 -35.88 -24.34 -7.19
CA SER B 535 -36.27 -23.79 -5.87
C SER B 535 -35.72 -22.38 -5.56
N GLU B 536 -34.76 -21.91 -6.36
CA GLU B 536 -34.06 -20.62 -6.19
C GLU B 536 -33.17 -20.60 -4.95
N ASN B 537 -32.72 -21.77 -4.53
CA ASN B 537 -31.96 -21.93 -3.30
C ASN B 537 -30.51 -22.24 -3.60
N LEU B 538 -29.63 -21.43 -3.01
CA LEU B 538 -28.20 -21.69 -2.95
C LEU B 538 -27.95 -22.28 -1.58
N THR B 539 -27.38 -23.48 -1.52
CA THR B 539 -27.16 -24.14 -0.25
C THR B 539 -25.70 -24.50 -0.05
N VAL B 540 -25.30 -24.59 1.20
CA VAL B 540 -24.02 -25.20 1.57
C VAL B 540 -24.32 -26.36 2.51
N VAL B 541 -24.09 -27.57 2.01
CA VAL B 541 -24.36 -28.79 2.74
C VAL B 541 -23.09 -29.18 3.44
N ARG B 542 -23.18 -29.30 4.77
CA ARG B 542 -22.02 -29.49 5.61
C ARG B 542 -22.07 -30.78 6.45
N THR B 543 -22.91 -31.72 6.04
CA THR B 543 -23.03 -33.00 6.76
C THR B 543 -21.73 -33.80 6.76
N ALA B 544 -20.90 -33.62 5.75
CA ALA B 544 -19.58 -34.25 5.69
C ALA B 544 -18.39 -33.27 5.81
N SER B 545 -18.63 -32.02 6.20
CA SER B 545 -17.56 -30.99 6.23
C SER B 545 -16.39 -31.37 7.12
N SER B 546 -16.65 -32.08 8.23
CA SER B 546 -15.59 -32.49 9.13
C SER B 546 -15.87 -33.80 9.88
N LEU B 547 -14.81 -34.58 10.11
CA LEU B 547 -14.85 -35.72 11.02
C LEU B 547 -15.00 -35.29 12.49
N ILE B 548 -14.64 -34.05 12.81
CA ILE B 548 -14.78 -33.51 14.17
C ILE B 548 -16.26 -33.17 14.37
N LYS B 549 -16.94 -33.88 15.26
CA LYS B 549 -18.41 -33.81 15.36
C LYS B 549 -18.97 -32.61 16.15
N SER B 550 -18.14 -31.91 16.91
CA SER B 550 -18.61 -30.79 17.74
C SER B 550 -18.90 -29.49 16.97
N PHE B 551 -18.38 -29.35 15.75
CA PHE B 551 -18.66 -28.17 14.93
C PHE B 551 -20.06 -28.23 14.30
N GLY B 552 -20.61 -27.06 13.97
CA GLY B 552 -21.91 -26.99 13.32
C GLY B 552 -21.91 -27.71 11.97
N ASN B 553 -23.03 -28.35 11.66
CA ASN B 553 -23.17 -29.07 10.39
C ASN B 553 -24.47 -28.79 9.66
N ASP B 554 -25.18 -27.74 10.08
CA ASP B 554 -26.45 -27.39 9.46
C ASP B 554 -26.24 -26.82 8.06
N THR B 555 -27.26 -26.98 7.22
CA THR B 555 -27.21 -26.55 5.83
C THR B 555 -27.47 -25.05 5.75
N GLU B 556 -26.55 -24.32 5.12
CA GLU B 556 -26.73 -22.89 4.89
C GLU B 556 -27.64 -22.74 3.69
N LEU B 557 -28.40 -21.64 3.66
CA LEU B 557 -29.32 -21.38 2.56
C LEU B 557 -29.44 -19.90 2.24
N ALA B 558 -29.32 -19.56 0.96
CA ALA B 558 -29.61 -18.24 0.44
C ALA B 558 -30.60 -18.36 -0.72
N LYS B 559 -31.46 -17.36 -0.86
CA LYS B 559 -32.30 -17.22 -2.04
C LYS B 559 -31.51 -16.42 -3.08
N VAL B 560 -31.55 -16.86 -4.33
CA VAL B 560 -30.94 -16.13 -5.44
C VAL B 560 -31.94 -16.07 -6.59
N LYS B 561 -32.27 -14.85 -7.01
CA LYS B 561 -33.14 -14.63 -8.15
C LYS B 561 -32.29 -14.50 -9.42
N LEU B 562 -32.43 -15.47 -10.33
CA LEU B 562 -31.83 -15.33 -11.64
C LEU B 562 -32.79 -14.52 -12.53
N TYR B 563 -32.46 -13.25 -12.73
CA TYR B 563 -33.29 -12.36 -13.56
C TYR B 563 -33.09 -12.75 -15.03
N GLU B 564 -34.14 -13.28 -15.65
CA GLU B 564 -34.05 -13.82 -17.01
C GLU B 564 -34.10 -12.67 -18.01
N ILE B 565 -33.25 -12.71 -19.02
CA ILE B 565 -33.14 -11.59 -19.96
C ILE B 565 -34.03 -11.84 -21.18
N VAL B 566 -34.66 -10.77 -21.68
CA VAL B 566 -35.58 -10.86 -22.83
C VAL B 566 -34.82 -11.46 -24.01
N GLY B 567 -35.39 -12.52 -24.59
CA GLY B 567 -34.78 -13.18 -25.75
C GLY B 567 -33.79 -14.29 -25.41
N ALA B 568 -33.41 -14.43 -24.14
CA ALA B 568 -32.47 -15.47 -23.75
C ALA B 568 -33.20 -16.79 -23.63
N GLU B 569 -32.52 -17.87 -23.98
CA GLU B 569 -33.05 -19.22 -23.80
C GLU B 569 -32.34 -19.94 -22.65
N SER B 570 -31.72 -19.17 -21.75
CA SER B 570 -31.00 -19.71 -20.61
C SER B 570 -30.94 -18.66 -19.51
N LYS B 571 -30.51 -19.08 -18.32
CA LYS B 571 -30.32 -18.17 -17.19
C LYS B 571 -29.01 -18.55 -16.50
N THR B 572 -28.25 -17.54 -16.07
CA THR B 572 -26.86 -17.75 -15.63
C THR B 572 -26.60 -17.33 -14.17
N LEU B 573 -25.85 -18.19 -13.46
CA LEU B 573 -25.37 -17.93 -12.12
C LEU B 573 -23.86 -17.77 -12.19
N ASN B 574 -23.37 -16.57 -11.83
CA ASN B 574 -21.93 -16.33 -11.66
C ASN B 574 -21.57 -16.50 -10.19
N LEU B 575 -20.80 -17.53 -9.89
CA LEU B 575 -20.49 -17.93 -8.53
C LEU B 575 -18.98 -17.74 -8.30
N THR B 576 -18.63 -17.01 -7.24
CA THR B 576 -17.25 -16.90 -6.77
C THR B 576 -17.17 -17.40 -5.32
N VAL B 577 -16.17 -18.22 -5.03
CA VAL B 577 -16.02 -18.82 -3.71
C VAL B 577 -14.60 -18.61 -3.22
N PHE B 578 -14.48 -18.08 -2.00
CA PHE B 578 -13.21 -17.94 -1.30
C PHE B 578 -13.15 -18.95 -0.16
N VAL B 579 -12.07 -19.73 -0.15
CA VAL B 579 -11.78 -20.70 0.89
C VAL B 579 -10.55 -20.18 1.59
N ASP B 580 -10.65 -19.96 2.91
CA ASP B 580 -9.60 -19.29 3.66
C ASP B 580 -9.55 -19.87 5.08
N GLY B 581 -8.77 -20.93 5.22
CA GLY B 581 -8.69 -21.67 6.47
C GLY B 581 -9.99 -22.42 6.64
N SER B 582 -10.82 -21.92 7.54
CA SER B 582 -12.14 -22.47 7.80
C SER B 582 -13.26 -21.64 7.19
N VAL B 583 -12.95 -20.44 6.70
CA VAL B 583 -13.98 -19.60 6.09
C VAL B 583 -14.27 -20.06 4.66
N ILE B 584 -15.56 -20.16 4.35
CA ILE B 584 -16.04 -20.32 2.98
C ILE B 584 -16.94 -19.14 2.74
N GLU B 585 -16.56 -18.28 1.79
CA GLU B 585 -17.30 -17.04 1.53
C GLU B 585 -17.72 -17.01 0.06
N ILE B 586 -19.03 -16.98 -0.16
CA ILE B 586 -19.62 -17.21 -1.47
C ILE B 586 -20.28 -15.94 -1.95
N TYR B 587 -20.04 -15.59 -3.22
CA TYR B 587 -20.67 -14.44 -3.87
C TYR B 587 -21.36 -14.89 -5.14
N ALA B 588 -22.61 -14.45 -5.33
CA ALA B 588 -23.37 -14.77 -6.54
C ALA B 588 -23.86 -13.50 -7.21
N ASN B 589 -23.52 -13.35 -8.49
CA ASN B 589 -24.03 -12.27 -9.33
C ASN B 589 -23.83 -10.86 -8.78
N ASP B 590 -22.73 -10.65 -8.04
CA ASP B 590 -22.44 -9.36 -7.41
C ASP B 590 -23.65 -8.84 -6.62
N GLU B 591 -24.29 -9.73 -5.88
CA GLU B 591 -25.58 -9.45 -5.25
C GLU B 591 -25.75 -10.25 -3.95
N VAL B 592 -25.65 -11.58 -4.05
CA VAL B 592 -25.91 -12.45 -2.91
C VAL B 592 -24.58 -12.88 -2.29
N ALA B 593 -24.50 -12.79 -0.96
CA ALA B 593 -23.32 -13.26 -0.22
C ALA B 593 -23.71 -14.26 0.86
N LEU B 594 -22.87 -15.25 1.06
CA LEU B 594 -23.08 -16.25 2.10
C LEU B 594 -21.74 -16.68 2.65
N SER B 595 -21.50 -16.38 3.93
CA SER B 595 -20.27 -16.73 4.63
C SER B 595 -20.55 -17.90 5.56
N THR B 596 -19.70 -18.91 5.59
CA THR B 596 -19.87 -20.01 6.53
C THR B 596 -18.53 -20.58 6.95
N ARG B 597 -18.57 -21.67 7.73
CA ARG B 597 -17.39 -22.29 8.29
C ARG B 597 -17.33 -23.80 8.04
N ALA B 598 -16.14 -24.32 7.76
CA ALA B 598 -15.91 -25.76 7.65
C ALA B 598 -14.56 -26.08 8.25
N TYR B 599 -14.50 -27.12 9.07
CA TYR B 599 -13.30 -27.46 9.84
C TYR B 599 -12.85 -28.92 9.63
N PRO B 600 -12.60 -29.33 8.36
CA PRO B 600 -12.11 -30.70 8.17
C PRO B 600 -10.79 -30.95 8.87
N TRP B 601 -10.65 -32.13 9.45
CA TRP B 601 -9.44 -32.50 10.16
C TRP B 601 -8.28 -32.93 9.25
N LEU B 602 -8.57 -33.71 8.21
CA LEU B 602 -7.51 -34.35 7.43
C LEU B 602 -6.74 -33.33 6.60
N ALA B 603 -5.41 -33.49 6.57
CA ALA B 603 -4.52 -32.59 5.86
C ALA B 603 -4.83 -32.53 4.36
N ASN B 604 -5.34 -33.62 3.79
CA ASN B 604 -5.68 -33.66 2.36
C ASN B 604 -7.12 -33.25 2.02
N SER B 605 -7.90 -32.76 2.99
CA SER B 605 -9.24 -32.25 2.69
C SER B 605 -9.16 -30.79 2.18
N THR B 606 -8.49 -30.64 1.04
CA THR B 606 -8.29 -29.34 0.39
C THR B 606 -8.79 -29.28 -1.05
N GLY B 607 -9.22 -30.40 -1.61
CA GLY B 607 -9.59 -30.47 -3.03
C GLY B 607 -10.88 -29.76 -3.38
N ALA B 608 -11.08 -29.57 -4.68
CA ALA B 608 -12.25 -28.88 -5.18
C ALA B 608 -12.63 -29.31 -6.60
N GLY B 609 -13.90 -29.11 -6.94
CA GLY B 609 -14.38 -29.48 -8.26
C GLY B 609 -15.84 -29.15 -8.44
N LEU B 610 -16.41 -29.69 -9.52
CA LEU B 610 -17.79 -29.38 -9.92
C LEU B 610 -18.76 -30.42 -9.37
N LEU B 611 -19.94 -29.93 -8.99
CA LEU B 611 -21.03 -30.75 -8.51
C LEU B 611 -22.12 -30.72 -9.57
N ALA B 612 -22.75 -31.88 -9.79
CA ALA B 612 -23.83 -32.01 -10.77
C ALA B 612 -24.86 -32.98 -10.22
N ASP B 613 -26.14 -32.61 -10.33
CA ASP B 613 -27.23 -33.49 -9.92
C ASP B 613 -28.39 -33.33 -10.89
N GLY B 614 -28.86 -34.47 -11.42
CA GLY B 614 -29.95 -34.46 -12.39
C GLY B 614 -29.62 -33.79 -13.72
N THR B 615 -28.34 -33.77 -14.10
CA THR B 615 -27.96 -33.34 -15.45
C THR B 615 -28.08 -34.53 -16.39
N THR B 616 -28.69 -34.30 -17.55
CA THR B 616 -28.97 -35.34 -18.53
C THR B 616 -28.58 -34.86 -19.92
N ALA B 617 -28.80 -35.70 -20.93
CA ALA B 617 -28.66 -35.29 -22.34
C ALA B 617 -29.55 -34.09 -22.68
N GLY B 618 -30.75 -34.03 -22.09
CA GLY B 618 -31.71 -32.96 -22.33
C GLY B 618 -31.66 -31.79 -21.35
N ASP B 619 -31.27 -32.04 -20.11
CA ASP B 619 -31.19 -30.99 -19.08
C ASP B 619 -29.71 -30.77 -18.75
N VAL B 620 -29.09 -29.85 -19.47
CA VAL B 620 -27.64 -29.68 -19.46
C VAL B 620 -27.26 -28.39 -18.72
N VAL B 621 -26.16 -28.42 -17.98
CA VAL B 621 -25.62 -27.21 -17.34
C VAL B 621 -24.25 -26.93 -17.94
N GLY B 622 -24.13 -25.77 -18.59
CA GLY B 622 -22.87 -25.36 -19.20
C GLY B 622 -22.08 -24.52 -18.22
N VAL B 623 -20.88 -24.96 -17.88
CA VAL B 623 -20.02 -24.24 -16.95
C VAL B 623 -18.85 -23.65 -17.75
N SER B 624 -18.65 -22.34 -17.61
CA SER B 624 -17.57 -21.62 -18.28
C SER B 624 -16.98 -20.56 -17.36
N GLY B 625 -15.94 -19.87 -17.83
CA GLY B 625 -15.23 -18.88 -17.04
C GLY B 625 -14.64 -19.47 -15.77
N LEU B 626 -14.24 -20.74 -15.84
CA LEU B 626 -13.75 -21.47 -14.67
C LEU B 626 -12.30 -21.12 -14.39
N GLU B 627 -12.03 -20.78 -13.13
CA GLU B 627 -10.70 -20.40 -12.72
C GLU B 627 -10.46 -20.77 -11.27
N LEU B 628 -9.28 -21.33 -11.00
CA LEU B 628 -8.79 -21.60 -9.64
C LEU B 628 -7.63 -20.65 -9.36
N TRP B 629 -7.70 -19.93 -8.23
CA TRP B 629 -6.57 -19.16 -7.71
C TRP B 629 -6.05 -19.84 -6.46
N ASP B 630 -4.91 -20.52 -6.58
CA ASP B 630 -4.33 -21.21 -5.43
C ASP B 630 -3.33 -20.35 -4.67
N GLY B 631 -3.61 -20.09 -3.39
CA GLY B 631 -2.67 -19.42 -2.48
C GLY B 631 -3.19 -18.12 -1.86
N LEU B 632 -3.88 -17.31 -2.66
CA LEU B 632 -4.35 -15.98 -2.25
C LEU B 632 -3.16 -15.12 -1.77
N VAL B 633 -3.35 -14.32 -0.72
CA VAL B 633 -2.35 -13.38 -0.20
C VAL B 633 -2.16 -13.66 1.29
N ASP B 634 -0.92 -13.56 1.75
CA ASP B 634 -0.61 -13.51 3.17
C ASP B 634 -1.05 -12.12 3.69
N ALA B 635 -2.23 -12.03 4.32
CA ALA B 635 -2.79 -10.74 4.71
C ALA B 635 -2.08 -10.01 5.86
N TRP B 636 -1.26 -10.73 6.64
CA TRP B 636 -0.56 -10.18 7.80
C TRP B 636 0.92 -10.53 7.71
N PRO B 637 1.63 -9.94 6.73
CA PRO B 637 3.00 -10.34 6.47
C PRO B 637 3.96 -10.20 7.65
N ALA B 638 3.73 -9.23 8.55
CA ALA B 638 4.60 -9.06 9.69
C ALA B 638 4.33 -10.04 10.85
N ARG B 639 3.18 -10.71 10.84
CA ARG B 639 2.84 -11.64 11.93
C ARG B 639 3.50 -13.00 11.68
N PRO B 640 4.08 -13.60 12.72
CA PRO B 640 4.46 -15.02 12.59
C PRO B 640 3.23 -15.92 12.48
N ALA B 641 3.44 -17.20 12.19
CA ALA B 641 2.34 -18.16 12.04
C ALA B 641 1.48 -18.27 13.30
N ASN B 642 2.14 -18.29 14.46
CA ASN B 642 1.47 -18.37 15.75
C ASN B 642 1.65 -17.07 16.54
N THR B 643 0.59 -16.26 16.57
CA THR B 643 0.57 -15.01 17.33
C THR B 643 -0.19 -15.14 18.66
N SER B 644 -0.45 -16.38 19.10
CA SER B 644 -1.01 -16.58 20.43
C SER B 644 -0.10 -16.00 21.50
N GLN B 645 -0.68 -15.41 22.53
CA GLN B 645 0.08 -15.03 23.72
C GLN B 645 -0.42 -15.82 24.92
N GLY B 646 -1.08 -16.95 24.68
CA GLY B 646 -1.70 -17.71 25.75
C GLY B 646 -3.06 -17.14 26.12
N LEU B 647 -3.77 -17.88 26.97
CA LEU B 647 -5.09 -17.48 27.43
C LEU B 647 -5.06 -17.33 28.95
N VAL B 648 -5.91 -16.47 29.46
CA VAL B 648 -5.97 -16.20 30.90
C VAL B 648 -7.41 -16.28 31.40
N TRP B 649 -7.54 -16.49 32.71
CA TRP B 649 -8.81 -16.50 33.40
C TRP B 649 -8.89 -15.28 34.30
N ASP B 650 -10.05 -14.61 34.29
CA ASP B 650 -10.29 -13.44 35.13
C ASP B 650 -10.38 -13.78 36.64
N GLY B 651 -10.61 -15.05 36.94
CA GLY B 651 -10.69 -15.50 38.33
C GLY B 651 -12.11 -15.48 38.86
N PRO B 652 -12.28 -15.75 40.17
CA PRO B 652 -13.61 -15.85 40.77
C PRO B 652 -14.43 -14.57 40.73
N THR B 653 -13.80 -13.41 40.63
CA THR B 653 -14.54 -12.15 40.56
C THR B 653 -15.37 -11.99 39.28
N ALA B 654 -15.06 -12.71 38.20
CA ALA B 654 -15.84 -12.56 36.96
C ALA B 654 -17.32 -12.90 37.21
N ALA B 655 -17.57 -14.00 37.90
CA ALA B 655 -18.92 -14.39 38.29
C ALA B 655 -19.56 -13.44 39.31
N MET B 656 -18.76 -12.87 40.22
CA MET B 656 -19.26 -11.88 41.18
C MET B 656 -19.75 -10.62 40.50
N TYR B 657 -18.95 -10.09 39.57
CA TYR B 657 -19.36 -8.90 38.82
C TYR B 657 -20.49 -9.24 37.83
N GLY B 658 -20.45 -10.45 37.26
CA GLY B 658 -21.52 -10.94 36.37
C GLY B 658 -21.58 -10.30 34.99
N LEU B 659 -20.51 -9.60 34.59
CA LEU B 659 -20.51 -8.85 33.32
C LEU B 659 -19.92 -9.65 32.16
N PHE B 660 -18.87 -10.41 32.45
CA PHE B 660 -18.08 -11.12 31.45
C PHE B 660 -17.95 -12.58 31.86
N ALA B 661 -17.89 -13.49 30.88
CA ALA B 661 -17.66 -14.90 31.17
C ALA B 661 -16.41 -15.11 32.02
N GLY B 662 -15.34 -14.38 31.68
CA GLY B 662 -14.07 -14.44 32.41
C GLY B 662 -12.98 -15.21 31.73
N TYR B 663 -13.26 -15.81 30.57
CA TYR B 663 -12.26 -16.59 29.82
C TYR B 663 -12.44 -16.37 28.33
C1 GLC C . 28.92 22.36 4.24
C2 GLC C . 29.72 21.74 5.38
C3 GLC C . 30.32 20.39 5.00
C4 GLC C . 29.26 19.46 4.41
C5 GLC C . 28.56 20.13 3.21
C6 GLC C . 27.56 19.14 2.61
O1 GLC C . 29.84 22.83 3.24
O2 GLC C . 30.81 22.63 5.73
O3 GLC C . 30.94 19.80 6.16
O4 GLC C . 29.91 18.30 3.92
O5 GLC C . 27.97 21.40 3.64
O6 GLC C . 26.86 19.86 1.59
C1 GLC C . 29.81 17.06 4.61
C2 GLC C . 31.19 16.49 4.70
C3 GLC C . 31.78 16.31 3.29
C4 GLC C . 30.88 15.40 2.46
C5 GLC C . 29.42 15.94 2.49
C6 GLC C . 28.36 15.07 1.80
O2 GLC C . 32.01 17.41 5.44
O3 GLC C . 33.08 15.74 3.45
O4 GLC C . 31.35 15.36 1.08
O5 GLC C . 28.99 16.12 3.86
O6 GLC C . 28.63 13.67 2.03
C1 FRU C . 27.36 12.41 0.23
C2 FRU C . 27.55 12.75 1.71
C3 FRU C . 27.78 11.39 2.38
C4 FRU C . 27.53 11.73 3.84
C5 FRU C . 26.30 12.71 3.70
C6 FRU C . 26.37 13.86 4.70
O1 FRU C . 27.09 13.65 -0.42
O3 FRU C . 29.12 10.95 2.09
O4 FRU C . 27.16 10.59 4.62
O5 FRU C . 26.34 13.18 2.34
O6 FRU C . 25.05 14.50 4.68
C1 NAG D . 13.47 33.98 6.90
C2 NAG D . 12.93 34.49 8.23
C3 NAG D . 14.08 35.05 9.04
C4 NAG D . 15.13 33.95 9.23
C5 NAG D . 15.57 33.35 7.88
C6 NAG D . 16.48 32.13 8.08
C7 NAG D . 10.68 35.44 8.56
C8 NAG D . 9.78 36.62 8.31
N2 NAG D . 11.91 35.53 8.07
O3 NAG D . 13.60 35.52 10.30
O4 NAG D . 16.22 34.42 10.03
O5 NAG D . 14.42 32.93 7.17
O6 NAG D . 17.26 31.90 6.91
O7 NAG D . 10.28 34.46 9.16
C1 NAG D . 17.16 35.30 9.39
C2 NAG D . 17.79 36.20 10.46
C3 NAG D . 18.86 37.08 9.85
C4 NAG D . 19.84 36.21 9.07
C5 NAG D . 19.13 35.28 8.07
C6 NAG D . 20.04 34.25 7.40
C7 NAG D . 16.19 36.71 12.31
C8 NAG D . 16.71 35.59 13.13
N2 NAG D . 16.72 36.95 11.10
O3 NAG D . 19.51 37.77 10.92
O4 NAG D . 20.74 37.02 8.29
O5 NAG D . 18.16 34.55 8.74
O6 NAG D . 19.34 33.64 6.29
O7 NAG D . 15.28 37.40 12.76
C1 BMA D . 22.01 37.21 8.89
C2 BMA D . 23.03 37.45 7.79
C3 BMA D . 24.37 37.74 8.47
C4 BMA D . 24.23 38.94 9.38
C5 BMA D . 23.15 38.71 10.42
C6 BMA D . 22.94 39.99 11.21
O2 BMA D . 22.56 38.53 6.99
O3 BMA D . 25.54 38.01 7.68
O4 BMA D . 25.46 39.16 10.05
O5 BMA D . 21.92 38.31 9.79
O6 BMA D . 21.86 39.74 12.12
C1 MAN D . 26.03 37.64 6.60
C2 MAN D . 27.24 38.12 5.82
C3 MAN D . 26.80 39.32 5.04
C4 MAN D . 25.79 38.89 3.97
C5 MAN D . 24.76 37.86 4.48
C6 MAN D . 24.93 36.53 3.76
O2 MAN D . 27.73 37.22 4.83
O3 MAN D . 27.96 39.85 4.40
O4 MAN D . 25.12 40.02 3.47
O5 MAN D . 24.82 37.70 5.90
O6 MAN D . 24.29 36.55 2.47
C1 MAN D . 28.34 36.16 5.24
C2 MAN D . 29.64 36.78 5.80
C3 MAN D . 30.89 36.00 5.39
C4 MAN D . 30.60 34.50 5.38
C5 MAN D . 29.56 34.19 4.30
C6 MAN D . 28.86 32.86 4.57
O2 MAN D . 29.55 36.84 7.23
O3 MAN D . 31.98 36.30 6.27
O4 MAN D . 31.79 33.75 5.15
O5 MAN D . 28.58 35.24 4.15
O6 MAN D . 27.89 33.00 5.60
C1 MAN D . 21.57 40.86 12.98
C2 MAN D . 20.77 40.33 14.18
C3 MAN D . 19.34 39.96 13.77
C4 MAN D . 18.69 41.10 12.99
C5 MAN D . 19.57 41.56 11.82
C6 MAN D . 18.94 42.70 11.01
O2 MAN D . 20.74 41.29 15.23
O3 MAN D . 18.53 39.67 14.93
O4 MAN D . 17.42 40.65 12.49
O5 MAN D . 20.88 41.91 12.29
O6 MAN D . 18.49 43.78 11.83
C1 MAN D . 18.30 38.26 15.09
C2 MAN D . 17.12 38.02 16.04
C3 MAN D . 17.48 38.44 17.46
C4 MAN D . 18.75 37.72 17.91
C5 MAN D . 19.87 37.95 16.91
C6 MAN D . 21.15 37.18 17.25
O2 MAN D . 16.76 36.63 16.02
O3 MAN D . 16.38 38.15 18.34
O4 MAN D . 19.10 38.14 19.23
O5 MAN D . 19.44 37.55 15.60
O6 MAN D . 22.25 37.87 16.64
C1 NAG E . 19.62 19.06 15.94
C2 NAG E . 19.49 20.46 16.64
C3 NAG E . 18.89 20.33 18.02
C4 NAG E . 17.59 19.54 17.93
C5 NAG E . 17.87 18.19 17.25
C6 NAG E . 16.66 17.28 17.12
C7 NAG E . 21.20 22.07 15.93
C8 NAG E . 22.61 22.49 16.12
N2 NAG E . 20.81 21.07 16.71
O3 NAG E . 18.67 21.62 18.61
O4 NAG E . 17.14 19.32 19.25
O5 NAG E . 18.36 18.43 15.93
O6 NAG E . 15.67 17.91 16.30
O7 NAG E . 20.47 22.61 15.11
C1 NAG E . 15.73 19.62 19.41
C2 NAG E . 15.26 19.10 20.76
C3 NAG E . 13.81 19.50 21.01
C4 NAG E . 13.55 20.98 20.71
C5 NAG E . 14.07 21.35 19.34
C6 NAG E . 13.86 22.84 19.01
C7 NAG E . 16.47 16.99 21.34
C8 NAG E . 16.31 15.49 21.40
N2 NAG E . 15.38 17.64 20.90
O3 NAG E . 13.50 19.23 22.36
O4 NAG E . 12.13 21.19 20.69
O5 NAG E . 15.48 21.03 19.32
O6 NAG E . 14.58 23.63 19.96
O7 NAG E . 17.52 17.55 21.63
C1 BMA E . 11.66 21.91 21.83
C2 BMA E . 10.50 22.81 21.42
C3 BMA E . 9.89 23.49 22.64
C4 BMA E . 9.56 22.49 23.72
C5 BMA E . 10.77 21.61 24.00
C6 BMA E . 10.38 20.51 24.96
O2 BMA E . 9.51 22.00 20.80
O3 BMA E . 8.60 24.00 22.33
O4 BMA E . 9.12 23.19 24.89
O5 BMA E . 11.20 20.98 22.80
O6 BMA E . 11.59 19.80 25.29
C1 MAN E . 8.43 25.13 22.36
C2 MAN E . 7.06 25.86 22.34
C3 MAN E . 6.71 25.99 20.89
C4 MAN E . 7.75 26.86 20.20
C5 MAN E . 9.16 26.30 20.48
C6 MAN E . 10.21 27.22 19.92
O2 MAN E . 7.09 27.20 22.87
O3 MAN E . 5.44 26.58 20.80
O4 MAN E . 7.56 26.86 18.80
O5 MAN E . 9.30 26.15 21.88
O6 MAN E . 10.10 28.48 20.57
C1 MAN E . 5.95 27.51 23.69
C2 MAN E . 5.77 29.01 23.89
C3 MAN E . 6.84 29.55 24.84
C4 MAN E . 6.79 28.81 26.18
C5 MAN E . 6.81 27.29 25.99
C6 MAN E . 6.41 26.61 27.29
O2 MAN E . 4.47 29.27 24.45
O3 MAN E . 6.64 30.95 25.02
O4 MAN E . 7.91 29.21 26.99
O5 MAN E . 5.94 26.82 24.95
O6 MAN E . 6.03 25.24 27.09
C1 MAN E . 3.44 29.39 23.43
C2 MAN E . 3.11 30.86 23.26
C3 MAN E . 2.31 31.38 24.45
C4 MAN E . 1.13 30.47 24.81
C5 MAN E . 1.54 28.99 24.88
C6 MAN E . 0.30 28.12 25.03
O2 MAN E . 2.41 31.05 22.03
O3 MAN E . 1.81 32.70 24.17
O4 MAN E . 0.60 30.86 26.09
O5 MAN E . 2.27 28.61 23.71
O6 MAN E . 0.67 26.72 25.06
C1 MAN E . 11.30 18.82 26.28
C2 MAN E . 12.62 18.12 26.59
C3 MAN E . 13.07 17.24 25.42
C4 MAN E . 11.94 16.33 24.98
C5 MAN E . 10.73 17.21 24.63
C6 MAN E . 9.57 16.42 24.05
O2 MAN E . 12.42 17.31 27.75
O3 MAN E . 14.21 16.43 25.78
O4 MAN E . 12.34 15.55 23.87
O5 MAN E . 10.32 17.88 25.84
O6 MAN E . 8.89 15.84 25.14
C1 MAN E . 8.35 14.59 24.78
C2 MAN E . 7.56 13.92 25.89
C3 MAN E . 8.57 13.17 26.76
C4 MAN E . 9.36 12.13 25.95
C5 MAN E . 9.91 12.82 24.71
C6 MAN E . 10.61 11.85 23.78
O2 MAN E . 6.64 12.97 25.35
O3 MAN E . 7.91 12.52 27.80
O4 MAN E . 10.41 11.42 26.66
O5 MAN E . 8.84 13.47 24.04
O6 MAN E . 9.73 10.80 23.50
C1 MAN E . 5.29 13.41 25.17
C2 MAN E . 4.38 12.20 25.07
C3 MAN E . 4.62 11.42 23.77
C4 MAN E . 4.66 12.33 22.53
C5 MAN E . 5.53 13.56 22.76
C6 MAN E . 5.39 14.54 21.59
O2 MAN E . 3.01 12.64 25.14
O3 MAN E . 3.61 10.41 23.60
O4 MAN E . 5.17 11.59 21.41
O5 MAN E . 5.16 14.21 23.99
O6 MAN E . 6.34 15.60 21.72
C1 MAN E . 15.39 16.86 25.13
C2 MAN E . 16.46 15.78 25.30
C3 MAN E . 16.88 15.64 26.76
C4 MAN E . 17.34 17.00 27.31
C5 MAN E . 16.24 18.05 27.07
C6 MAN E . 16.69 19.45 27.45
O2 MAN E . 17.59 16.12 24.49
O3 MAN E . 17.94 14.68 26.89
O4 MAN E . 17.62 16.89 28.70
O5 MAN E . 15.86 18.10 25.70
O6 MAN E . 15.61 20.36 27.21
C1 NAG F . 12.33 -0.60 -27.24
C2 NAG F . 13.35 -1.74 -27.13
C3 NAG F . 12.80 -3.02 -27.77
C4 NAG F . 11.38 -3.33 -27.32
C5 NAG F . 10.47 -2.10 -27.39
C6 NAG F . 9.09 -2.33 -26.78
C7 NAG F . 15.70 -0.97 -27.17
C8 NAG F . 16.84 -0.57 -28.06
N2 NAG F . 14.57 -1.33 -27.80
O3 NAG F . 13.65 -4.09 -27.40
O4 NAG F . 10.86 -4.33 -28.22
O5 NAG F . 11.08 -1.02 -26.68
O6 NAG F . 9.21 -2.59 -25.37
O7 NAG F . 15.82 -0.95 -25.95
C1 NAG F . 10.41 -5.54 -27.56
C2 NAG F . 9.38 -6.23 -28.45
C3 NAG F . 8.88 -7.49 -27.74
C4 NAG F . 10.02 -8.38 -27.23
C5 NAG F . 11.11 -7.58 -26.52
C6 NAG F . 12.35 -8.45 -26.30
C7 NAG F . 8.10 -4.56 -29.83
C8 NAG F . 9.10 -4.57 -30.95
N2 NAG F . 8.28 -5.33 -28.73
O3 NAG F . 8.08 -8.26 -28.64
O4 NAG F . 9.47 -9.36 -26.33
O5 NAG F . 11.50 -6.43 -27.27
O6 NAG F . 13.26 -7.78 -25.43
O7 NAG F . 7.11 -3.85 -29.90
C1 GLC G . -22.02 -12.31 26.89
C2 GLC G . -22.37 -11.06 27.71
C3 GLC G . -23.26 -10.11 26.93
C4 GLC G . -22.66 -9.78 25.56
C5 GLC G . -22.39 -11.08 24.77
C6 GLC G . -21.76 -10.67 23.46
O1 GLC G . -23.18 -13.15 26.79
O2 GLC G . -23.05 -11.42 28.92
O3 GLC G . -23.41 -8.89 27.69
O4 GLC G . -23.58 -9.02 24.81
O5 GLC G . -21.52 -11.94 25.55
O6 GLC G . -21.38 -11.88 22.82
C1 GLC G . -23.39 -7.61 24.61
C2 GLC G . -24.69 -6.92 24.93
C3 GLC G . -25.79 -7.43 23.99
C4 GLC G . -25.39 -7.28 22.53
C5 GLC G . -24.00 -7.89 22.27
C6 GLC G . -23.51 -7.71 20.81
O2 GLC G . -25.06 -7.16 26.32
O3 GLC G . -26.95 -6.68 24.23
O4 GLC G . -26.35 -7.95 21.71
O5 GLC G . -23.06 -7.36 23.21
O6 GLC G . -23.71 -6.37 20.40
C1 FRU G . -23.40 -6.56 17.84
C2 FRU G . -22.95 -5.98 19.18
C3 FRU G . -23.04 -4.49 19.01
C4 FRU G . -22.19 -3.98 20.17
C5 FRU G . -21.03 -4.97 20.12
C6 FRU G . -20.56 -5.28 21.51
O1 FRU G . -23.17 -7.95 17.90
O3 FRU G . -24.42 -4.06 19.07
O4 FRU G . -21.74 -2.63 19.94
O5 FRU G . -21.53 -6.17 19.41
O6 FRU G . -19.42 -6.13 21.36
C1 NAG H . -5.42 -22.20 29.44
C2 NAG H . -4.34 -21.96 30.51
C3 NAG H . -4.99 -21.78 31.86
C4 NAG H . -5.99 -20.63 31.78
C5 NAG H . -7.00 -20.84 30.65
C6 NAG H . -7.86 -19.61 30.45
C7 NAG H . -2.07 -22.95 30.43
C8 NAG H . -1.26 -24.21 30.53
N2 NAG H . -3.41 -23.07 30.57
O3 NAG H . -4.00 -21.43 32.84
O4 NAG H . -6.60 -20.40 33.08
O5 NAG H . -6.30 -21.07 29.43
O6 NAG H . -9.07 -19.98 29.79
O7 NAG H . -1.52 -21.87 30.24
C1 NAG H . -7.62 -21.32 33.48
C2 NAG H . -7.68 -21.37 35.01
C3 NAG H . -8.82 -22.28 35.46
C4 NAG H . -10.11 -21.92 34.75
C5 NAG H . -9.93 -21.81 33.23
C6 NAG H . -11.16 -21.25 32.52
C7 NAG H . -5.46 -20.95 36.01
C8 NAG H . -4.15 -21.56 36.45
N2 NAG H . -6.37 -21.81 35.49
O3 NAG H . -9.00 -22.15 36.88
O4 NAG H . -11.10 -22.95 34.97
O5 NAG H . -8.87 -20.91 32.96
O6 NAG H . -10.98 -21.40 31.10
O7 NAG H . -5.67 -19.76 36.13
C1 BMA H . -12.05 -22.64 35.99
C2 BMA H . -13.31 -23.45 35.68
C3 BMA H . -14.36 -23.20 36.76
C4 BMA H . -13.81 -23.48 38.15
C5 BMA H . -12.44 -22.86 38.40
C6 BMA H . -11.81 -23.60 39.56
O2 BMA H . -12.98 -24.84 35.60
O3 BMA H . -15.46 -24.10 36.59
O4 BMA H . -14.74 -22.92 39.09
O5 BMA H . -11.54 -22.94 37.29
O6 BMA H . -10.92 -22.69 40.20
C1 MAN H . -9.80 -22.87 40.54
C2 MAN H . -8.62 -21.94 40.81
C3 MAN H . -7.40 -22.34 39.99
C4 MAN H . -7.11 -23.83 40.13
C5 MAN H . -8.37 -24.65 39.90
C6 MAN H . -8.11 -26.13 40.11
O2 MAN H . -8.29 -21.98 42.20
O3 MAN H . -6.26 -21.59 40.44
O4 MAN H . -6.11 -24.21 39.18
O5 MAN H . -9.40 -24.22 40.79
O6 MAN H . -6.82 -26.47 39.60
C1 MAN H . -6.19 -20.37 39.68
C2 MAN H . -4.77 -19.82 39.76
C3 MAN H . -4.43 -19.40 41.19
C4 MAN H . -5.46 -18.39 41.70
C5 MAN H . -6.88 -18.91 41.52
C6 MAN H . -7.93 -17.83 41.81
O2 MAN H . -4.67 -18.70 38.87
O3 MAN H . -3.12 -18.81 41.23
O4 MAN H . -5.18 -18.11 43.08
O5 MAN H . -7.10 -19.38 40.18
O6 MAN H . -9.17 -18.45 42.15
C1 MAN H . -16.58 -23.53 35.88
C2 MAN H . -17.86 -23.98 36.59
C3 MAN H . -18.87 -24.49 35.57
C4 MAN H . -18.26 -25.65 34.79
C5 MAN H . -16.85 -25.32 34.27
C6 MAN H . -16.70 -25.63 32.78
O2 MAN H . -18.43 -22.91 37.35
O3 MAN H . -19.22 -23.42 34.67
O4 MAN H . -18.18 -26.81 35.64
O5 MAN H . -16.54 -23.94 34.51
O6 MAN H . -15.33 -25.87 32.48
C1 NAG I . -9.45 -4.11 30.09
C2 NAG I . -8.90 -4.86 31.32
C3 NAG I . -7.82 -4.05 32.03
C4 NAG I . -6.77 -3.63 30.99
C5 NAG I . -7.45 -2.88 29.83
C6 NAG I . -6.51 -2.40 28.74
C7 NAG I . -10.53 -6.39 32.36
C8 NAG I . -11.71 -6.47 33.29
N2 NAG I . -10.01 -5.16 32.21
O3 NAG I . -7.19 -4.78 33.09
O4 NAG I . -5.84 -2.81 31.70
O5 NAG I . -8.37 -3.79 29.21
O6 NAG I . -5.86 -3.53 28.15
O7 NAG I . -10.10 -7.38 31.78
C1 NAG I . -4.48 -3.15 31.42
C2 NAG I . -3.59 -2.03 31.97
C3 NAG I . -2.11 -2.41 31.81
C4 NAG I . -1.83 -3.82 32.31
C5 NAG I . -2.79 -4.81 31.68
C6 NAG I . -2.54 -6.24 32.14
C7 NAG I . -4.72 0.16 31.62
C8 NAG I . -4.78 1.39 30.75
N2 NAG I . -3.83 -0.77 31.26
O3 NAG I . -1.27 -1.45 32.49
O4 NAG I . -0.53 -4.23 31.87
O5 NAG I . -4.14 -4.42 31.98
O6 NAG I . -2.68 -6.28 33.57
O7 NAG I . -5.49 0.05 32.56
C1 BMA I . 0.49 -4.17 32.86
C2 BMA I . 1.51 -5.25 32.55
C3 BMA I . 2.66 -5.21 33.56
C4 BMA I . 3.25 -3.81 33.68
C5 BMA I . 2.14 -2.80 33.90
C6 BMA I . 2.73 -1.41 33.86
O2 BMA I . 2.03 -5.03 31.23
O3 BMA I . 3.70 -6.11 33.12
O4 BMA I . 4.20 -3.75 34.76
O5 BMA I . 1.14 -2.89 32.87
O6 BMA I . 1.67 -0.49 34.11
C1 MAN I . 4.05 -7.06 34.15
C2 MAN I . 5.32 -7.78 33.75
C3 MAN I . 5.05 -8.68 32.55
C4 MAN I . 3.90 -9.64 32.86
C5 MAN I . 2.67 -8.82 33.27
C6 MAN I . 1.45 -9.68 33.64
O2 MAN I . 5.72 -8.58 34.88
O3 MAN I . 6.26 -9.35 32.20
O4 MAN I . 3.62 -10.47 31.72
O5 MAN I . 3.00 -8.00 34.40
O6 MAN I . 1.59 -10.28 34.93
C1 MAN I . 7.14 -8.47 35.15
C2 MAN I . 7.52 -9.58 36.13
C3 MAN I . 6.93 -9.30 37.51
C4 MAN I . 7.33 -7.91 37.99
C5 MAN I . 6.97 -6.85 36.95
C6 MAN I . 7.48 -5.46 37.34
O2 MAN I . 8.96 -9.68 36.23
O3 MAN I . 7.38 -10.30 38.44
O4 MAN I . 6.65 -7.66 39.23
O5 MAN I . 7.52 -7.19 35.66
O6 MAN I . 8.87 -5.31 36.99
C1 MAN I . 9.48 -10.90 35.65
C2 MAN I . 10.90 -11.14 36.16
C3 MAN I . 11.88 -10.13 35.56
C4 MAN I . 11.75 -10.05 34.04
C5 MAN I . 10.29 -9.89 33.62
C6 MAN I . 10.14 -9.97 32.10
O2 MAN I . 11.29 -12.47 35.80
O3 MAN I . 13.23 -10.48 35.90
O4 MAN I . 12.51 -8.94 33.56
O5 MAN I . 9.46 -10.89 34.22
O6 MAN I . 10.44 -8.69 31.53
C1 MAN I . 2.16 0.85 34.15
C2 MAN I . 1.00 1.79 34.51
C3 MAN I . 0.01 1.86 33.35
C4 MAN I . 0.75 2.22 32.07
C5 MAN I . 1.83 1.15 31.81
C6 MAN I . 2.57 1.36 30.51
O2 MAN I . 1.52 3.09 34.82
O3 MAN I . -1.00 2.86 33.58
O4 MAN I . -0.16 2.36 30.98
O5 MAN I . 2.76 1.21 32.90
O6 MAN I . 3.30 2.59 30.66
C1 MAN I . 3.78 3.06 29.40
C2 MAN I . 4.83 4.14 29.63
C3 MAN I . 4.19 5.32 30.33
C4 MAN I . 2.95 5.80 29.56
C5 MAN I . 1.99 4.64 29.20
C6 MAN I . 0.84 5.08 28.31
O2 MAN I . 5.35 4.62 28.39
O3 MAN I . 5.12 6.41 30.44
O4 MAN I . 2.23 6.74 30.37
O5 MAN I . 2.74 3.58 28.56
O6 MAN I . 1.32 5.66 27.09
C1 MAN I . 6.52 3.93 27.90
C2 MAN I . 7.11 4.81 26.78
C3 MAN I . 6.15 4.84 25.58
C4 MAN I . 5.76 3.43 25.13
C5 MAN I . 5.31 2.56 26.32
C6 MAN I . 5.07 1.10 25.89
O2 MAN I . 8.40 4.32 26.44
O3 MAN I . 6.75 5.55 24.49
O4 MAN I . 4.68 3.52 24.18
O5 MAN I . 6.28 2.62 27.39
O6 MAN I . 4.69 0.32 27.03
C1 MAN I . -2.30 2.30 33.86
C2 MAN I . -3.32 3.43 33.79
C3 MAN I . -3.13 4.41 34.94
C4 MAN I . -3.20 3.66 36.28
C5 MAN I . -2.14 2.56 36.27
C6 MAN I . -2.13 1.75 37.55
O2 MAN I . -4.63 2.84 33.79
O3 MAN I . -4.09 5.47 34.87
O4 MAN I . -2.96 4.53 37.39
O5 MAN I . -2.35 1.68 35.16
O6 MAN I . -1.19 0.68 37.43
C1 NAG J . -21.84 -13.13 -15.43
C2 NAG J . -22.84 -11.99 -15.60
C3 NAG J . -22.73 -11.32 -16.97
C4 NAG J . -21.28 -11.00 -17.36
C5 NAG J . -20.33 -12.17 -17.08
C6 NAG J . -18.87 -11.79 -17.21
C7 NAG J . -24.96 -12.37 -14.36
C8 NAG J . -26.29 -13.08 -14.43
N2 NAG J . -24.17 -12.56 -15.43
O3 NAG J . -23.48 -10.10 -16.97
O4 NAG J . -21.26 -10.71 -18.78
O5 NAG J . -20.53 -12.67 -15.76
O6 NAG J . -18.54 -10.82 -16.19
O7 NAG J . -24.67 -11.68 -13.41
C1 NAG J . -20.62 -9.46 -19.09
C2 NAG J . -20.08 -9.50 -20.52
C3 NAG J . -19.80 -8.08 -20.99
C4 NAG J . -21.12 -7.30 -21.07
C5 NAG J . -22.13 -7.67 -19.97
C6 NAG J . -23.30 -8.52 -20.49
C7 NAG J . -18.82 -11.57 -21.06
C8 NAG J . -17.45 -12.20 -21.04
N2 NAG J . -18.87 -10.31 -20.60
O3 NAG J . -19.14 -8.07 -22.26
O4 NAG J . -20.82 -5.90 -21.01
O5 NAG J . -21.49 -8.33 -18.85
O6 NAG J . -24.33 -8.59 -19.50
O7 NAG J . -19.80 -12.18 -21.46
C1 NAG K . 17.33 42.46 -6.44
C2 NAG K . 18.21 43.57 -6.99
C3 NAG K . 19.50 43.64 -6.18
C4 NAG K . 19.16 43.85 -4.71
C5 NAG K . 18.24 42.72 -4.25
C6 NAG K . 17.81 42.79 -2.79
C7 NAG K . 18.10 44.12 -9.43
C8 NAG K . 17.37 45.41 -9.19
N2 NAG K . 18.46 43.32 -8.41
O3 NAG K . 20.31 44.71 -6.65
O4 NAG K . 20.36 43.86 -3.91
O5 NAG K . 17.06 42.74 -5.06
O6 NAG K . 17.14 41.56 -2.48
O7 NAG K . 18.37 43.78 -10.58
C1 NAG L . 2.39 15.61 14.32
C2 NAG L . 1.74 16.80 13.59
C3 NAG L . 1.60 18.04 14.49
C4 NAG L . 1.06 17.75 15.89
C5 NAG L . 1.65 16.45 16.46
C6 NAG L . 0.92 16.00 17.73
C7 NAG L . 2.10 16.93 11.15
C8 NAG L . 3.01 17.47 10.08
N2 NAG L . 2.48 17.20 12.40
O3 NAG L . 0.73 19.00 13.87
O4 NAG L . 1.36 18.87 16.73
O5 NAG L . 1.59 15.40 15.48
O6 NAG L . 1.86 15.41 18.63
O7 NAG L . 1.11 16.27 10.86
C1 NAG M . 49.43 11.76 7.64
C2 NAG M . 49.04 13.11 8.26
C3 NAG M . 49.97 13.46 9.42
C4 NAG M . 49.86 12.37 10.49
C5 NAG M . 50.13 10.99 9.90
C6 NAG M . 49.72 9.90 10.91
C7 NAG M . 49.93 14.70 6.56
C8 NAG M . 49.62 15.88 5.69
N2 NAG M . 48.93 14.24 7.33
O3 NAG M . 49.63 14.73 9.98
O4 NAG M . 50.80 12.64 11.55
O5 NAG M . 49.41 10.75 8.68
O6 NAG M . 49.85 8.59 10.33
O7 NAG M . 51.05 14.19 6.53
C1 NAG N . 38.44 -23.81 -0.94
C2 NAG N . 38.46 -23.50 -2.43
C3 NAG N . 37.73 -24.60 -3.19
C4 NAG N . 38.23 -26.00 -2.79
C5 NAG N . 38.34 -26.18 -1.28
C6 NAG N . 39.05 -27.47 -0.86
C7 NAG N . 38.58 -21.07 -2.96
C8 NAG N . 37.82 -19.78 -3.17
N2 NAG N . 37.87 -22.17 -2.67
O3 NAG N . 37.97 -24.41 -4.60
O4 NAG N . 37.33 -26.98 -3.31
O5 NAG N . 39.07 -25.08 -0.74
O6 NAG N . 40.43 -27.44 -1.30
O7 NAG N . 39.79 -21.07 -3.06
C1 NAG O . 42.68 -16.01 15.64
C2 NAG O . 43.85 -15.04 15.78
C3 NAG O . 45.08 -15.83 16.22
C4 NAG O . 44.81 -16.58 17.52
C5 NAG O . 43.49 -17.35 17.47
C6 NAG O . 43.11 -17.81 18.88
C7 NAG O . 44.23 -12.99 14.45
C8 NAG O . 44.54 -12.45 13.09
N2 NAG O . 44.14 -14.32 14.54
O3 NAG O . 46.17 -14.92 16.39
O4 NAG O . 45.87 -17.51 17.75
O5 NAG O . 42.42 -16.56 16.95
O6 NAG O . 41.86 -18.49 18.83
O7 NAG O . 44.08 -12.23 15.39
C1 NAG P . 27.64 -23.32 -4.07
C2 NAG P . 28.52 -24.33 -3.29
C3 NAG P . 28.32 -25.76 -3.76
C4 NAG P . 26.85 -26.11 -3.96
C5 NAG P . 26.18 -25.05 -4.83
C6 NAG P . 24.70 -25.37 -5.07
C7 NAG P . 30.75 -23.54 -2.47
C8 NAG P . 32.15 -23.22 -2.90
N2 NAG P . 29.93 -23.96 -3.46
O3 NAG P . 28.90 -26.66 -2.81
O4 NAG P . 26.73 -27.40 -4.57
O5 NAG P . 26.29 -23.79 -4.18
O6 NAG P . 24.06 -24.24 -5.66
O7 NAG P . 30.41 -23.40 -1.31
C1 NAG Q . 45.61 -7.40 3.31
C2 NAG Q . 45.74 -6.24 4.30
C3 NAG Q . 45.46 -4.92 3.61
C4 NAG Q . 46.32 -4.76 2.38
C5 NAG Q . 46.13 -5.97 1.45
C6 NAG Q . 47.06 -5.91 0.24
C7 NAG Q . 45.20 -6.33 6.71
C8 NAG Q . 44.12 -6.55 7.74
N2 NAG Q . 44.84 -6.42 5.43
O3 NAG Q . 45.71 -3.84 4.52
O4 NAG Q . 45.96 -3.56 1.70
O5 NAG Q . 46.43 -7.16 2.17
O6 NAG Q . 48.42 -5.86 0.65
O7 NAG Q . 46.34 -6.10 7.07
C1 NAG R . 35.08 -11.16 -31.70
C2 NAG R . 36.53 -11.61 -31.91
C3 NAG R . 37.28 -10.54 -32.68
C4 NAG R . 36.52 -10.21 -33.97
C5 NAG R . 35.04 -9.89 -33.73
C6 NAG R . 34.25 -9.82 -35.06
C7 NAG R . 37.44 -13.16 -30.22
C8 NAG R . 38.01 -13.30 -28.84
N2 NAG R . 37.13 -11.92 -30.61
O3 NAG R . 38.62 -10.99 -32.97
O4 NAG R . 37.13 -9.12 -34.61
O5 NAG R . 34.44 -10.92 -32.95
O6 NAG R . 34.03 -11.15 -35.57
O7 NAG R . 37.30 -14.15 -30.94
C1 NAG S . -2.95 5.54 -8.22
C2 NAG S . -3.19 4.09 -8.60
C3 NAG S . -3.24 3.19 -7.36
C4 NAG S . -2.01 3.40 -6.49
C5 NAG S . -1.91 4.89 -6.14
C6 NAG S . -0.72 5.24 -5.24
C7 NAG S . -4.66 3.33 -10.50
C8 NAG S . -3.55 2.52 -11.09
N2 NAG S . -4.44 4.02 -9.36
O3 NAG S . -3.29 1.81 -7.75
O4 NAG S . -2.12 2.60 -5.31
O5 NAG S . -1.80 5.60 -7.38
O6 NAG S . 0.52 4.79 -5.81
O7 NAG S . -5.76 3.33 -11.04
C1 NAG T . 6.84 12.96 -44.08
C2 NAG T . 6.01 11.81 -44.64
C3 NAG T . 4.54 12.18 -44.73
C4 NAG T . 4.04 12.67 -43.38
C5 NAG T . 4.94 13.79 -42.82
C6 NAG T . 4.57 14.11 -41.38
C7 NAG T . 6.69 10.19 -46.35
C8 NAG T . 7.25 10.03 -47.74
N2 NAG T . 6.52 11.45 -45.95
O3 NAG T . 3.80 11.01 -45.11
O4 NAG T . 2.71 13.16 -43.51
O5 NAG T . 6.31 13.40 -42.83
O6 NAG T . 4.79 12.96 -40.54
O7 NAG T . 6.44 9.22 -45.66
C1 NAG U . 27.57 3.32 -41.57
C2 NAG U . 29.03 3.73 -41.43
C3 NAG U . 29.89 2.48 -41.38
C4 NAG U . 29.47 1.65 -40.16
C5 NAG U . 27.95 1.41 -40.09
C6 NAG U . 27.55 0.98 -38.69
C7 NAG U . 30.20 5.72 -42.40
C8 NAG U . 30.71 6.15 -41.05
N2 NAG U . 29.45 4.61 -42.53
O3 NAG U . 31.28 2.84 -41.30
O4 NAG U . 30.17 0.40 -40.17
O5 NAG U . 27.18 2.59 -40.41
O6 NAG U . 26.34 0.22 -38.73
O7 NAG U . 30.48 6.37 -43.40
C1 NAG V . 29.70 14.30 -27.67
C2 NAG V . 30.28 15.60 -28.28
C3 NAG V . 31.79 15.71 -28.09
C4 NAG V . 32.20 15.49 -26.62
C5 NAG V . 31.58 14.20 -26.09
C6 NAG V . 31.83 14.03 -24.60
C7 NAG V . 28.84 16.33 -30.13
C8 NAG V . 28.70 16.48 -31.63
N2 NAG V . 29.98 15.79 -29.69
O3 NAG V . 32.20 17.02 -28.50
O4 NAG V . 33.64 15.49 -26.52
O5 NAG V . 30.16 14.18 -26.30
O6 NAG V . 31.65 12.64 -24.25
O7 NAG V . 27.94 16.67 -29.37
C1 NAG W . 23.60 31.03 -18.93
C2 NAG W . 23.08 32.25 -19.68
C3 NAG W . 24.23 33.22 -19.88
C4 NAG W . 24.79 33.61 -18.51
C5 NAG W . 25.10 32.39 -17.64
C6 NAG W . 25.36 32.80 -16.18
C7 NAG W . 21.20 32.40 -21.36
C8 NAG W . 20.54 33.51 -20.60
N2 NAG W . 22.37 31.87 -20.92
O3 NAG W . 23.78 34.39 -20.57
O4 NAG W . 26.00 34.37 -18.68
O5 NAG W . 24.02 31.45 -17.63
O6 NAG W . 26.17 31.79 -15.58
O7 NAG W . 20.68 31.99 -22.39
C1 NAG X . 2.17 32.14 -22.45
C2 NAG X . 1.32 32.59 -23.65
C3 NAG X . 2.03 33.75 -24.36
C4 NAG X . 2.23 34.88 -23.34
C5 NAG X . 2.89 34.38 -22.05
C6 NAG X . 2.87 35.47 -20.97
C7 NAG X . 1.66 30.64 -25.27
C8 NAG X . 3.13 30.73 -25.34
N2 NAG X . 0.92 31.49 -24.53
O3 NAG X . 1.27 34.19 -25.48
O4 NAG X . 3.05 35.91 -23.92
O5 NAG X . 2.22 33.23 -21.53
O6 NAG X . 1.54 35.55 -20.44
O7 NAG X . 1.11 29.78 -25.94
C1 NAG Y . 3.95 28.57 3.02
C2 NAG Y . 3.72 30.00 2.53
C3 NAG Y . 4.67 30.96 3.22
C4 NAG Y . 4.59 30.82 4.72
C5 NAG Y . 4.86 29.34 5.08
C6 NAG Y . 4.85 29.09 6.58
C7 NAG Y . 2.96 29.98 0.22
C8 NAG Y . 3.37 30.03 -1.22
N2 NAG Y . 3.95 30.06 1.11
O3 NAG Y . 4.38 32.29 2.80
O4 NAG Y . 5.55 31.68 5.34
O5 NAG Y . 3.88 28.52 4.45
O6 NAG Y . 3.56 29.37 7.12
O7 NAG Y . 1.78 29.86 0.54
C1 NAG Z . -13.04 -36.22 25.76
C2 NAG Z . -14.27 -37.05 26.11
C3 NAG Z . -15.12 -36.34 27.16
C4 NAG Z . -14.29 -35.82 28.34
C5 NAG Z . -13.08 -35.04 27.83
C6 NAG Z . -12.14 -34.52 28.91
C7 NAG Z . -15.11 -38.43 24.22
C8 NAG Z . -16.05 -38.43 23.04
N2 NAG Z . -15.10 -37.29 24.93
O3 NAG Z . -16.13 -37.23 27.63
O4 NAG Z . -15.13 -34.98 29.15
O5 NAG Z . -12.33 -35.89 26.96
O6 NAG Z . -11.48 -33.35 28.41
O7 NAG Z . -14.44 -39.40 24.49
C1 NAG AA . 5.13 -4.38 20.39
C2 NAG AA . 5.71 -5.79 20.21
C3 NAG AA . 6.29 -6.37 21.52
C4 NAG AA . 7.07 -5.37 22.37
C5 NAG AA . 6.29 -4.05 22.48
C6 NAG AA . 7.06 -2.97 23.26
C7 NAG AA . 4.60 -7.22 18.50
C8 NAG AA . 3.47 -8.19 18.29
N2 NAG AA . 4.69 -6.73 19.75
O3 NAG AA . 7.13 -7.49 21.21
O4 NAG AA . 7.33 -5.94 23.65
O5 NAG AA . 6.03 -3.56 21.16
O6 NAG AA . 8.22 -2.57 22.53
O7 NAG AA . 5.35 -6.92 17.60
C1 NAG BA . -40.92 0.91 31.26
C2 NAG BA . -40.59 -0.18 32.30
C3 NAG BA . -40.65 0.29 33.75
C4 NAG BA . -40.10 1.71 33.95
C5 NAG BA . -40.67 2.67 32.91
C6 NAG BA . -40.09 4.08 33.08
C7 NAG BA . -41.22 -2.58 32.36
C8 NAG BA . -42.35 -3.55 32.11
N2 NAG BA . -41.53 -1.30 32.13
O3 NAG BA . -39.88 -0.60 34.57
O4 NAG BA . -40.41 2.18 35.27
O5 NAG BA . -40.37 2.18 31.62
O6 NAG BA . -40.42 4.88 31.94
O7 NAG BA . -40.13 -2.95 32.74
C1 NAG CA . -35.07 27.45 18.60
C2 NAG CA . -35.90 27.08 19.82
C3 NAG CA . -36.96 28.15 20.02
C4 NAG CA . -36.27 29.50 20.24
C5 NAG CA . -35.24 29.81 19.15
C6 NAG CA . -34.37 30.99 19.59
C7 NAG CA . -36.33 24.69 20.43
C8 NAG CA . -35.47 24.79 21.67
N2 NAG CA . -36.49 25.76 19.62
O3 NAG CA . -37.77 27.81 21.14
O4 NAG CA . -37.25 30.54 20.28
O5 NAG CA . -34.39 28.69 18.85
O6 NAG CA . -33.35 31.24 18.62
O7 NAG CA . -36.87 23.64 20.16
C1 NAG DA . -29.63 20.28 -5.30
C2 NAG DA . -29.64 21.80 -5.05
C3 NAG DA . -29.56 22.62 -6.34
C4 NAG DA . -28.48 22.07 -7.26
C5 NAG DA . -28.75 20.59 -7.52
C6 NAG DA . -27.79 19.95 -8.52
C7 NAG DA . -30.94 22.23 -2.97
C8 NAG DA . -32.27 22.59 -2.41
N2 NAG DA . -30.86 22.15 -4.32
O3 NAG DA . -29.29 23.98 -6.00
O4 NAG DA . -28.45 22.82 -8.49
O5 NAG DA . -28.64 19.91 -6.27
O6 NAG DA . -26.45 20.06 -8.04
O7 NAG DA . -29.98 22.03 -2.23
C1 NAG EA . -41.43 13.57 15.88
C2 NAG EA . -41.06 13.21 17.33
C3 NAG EA . -40.82 11.72 17.46
C4 NAG EA . -42.06 10.97 17.00
C5 NAG EA . -42.38 11.39 15.56
C6 NAG EA . -43.64 10.71 15.00
C7 NAG EA . -39.71 14.38 18.99
C8 NAG EA . -38.44 15.15 19.23
N2 NAG EA . -39.89 13.96 17.74
O3 NAG EA . -40.55 11.37 18.82
O4 NAG EA . -41.85 9.55 17.08
O5 NAG EA . -42.56 12.80 15.51
O6 NAG EA . -44.74 10.80 15.91
O7 NAG EA . -40.50 14.14 19.89
C1 NAG FA . -45.70 -4.73 -15.21
C2 NAG FA . -47.23 -4.62 -15.03
C3 NAG FA . -47.84 -5.87 -14.41
C4 NAG FA . -47.43 -7.10 -15.21
C5 NAG FA . -45.92 -7.15 -15.43
C6 NAG FA . -45.58 -8.22 -16.47
C7 NAG FA . -47.87 -2.30 -14.71
C8 NAG FA . -48.16 -1.18 -13.73
N2 NAG FA . -47.55 -3.48 -14.19
O3 NAG FA . -49.27 -5.76 -14.42
O4 NAG FA . -47.80 -8.29 -14.52
O5 NAG FA . -45.34 -5.92 -15.89
O6 NAG FA . -45.57 -7.63 -17.79
O7 NAG FA . -47.94 -2.11 -15.91
C1 NAG GA . 0.25 -9.45 -3.97
C2 NAG GA . 0.12 -8.50 -5.17
C3 NAG GA . 0.50 -7.06 -4.78
C4 NAG GA . -0.26 -6.63 -3.52
C5 NAG GA . 0.01 -7.64 -2.41
C6 NAG GA . -0.63 -7.31 -1.06
C7 NAG GA . 0.47 -9.06 -7.54
C8 NAG GA . 1.45 -9.58 -8.55
N2 NAG GA . 0.93 -8.98 -6.28
O3 NAG GA . 0.15 -6.21 -5.86
O4 NAG GA . 0.15 -5.31 -3.13
O5 NAG GA . -0.48 -8.91 -2.86
O6 NAG GA . -2.02 -7.03 -1.21
O7 NAG GA . -0.66 -8.72 -7.86
C1 NAG HA . -21.45 -34.18 -22.55
C2 NAG HA . -21.12 -33.74 -23.96
C3 NAG HA . -19.73 -34.20 -24.40
C4 NAG HA . -18.66 -34.02 -23.32
C5 NAG HA . -19.16 -34.37 -21.91
C6 NAG HA . -18.17 -33.95 -20.83
C7 NAG HA . -22.79 -33.62 -25.79
C8 NAG HA . -23.74 -34.44 -26.61
N2 NAG HA . -22.09 -34.30 -24.88
O3 NAG HA . -19.34 -33.48 -25.57
O4 NAG HA . -17.56 -34.88 -23.63
O5 NAG HA . -20.42 -33.74 -21.68
O6 NAG HA . -18.19 -32.52 -20.67
O7 NAG HA . -22.69 -32.41 -25.95
C1 NAG IA . -35.89 -23.61 -0.72
C2 NAG IA . -36.50 -24.96 -0.33
C3 NAG IA . -37.86 -24.77 0.32
C4 NAG IA . -37.76 -23.82 1.52
C5 NAG IA . -37.12 -22.49 1.09
C6 NAG IA . -36.82 -21.60 2.31
C7 NAG IA . -35.95 -26.96 -1.71
C8 NAG IA . -36.26 -27.72 -2.97
N2 NAG IA . -36.65 -25.83 -1.49
O3 NAG IA . -38.36 -26.05 0.74
O4 NAG IA . -39.08 -23.61 2.07
O5 NAG IA . -35.89 -22.68 0.38
O6 NAG IA . -36.87 -20.22 1.92
O7 NAG IA . -35.08 -27.38 -0.94
C1 NAG JA . -25.03 -33.11 12.56
C2 NAG JA . -25.13 -34.63 12.39
C3 NAG JA . -26.10 -35.25 13.39
C4 NAG JA . -25.83 -34.76 14.82
C5 NAG JA . -25.73 -33.24 14.86
C6 NAG JA . -25.37 -32.69 16.24
C7 NAG JA . -24.78 -35.58 10.14
C8 NAG JA . -25.45 -35.92 8.84
N2 NAG JA . -25.58 -35.02 11.06
O3 NAG JA . -25.98 -36.66 13.30
O4 NAG JA . -26.87 -35.22 15.69
O5 NAG JA . -24.74 -32.81 13.92
O6 NAG JA . -24.05 -33.16 16.61
O7 NAG JA . -23.60 -35.81 10.34
C1 NAG KA . 1.12 -21.08 19.90
C2 NAG KA . 1.32 -22.55 20.27
C3 NAG KA . 0.83 -22.84 21.69
C4 NAG KA . 1.48 -21.85 22.66
C5 NAG KA . 1.14 -20.43 22.20
C6 NAG KA . 1.66 -19.35 23.14
C7 NAG KA . 1.14 -23.88 18.22
C8 NAG KA . 0.25 -24.65 17.30
N2 NAG KA . 0.57 -23.35 19.30
O3 NAG KA . 1.16 -24.18 22.06
O4 NAG KA . 1.02 -22.11 23.98
O5 NAG KA . 1.69 -20.23 20.89
O6 NAG KA . 3.09 -19.42 23.19
O7 NAG KA . 2.33 -23.75 17.97
#